data_7VEG
# 
_entry.id   7VEG 
# 
_audit_conform.dict_name       mmcif_pdbx.dic 
_audit_conform.dict_version    5.397 
_audit_conform.dict_location   http://mmcif.pdb.org/dictionaries/ascii/mmcif_pdbx.dic 
# 
loop_
_database_2.database_id 
_database_2.database_code 
_database_2.pdbx_database_accession 
_database_2.pdbx_DOI 
PDB   7VEG         pdb_00007veg 10.2210/pdb7veg/pdb 
WWPDB D_1300024513 ?            ?                   
# 
loop_
_pdbx_audit_revision_history.ordinal 
_pdbx_audit_revision_history.data_content_type 
_pdbx_audit_revision_history.major_revision 
_pdbx_audit_revision_history.minor_revision 
_pdbx_audit_revision_history.revision_date 
1 'Structure model' 1 0 2022-10-19 
2 'Structure model' 1 1 2023-05-03 
3 'Structure model' 1 2 2023-11-29 
4 'Structure model' 2 0 2024-10-09 
# 
_pdbx_audit_revision_details.ordinal             1 
_pdbx_audit_revision_details.revision_ordinal    1 
_pdbx_audit_revision_details.data_content_type   'Structure model' 
_pdbx_audit_revision_details.provider            repository 
_pdbx_audit_revision_details.type                'Initial release' 
_pdbx_audit_revision_details.description         ? 
_pdbx_audit_revision_details.details             ? 
# 
loop_
_pdbx_audit_revision_group.ordinal 
_pdbx_audit_revision_group.revision_ordinal 
_pdbx_audit_revision_group.data_content_type 
_pdbx_audit_revision_group.group 
1  2 'Structure model' 'Database references'        
2  2 'Structure model' 'Refinement description'     
3  3 'Structure model' 'Data collection'            
4  3 'Structure model' 'Refinement description'     
5  4 'Structure model' 'Atomic model'               
6  4 'Structure model' 'Author supporting evidence' 
7  4 'Structure model' 'Data collection'            
8  4 'Structure model' 'Database references'        
9  4 'Structure model' 'Derived calculations'       
10 4 'Structure model' 'Experimental preparation'   
11 4 'Structure model' 'Non-polymer description'    
12 4 'Structure model' 'Polymer sequence'           
13 4 'Structure model' 'Refinement description'     
14 4 'Structure model' 'Source and taxonomy'        
15 4 'Structure model' 'Structure summary'          
# 
loop_
_pdbx_audit_revision_category.ordinal 
_pdbx_audit_revision_category.revision_ordinal 
_pdbx_audit_revision_category.data_content_type 
_pdbx_audit_revision_category.category 
1  2 'Structure model' citation                      
2  2 'Structure model' citation_author               
3  2 'Structure model' refine_ls_restr_ncs           
4  2 'Structure model' struct_ncs_dom                
5  2 'Structure model' struct_ncs_dom_lim            
6  3 'Structure model' chem_comp_atom                
7  3 'Structure model' chem_comp_bond                
8  3 'Structure model' pdbx_initial_refinement_model 
9  4 'Structure model' atom_site                     
10 4 'Structure model' atom_site_anisotrop           
11 4 'Structure model' chem_comp                     
12 4 'Structure model' chem_comp_atom                
13 4 'Structure model' chem_comp_bond                
14 4 'Structure model' entity                        
15 4 'Structure model' entity_poly                   
16 4 'Structure model' entity_poly_seq               
17 4 'Structure model' exptl_crystal                 
18 4 'Structure model' pdbx_entity_instance_feature  
19 4 'Structure model' pdbx_entity_nonpoly           
20 4 'Structure model' pdbx_entity_src_syn           
21 4 'Structure model' pdbx_entry_details            
22 4 'Structure model' pdbx_modification_feature     
23 4 'Structure model' pdbx_nonpoly_scheme           
24 4 'Structure model' pdbx_poly_seq_scheme          
25 4 'Structure model' pdbx_struct_assembly_gen      
26 4 'Structure model' refine                        
27 4 'Structure model' refine_hist                   
28 4 'Structure model' refine_ls_shell               
29 4 'Structure model' reflns                        
30 4 'Structure model' reflns_shell                  
31 4 'Structure model' software                      
32 4 'Structure model' struct_asym                   
33 4 'Structure model' struct_conn                   
34 4 'Structure model' struct_ref_seq                
# 
loop_
_pdbx_audit_revision_item.ordinal 
_pdbx_audit_revision_item.revision_ordinal 
_pdbx_audit_revision_item.data_content_type 
_pdbx_audit_revision_item.item 
1  2 'Structure model' '_citation.country'                            
2  2 'Structure model' '_citation.journal_abbrev'                     
3  2 'Structure model' '_citation.journal_id_CSD'                     
4  2 'Structure model' '_citation.journal_id_ISSN'                    
5  2 'Structure model' '_citation.journal_volume'                     
6  2 'Structure model' '_citation.pdbx_database_id_DOI'               
7  2 'Structure model' '_citation.pdbx_database_id_PubMed'            
8  2 'Structure model' '_citation.title'                              
9  2 'Structure model' '_citation.year'                               
10 2 'Structure model' '_citation_author.identifier_ORCID'            
11 2 'Structure model' '_citation_author.name'                        
12 4 'Structure model' '_atom_site.B_iso_or_equiv'                    
13 4 'Structure model' '_atom_site.Cartn_x'                           
14 4 'Structure model' '_atom_site.Cartn_y'                           
15 4 'Structure model' '_atom_site.Cartn_z'                           
16 4 'Structure model' '_atom_site.auth_asym_id'                      
17 4 'Structure model' '_atom_site.auth_atom_id'                      
18 4 'Structure model' '_atom_site.auth_comp_id'                      
19 4 'Structure model' '_atom_site.auth_seq_id'                       
20 4 'Structure model' '_atom_site.group_PDB'                         
21 4 'Structure model' '_atom_site.label_asym_id'                     
22 4 'Structure model' '_atom_site.label_atom_id'                     
23 4 'Structure model' '_atom_site.label_comp_id'                     
24 4 'Structure model' '_atom_site.label_entity_id'                   
25 4 'Structure model' '_atom_site.label_seq_id'                      
26 4 'Structure model' '_atom_site.type_symbol'                       
27 4 'Structure model' '_atom_site_anisotrop.U[1][1]'                 
28 4 'Structure model' '_atom_site_anisotrop.U[1][2]'                 
29 4 'Structure model' '_atom_site_anisotrop.U[1][3]'                 
30 4 'Structure model' '_atom_site_anisotrop.U[2][2]'                 
31 4 'Structure model' '_atom_site_anisotrop.U[2][3]'                 
32 4 'Structure model' '_atom_site_anisotrop.U[3][3]'                 
33 4 'Structure model' '_atom_site_anisotrop.pdbx_auth_asym_id'       
34 4 'Structure model' '_atom_site_anisotrop.pdbx_auth_atom_id'       
35 4 'Structure model' '_atom_site_anisotrop.pdbx_auth_comp_id'       
36 4 'Structure model' '_atom_site_anisotrop.pdbx_auth_seq_id'        
37 4 'Structure model' '_atom_site_anisotrop.pdbx_label_asym_id'      
38 4 'Structure model' '_atom_site_anisotrop.pdbx_label_atom_id'      
39 4 'Structure model' '_atom_site_anisotrop.pdbx_label_comp_id'      
40 4 'Structure model' '_atom_site_anisotrop.pdbx_label_seq_id'       
41 4 'Structure model' '_atom_site_anisotrop.type_symbol'             
42 4 'Structure model' '_chem_comp.formula'                           
43 4 'Structure model' '_chem_comp.formula_weight'                    
44 4 'Structure model' '_chem_comp.id'                                
45 4 'Structure model' '_chem_comp.name'                              
46 4 'Structure model' '_entity_poly.pdbx_seq_one_letter_code'        
47 4 'Structure model' '_entity_poly.pdbx_seq_one_letter_code_can'    
48 4 'Structure model' '_exptl_crystal.density_percent_sol'           
49 4 'Structure model' '_pdbx_entity_src_syn.pdbx_end_seq_num'        
50 4 'Structure model' '_pdbx_entry_details.has_protein_modification' 
51 4 'Structure model' '_pdbx_struct_assembly_gen.asym_id_list'       
52 4 'Structure model' '_refine.B_iso_max'                            
53 4 'Structure model' '_refine.B_iso_mean'                           
54 4 'Structure model' '_refine.B_iso_min'                            
55 4 'Structure model' '_refine.ls_R_factor_R_free'                   
56 4 'Structure model' '_refine.ls_R_factor_R_work'                   
57 4 'Structure model' '_refine.ls_R_factor_obs'                      
58 4 'Structure model' '_refine.ls_d_res_high'                        
59 4 'Structure model' '_refine.ls_number_reflns_R_work'              
60 4 'Structure model' '_refine.ls_percent_reflns_obs'                
61 4 'Structure model' '_refine_hist.cycle_id'                        
62 4 'Structure model' '_refine_hist.d_res_high'                      
63 4 'Structure model' '_refine_hist.pdbx_B_iso_mean_solvent'         
64 4 'Structure model' '_refine_hist.pdbx_number_residues_total'      
65 4 'Structure model' '_refine_ls_shell.R_factor_R_free_error'       
66 4 'Structure model' '_reflns.d_resolution_low'                     
67 4 'Structure model' '_reflns.pdbx_CC_half'                         
68 4 'Structure model' '_reflns.percent_possible_obs'                 
69 4 'Structure model' '_reflns_shell.number_unique_obs'              
70 4 'Structure model' '_reflns_shell.pdbx_CC_half'                   
71 4 'Structure model' '_software.classification'                     
72 4 'Structure model' '_software.contact_author'                     
73 4 'Structure model' '_software.contact_author_email'               
74 4 'Structure model' '_software.language'                           
75 4 'Structure model' '_software.location'                           
76 4 'Structure model' '_software.name'                               
77 4 'Structure model' '_software.type'                               
78 4 'Structure model' '_software.version'                            
79 4 'Structure model' '_struct_ref_seq.db_align_beg'                 
80 4 'Structure model' '_struct_ref_seq.db_align_end'                 
81 4 'Structure model' '_struct_ref_seq.pdbx_auth_seq_align_beg'      
82 4 'Structure model' '_struct_ref_seq.pdbx_auth_seq_align_end'      
83 4 'Structure model' '_struct_ref_seq.seq_align_end'                
# 
_pdbx_database_status.status_code                     REL 
_pdbx_database_status.status_code_sf                  REL 
_pdbx_database_status.status_code_mr                  ? 
_pdbx_database_status.entry_id                        7VEG 
_pdbx_database_status.recvd_initial_deposition_date   2021-09-08 
_pdbx_database_status.SG_entry                        N 
_pdbx_database_status.deposit_site                    PDBJ 
_pdbx_database_status.process_site                    PDBJ 
_pdbx_database_status.status_code_cs                  ? 
_pdbx_database_status.status_code_nmr_data            ? 
_pdbx_database_status.methods_development_category    ? 
_pdbx_database_status.pdb_format_compatible           Y 
# 
_pdbx_contact_author.id                 2 
_pdbx_contact_author.email              feixu@jiangnan.edu.cn 
_pdbx_contact_author.name_first         Fei 
_pdbx_contact_author.name_last          Xu 
_pdbx_contact_author.name_mi            ? 
_pdbx_contact_author.role               'principal investigator/group leader' 
_pdbx_contact_author.identifier_ORCID   0000-0003-1077-0431 
# 
loop_
_audit_author.name 
_audit_author.pdbx_ordinal 
_audit_author.identifier_ORCID 
'Fan, S.' 1 ? 
'Xu, F.'  2 ? 
# 
_citation.abstract                  ? 
_citation.abstract_id_CAS           ? 
_citation.book_id_ISBN              ? 
_citation.book_publisher            ? 
_citation.book_publisher_city       ? 
_citation.book_title                ? 
_citation.coordinate_linkage        ? 
_citation.country                   CH 
_citation.database_id_Medline       ? 
_citation.details                   ? 
_citation.id                        primary 
_citation.journal_abbrev            Biomolecules 
_citation.journal_id_ASTM           ? 
_citation.journal_id_CSD            ? 
_citation.journal_id_ISSN           2218-273X 
_citation.journal_full              ? 
_citation.journal_issue             ? 
_citation.journal_volume            12 
_citation.language                  ? 
_citation.page_first                ? 
_citation.page_last                 ? 
_citation.title                     
'Structural Achievability of an NH-pi Interaction between Gln and Phe in a Crystal Structure of a Collagen-like Peptide.' 
_citation.year                      2022 
_citation.database_id_CSD           ? 
_citation.pdbx_database_id_DOI      10.3390/biom12101433 
_citation.pdbx_database_id_PubMed   36291642 
_citation.pdbx_database_id_patent   ? 
_citation.unpublished_flag          ? 
# 
loop_
_citation_author.citation_id 
_citation_author.name 
_citation_author.ordinal 
_citation_author.identifier_ORCID 
primary 'Zhang, R.' 1 0000-0003-3654-3536 
primary 'Xu, Y.'    2 0000-0002-6129-1492 
primary 'Lan, J.'   3 ?                   
primary 'Fan, S.'   4 ?                   
primary 'Huang, J.' 5 0000-0001-9639-2907 
primary 'Xu, F.'    6 0000-0003-1077-0431 
# 
loop_
_entity.id 
_entity.type 
_entity.src_method 
_entity.pdbx_description 
_entity.formula_weight 
_entity.pdbx_number_of_molecules 
_entity.pdbx_ec 
_entity.pdbx_mutation 
_entity.pdbx_fragment 
_entity.details 
1 polymer syn 'peptide, ACETYLAMINO-ACETIC ACID' 2245.385 3   ? ? ? ? 
2 water   nat water                              18.015   115 ? ? ? ? 
# 
_entity_poly.entity_id                      1 
_entity_poly.type                           'polypeptide(L)' 
_entity_poly.nstd_linkage                   no 
_entity_poly.nstd_monomer                   yes 
_entity_poly.pdbx_seq_one_letter_code       '(ACE)GP(HYP)GP(HYP)GP(HYP)GPQGF(HYP)GP(HYP)GP(HYP)GP(HYP)(NH2)' 
_entity_poly.pdbx_seq_one_letter_code_can   XGPPGPPGPPGPQGFPGPPGPPGPPX 
_entity_poly.pdbx_strand_id                 A,B,C 
_entity_poly.pdbx_target_identifier         ? 
# 
_pdbx_entity_nonpoly.entity_id   2 
_pdbx_entity_nonpoly.name        water 
_pdbx_entity_nonpoly.comp_id     HOH 
# 
loop_
_entity_poly_seq.entity_id 
_entity_poly_seq.num 
_entity_poly_seq.mon_id 
_entity_poly_seq.hetero 
1 1  ACE n 
1 2  GLY n 
1 3  PRO n 
1 4  HYP n 
1 5  GLY n 
1 6  PRO n 
1 7  HYP n 
1 8  GLY n 
1 9  PRO n 
1 10 HYP n 
1 11 GLY n 
1 12 PRO n 
1 13 GLN n 
1 14 GLY n 
1 15 PHE n 
1 16 HYP n 
1 17 GLY n 
1 18 PRO n 
1 19 HYP n 
1 20 GLY n 
1 21 PRO n 
1 22 HYP n 
1 23 GLY n 
1 24 PRO n 
1 25 HYP n 
1 26 NH2 n 
# 
_pdbx_entity_src_syn.entity_id              1 
_pdbx_entity_src_syn.pdbx_src_id            1 
_pdbx_entity_src_syn.pdbx_alt_source_flag   sample 
_pdbx_entity_src_syn.pdbx_beg_seq_num       1 
_pdbx_entity_src_syn.pdbx_end_seq_num       26 
_pdbx_entity_src_syn.organism_scientific    'Homo sapiens' 
_pdbx_entity_src_syn.organism_common_name   ? 
_pdbx_entity_src_syn.ncbi_taxonomy_id       9606 
_pdbx_entity_src_syn.details                ? 
# 
loop_
_chem_comp.id 
_chem_comp.type 
_chem_comp.mon_nstd_flag 
_chem_comp.name 
_chem_comp.pdbx_synonyms 
_chem_comp.formula 
_chem_comp.formula_weight 
ACE non-polymer         . 'ACETYL GROUP'   ?              'C2 H4 O'      44.053  
GLN 'L-peptide linking' y GLUTAMINE        ?              'C5 H10 N2 O3' 146.144 
GLY 'peptide linking'   y GLYCINE          ?              'C2 H5 N O2'   75.067  
HOH non-polymer         . WATER            ?              'H2 O'         18.015  
HYP 'L-peptide linking' n 4-HYDROXYPROLINE HYDROXYPROLINE 'C5 H9 N O3'   131.130 
NH2 non-polymer         . 'AMINO GROUP'    ?              'H2 N'         16.023  
PHE 'L-peptide linking' y PHENYLALANINE    ?              'C9 H11 N O2'  165.189 
PRO 'L-peptide linking' y PROLINE          ?              'C5 H9 N O2'   115.130 
# 
loop_
_pdbx_poly_seq_scheme.asym_id 
_pdbx_poly_seq_scheme.entity_id 
_pdbx_poly_seq_scheme.seq_id 
_pdbx_poly_seq_scheme.mon_id 
_pdbx_poly_seq_scheme.ndb_seq_num 
_pdbx_poly_seq_scheme.pdb_seq_num 
_pdbx_poly_seq_scheme.auth_seq_num 
_pdbx_poly_seq_scheme.pdb_mon_id 
_pdbx_poly_seq_scheme.auth_mon_id 
_pdbx_poly_seq_scheme.pdb_strand_id 
_pdbx_poly_seq_scheme.pdb_ins_code 
_pdbx_poly_seq_scheme.hetero 
A 1 1  ACE 1  24 24 ACE ACE A . n 
A 1 2  GLY 2  25 25 GLY GLY A . n 
A 1 3  PRO 3  26 26 PRO PRO A . n 
A 1 4  HYP 4  27 27 HYP HYP A . n 
A 1 5  GLY 5  28 28 GLY GLY A . n 
A 1 6  PRO 6  29 29 PRO PRO A . n 
A 1 7  HYP 7  30 30 HYP HYP A . n 
A 1 8  GLY 8  31 31 GLY GLY A . n 
A 1 9  PRO 9  32 32 PRO PRO A . n 
A 1 10 HYP 10 33 33 HYP HYP A . n 
A 1 11 GLY 11 34 34 GLY GLY A . n 
A 1 12 PRO 12 35 35 PRO PRO A . n 
A 1 13 GLN 13 36 36 GLN GLN A . n 
A 1 14 GLY 14 37 37 GLY GLY A . n 
A 1 15 PHE 15 38 38 PHE PHE A . n 
A 1 16 HYP 16 39 39 HYP HYP A . n 
A 1 17 GLY 17 40 40 GLY GLY A . n 
A 1 18 PRO 18 41 41 PRO PRO A . n 
A 1 19 HYP 19 42 42 HYP HYP A . n 
A 1 20 GLY 20 43 43 GLY GLY A . n 
A 1 21 PRO 21 44 44 PRO PRO A . n 
A 1 22 HYP 22 45 45 HYP HYP A . n 
A 1 23 GLY 23 46 46 GLY GLY A . n 
A 1 24 PRO 24 47 47 PRO PRO A . n 
A 1 25 HYP 25 50 50 HYP HYP A . n 
A 1 26 NH2 26 51 51 NH2 NH2 A . n 
B 1 1  ACE 1  24 24 ACE ACE B . n 
B 1 2  GLY 2  25 25 GLY GLY B . n 
B 1 3  PRO 3  26 26 PRO PRO B . n 
B 1 4  HYP 4  27 27 HYP HYP B . n 
B 1 5  GLY 5  28 28 GLY GLY B . n 
B 1 6  PRO 6  29 29 PRO PRO B . n 
B 1 7  HYP 7  30 30 HYP HYP B . n 
B 1 8  GLY 8  31 31 GLY GLY B . n 
B 1 9  PRO 9  32 32 PRO PRO B . n 
B 1 10 HYP 10 33 33 HYP HYP B . n 
B 1 11 GLY 11 34 34 GLY GLY B . n 
B 1 12 PRO 12 35 35 PRO PRO B . n 
B 1 13 GLN 13 36 36 GLN GLN B . n 
B 1 14 GLY 14 37 37 GLY GLY B . n 
B 1 15 PHE 15 38 38 PHE PHE B . n 
B 1 16 HYP 16 39 39 HYP HYP B . n 
B 1 17 GLY 17 40 40 GLY GLY B . n 
B 1 18 PRO 18 41 41 PRO PRO B . n 
B 1 19 HYP 19 42 42 HYP HYP B . n 
B 1 20 GLY 20 43 43 GLY GLY B . n 
B 1 21 PRO 21 44 44 PRO PRO B . n 
B 1 22 HYP 22 45 45 HYP HYP B . n 
B 1 23 GLY 23 46 46 GLY GLY B . n 
B 1 24 PRO 24 47 47 PRO PRO B . n 
B 1 25 HYP 25 50 50 HYP HYP B . n 
B 1 26 NH2 26 51 51 NH2 NH2 B . n 
C 1 1  ACE 1  24 24 ACE ACE C . n 
C 1 2  GLY 2  25 25 GLY GLY C . n 
C 1 3  PRO 3  26 26 PRO PRO C . n 
C 1 4  HYP 4  27 27 HYP HYP C . n 
C 1 5  GLY 5  28 28 GLY GLY C . n 
C 1 6  PRO 6  29 29 PRO PRO C . n 
C 1 7  HYP 7  30 30 HYP HYP C . n 
C 1 8  GLY 8  31 31 GLY GLY C . n 
C 1 9  PRO 9  32 32 PRO PRO C . n 
C 1 10 HYP 10 33 33 HYP HYP C . n 
C 1 11 GLY 11 34 34 GLY GLY C . n 
C 1 12 PRO 12 35 35 PRO PRO C . n 
C 1 13 GLN 13 36 36 GLN GLN C . n 
C 1 14 GLY 14 37 37 GLY GLY C . n 
C 1 15 PHE 15 38 38 PHE PHE C . n 
C 1 16 HYP 16 39 39 HYP HYP C . n 
C 1 17 GLY 17 40 40 GLY GLY C . n 
C 1 18 PRO 18 41 41 PRO PRO C . n 
C 1 19 HYP 19 42 42 HYP HYP C . n 
C 1 20 GLY 20 43 43 GLY GLY C . n 
C 1 21 PRO 21 44 44 PRO PRO C . n 
C 1 22 HYP 22 45 45 HYP HYP C . n 
C 1 23 GLY 23 46 46 GLY GLY C . n 
C 1 24 PRO 24 47 47 PRO PRO C . n 
C 1 25 HYP 25 50 50 HYP HYP C . n 
C 1 26 NH2 26 51 51 NH2 NH2 C . n 
# 
loop_
_pdbx_nonpoly_scheme.asym_id 
_pdbx_nonpoly_scheme.entity_id 
_pdbx_nonpoly_scheme.mon_id 
_pdbx_nonpoly_scheme.ndb_seq_num 
_pdbx_nonpoly_scheme.pdb_seq_num 
_pdbx_nonpoly_scheme.auth_seq_num 
_pdbx_nonpoly_scheme.pdb_mon_id 
_pdbx_nonpoly_scheme.auth_mon_id 
_pdbx_nonpoly_scheme.pdb_strand_id 
_pdbx_nonpoly_scheme.pdb_ins_code 
D 2 HOH 1  201 201 HOH HOH A . 
D 2 HOH 2  202 202 HOH HOH A . 
D 2 HOH 3  203 203 HOH HOH A . 
D 2 HOH 4  204 204 HOH HOH A . 
D 2 HOH 5  205 205 HOH HOH A . 
D 2 HOH 6  206 206 HOH HOH A . 
D 2 HOH 7  207 207 HOH HOH A . 
D 2 HOH 8  208 208 HOH HOH A . 
D 2 HOH 9  209 209 HOH HOH A . 
D 2 HOH 10 210 210 HOH HOH A . 
D 2 HOH 11 211 211 HOH HOH A . 
D 2 HOH 12 212 212 HOH HOH A . 
D 2 HOH 13 213 213 HOH HOH A . 
D 2 HOH 14 214 214 HOH HOH A . 
D 2 HOH 15 215 215 HOH HOH A . 
D 2 HOH 16 216 216 HOH HOH A . 
D 2 HOH 17 217 217 HOH HOH A . 
D 2 HOH 18 218 218 HOH HOH A . 
D 2 HOH 19 219 219 HOH HOH A . 
D 2 HOH 20 220 220 HOH HOH A . 
D 2 HOH 21 221 221 HOH HOH A . 
D 2 HOH 22 222 222 HOH HOH A . 
D 2 HOH 23 223 223 HOH HOH A . 
D 2 HOH 24 224 224 HOH HOH A . 
D 2 HOH 25 225 225 HOH HOH A . 
D 2 HOH 26 226 226 HOH HOH A . 
D 2 HOH 27 227 227 HOH HOH A . 
D 2 HOH 28 228 228 HOH HOH A . 
D 2 HOH 29 229 229 HOH HOH A . 
D 2 HOH 30 230 230 HOH HOH A . 
D 2 HOH 31 231 231 HOH HOH A . 
D 2 HOH 32 232 232 HOH HOH A . 
D 2 HOH 33 233 233 HOH HOH A . 
D 2 HOH 34 234 234 HOH HOH A . 
D 2 HOH 35 235 235 HOH HOH A . 
D 2 HOH 36 236 236 HOH HOH A . 
D 2 HOH 37 237 237 HOH HOH A . 
E 2 HOH 1  201 201 HOH HOH B . 
E 2 HOH 2  202 202 HOH HOH B . 
E 2 HOH 3  203 203 HOH HOH B . 
E 2 HOH 4  204 204 HOH HOH B . 
E 2 HOH 5  205 205 HOH HOH B . 
E 2 HOH 6  206 206 HOH HOH B . 
E 2 HOH 7  207 207 HOH HOH B . 
E 2 HOH 8  208 208 HOH HOH B . 
E 2 HOH 9  209 209 HOH HOH B . 
E 2 HOH 10 210 210 HOH HOH B . 
E 2 HOH 11 211 211 HOH HOH B . 
E 2 HOH 12 212 212 HOH HOH B . 
E 2 HOH 13 213 213 HOH HOH B . 
E 2 HOH 14 214 214 HOH HOH B . 
E 2 HOH 15 215 215 HOH HOH B . 
E 2 HOH 16 216 216 HOH HOH B . 
E 2 HOH 17 217 217 HOH HOH B . 
E 2 HOH 18 218 218 HOH HOH B . 
E 2 HOH 19 219 219 HOH HOH B . 
E 2 HOH 20 220 220 HOH HOH B . 
E 2 HOH 21 221 221 HOH HOH B . 
E 2 HOH 22 222 222 HOH HOH B . 
E 2 HOH 23 223 223 HOH HOH B . 
E 2 HOH 24 224 224 HOH HOH B . 
E 2 HOH 25 225 225 HOH HOH B . 
E 2 HOH 26 226 226 HOH HOH B . 
E 2 HOH 27 227 227 HOH HOH B . 
E 2 HOH 28 228 228 HOH HOH B . 
E 2 HOH 29 229 229 HOH HOH B . 
E 2 HOH 30 230 230 HOH HOH B . 
E 2 HOH 31 231 231 HOH HOH B . 
E 2 HOH 32 232 232 HOH HOH B . 
E 2 HOH 33 233 233 HOH HOH B . 
E 2 HOH 34 234 234 HOH HOH B . 
E 2 HOH 35 235 235 HOH HOH B . 
E 2 HOH 36 236 236 HOH HOH B . 
E 2 HOH 37 237 237 HOH HOH B . 
E 2 HOH 38 238 238 HOH HOH B . 
F 2 HOH 1  201 201 HOH HOH C . 
F 2 HOH 2  202 202 HOH HOH C . 
F 2 HOH 3  203 203 HOH HOH C . 
F 2 HOH 4  204 204 HOH HOH C . 
F 2 HOH 5  205 205 HOH HOH C . 
F 2 HOH 6  206 206 HOH HOH C . 
F 2 HOH 7  207 207 HOH HOH C . 
F 2 HOH 8  208 208 HOH HOH C . 
F 2 HOH 9  209 209 HOH HOH C . 
F 2 HOH 10 210 210 HOH HOH C . 
F 2 HOH 11 211 211 HOH HOH C . 
F 2 HOH 12 212 212 HOH HOH C . 
F 2 HOH 13 213 213 HOH HOH C . 
F 2 HOH 14 214 214 HOH HOH C . 
F 2 HOH 15 215 215 HOH HOH C . 
F 2 HOH 16 216 216 HOH HOH C . 
F 2 HOH 17 217 217 HOH HOH C . 
F 2 HOH 18 218 218 HOH HOH C . 
F 2 HOH 19 219 219 HOH HOH C . 
F 2 HOH 20 220 220 HOH HOH C . 
F 2 HOH 21 221 221 HOH HOH C . 
F 2 HOH 22 222 222 HOH HOH C . 
F 2 HOH 23 223 223 HOH HOH C . 
F 2 HOH 24 224 224 HOH HOH C . 
F 2 HOH 25 225 225 HOH HOH C . 
F 2 HOH 26 226 226 HOH HOH C . 
F 2 HOH 27 227 227 HOH HOH C . 
F 2 HOH 28 228 228 HOH HOH C . 
F 2 HOH 29 229 229 HOH HOH C . 
F 2 HOH 30 230 230 HOH HOH C . 
F 2 HOH 31 231 231 HOH HOH C . 
F 2 HOH 32 232 232 HOH HOH C . 
F 2 HOH 33 233 233 HOH HOH C . 
F 2 HOH 34 234 234 HOH HOH C . 
F 2 HOH 35 235 235 HOH HOH C . 
F 2 HOH 36 236 236 HOH HOH C . 
F 2 HOH 37 237 237 HOH HOH C . 
F 2 HOH 38 238 238 HOH HOH C . 
F 2 HOH 39 239 239 HOH HOH C . 
F 2 HOH 40 240 240 HOH HOH C . 
# 
loop_
_software.citation_id 
_software.classification 
_software.compiler_name 
_software.compiler_version 
_software.contact_author 
_software.contact_author_email 
_software.date 
_software.description 
_software.dependencies 
_software.hardware 
_software.language 
_software.location 
_software.mods 
_software.name 
_software.os 
_software.os_version 
_software.type 
_software.version 
_software.pdbx_ordinal 
? refinement        ? ? ?                    ?                           ?               ? ? ? ?   ? ? PHENIX      ? ? ?       
1.15.2_3472 1 
? 'data reduction'  ? ? 'Zbyszek Otwinowski' hkl@hkl-xray.com            ?               ? ? ? ?   http://www.hkl-xray.com/ ? 
HKL-2000    ? ? package .           2 
? 'data scaling'    ? ? 'Zbyszek Otwinowski' hkl@hkl-xray.com            ?               ? ? ? ?   http://www.hkl-xray.com/ ? 
SCALEPACK   ? ? program .           3 
? phasing           ? ? 'Randy J. Read'      cimr-phaser@lists.cam.ac.uk ?               ? ? ? ?   
http://www-structmed.cimr.cam.ac.uk/phaser/ ? PHASER      ? ? program .           4 
? 'data extraction' ? ? PDB                  deposit@deposit.rcsb.org    'Oct. 31, 2020' ? ? ? C++ 
http://sw-tools.pdb.org/apps/PDB_EXTRACT/   ? PDB_EXTRACT ? ? package 3.27        5 
# 
_cell.entry_id           7VEG 
_cell.length_a           24.093 
_cell.length_b           28.016 
_cell.length_c           73.372 
_cell.angle_alpha        90.00 
_cell.angle_beta         90.00 
_cell.angle_gamma        90.00 
_cell.Z_PDB              12 
_cell.pdbx_unique_axis   ? 
# 
_symmetry.entry_id                         7VEG 
_symmetry.space_group_name_H-M             'P 21 2 21' 
_symmetry.pdbx_full_space_group_name_H-M   ? 
_symmetry.cell_setting                     ? 
_symmetry.Int_Tables_number                18 
# 
_exptl.absorpt_coefficient_mu     ? 
_exptl.absorpt_correction_T_max   ? 
_exptl.absorpt_correction_T_min   ? 
_exptl.absorpt_correction_type    ? 
_exptl.absorpt_process_details    ? 
_exptl.entry_id                   7VEG 
_exptl.crystals_number            1 
_exptl.details                    ? 
_exptl.method                     'X-RAY DIFFRACTION' 
_exptl.method_details             ? 
# 
_exptl_crystal.colour                       ? 
_exptl_crystal.density_diffrn               ? 
_exptl_crystal.density_Matthews             2.01 
_exptl_crystal.density_method               ? 
_exptl_crystal.density_percent_sol          33.08 
_exptl_crystal.description                  ? 
_exptl_crystal.F_000                        ? 
_exptl_crystal.id                           1 
_exptl_crystal.preparation                  ? 
_exptl_crystal.size_max                     ? 
_exptl_crystal.size_mid                     ? 
_exptl_crystal.size_min                     ? 
_exptl_crystal.size_rad                     ? 
_exptl_crystal.colour_lustre                ? 
_exptl_crystal.colour_modifier              ? 
_exptl_crystal.colour_primary               ? 
_exptl_crystal.density_meas                 ? 
_exptl_crystal.density_meas_esd             ? 
_exptl_crystal.density_meas_gt              ? 
_exptl_crystal.density_meas_lt              ? 
_exptl_crystal.density_meas_temp            ? 
_exptl_crystal.density_meas_temp_esd        ? 
_exptl_crystal.density_meas_temp_gt         ? 
_exptl_crystal.density_meas_temp_lt         ? 
_exptl_crystal.pdbx_crystal_image_url       ? 
_exptl_crystal.pdbx_crystal_image_format    ? 
_exptl_crystal.pdbx_mosaicity               ? 
_exptl_crystal.pdbx_mosaicity_esd           ? 
_exptl_crystal.pdbx_mosaic_method           ? 
_exptl_crystal.pdbx_mosaic_block_size       ? 
_exptl_crystal.pdbx_mosaic_block_size_esd   ? 
# 
_exptl_crystal_grow.apparatus       ? 
_exptl_crystal_grow.atmosphere      ? 
_exptl_crystal_grow.crystal_id      1 
_exptl_crystal_grow.details         ? 
_exptl_crystal_grow.method          'VAPOR DIFFUSION, SITTING DROP' 
_exptl_crystal_grow.method_ref      ? 
_exptl_crystal_grow.pH              ? 
_exptl_crystal_grow.pressure        ? 
_exptl_crystal_grow.pressure_esd    ? 
_exptl_crystal_grow.seeding         ? 
_exptl_crystal_grow.seeding_ref     ? 
_exptl_crystal_grow.temp            274 
_exptl_crystal_grow.temp_details    ? 
_exptl_crystal_grow.temp_esd        ? 
_exptl_crystal_grow.time            ? 
_exptl_crystal_grow.pdbx_details    'PEG 3350, potassium nitrate' 
_exptl_crystal_grow.pdbx_pH_range   ? 
# 
_diffrn.ambient_environment              ? 
_diffrn.ambient_temp                     100 
_diffrn.ambient_temp_details             ? 
_diffrn.ambient_temp_esd                 ? 
_diffrn.crystal_id                       1 
_diffrn.crystal_support                  ? 
_diffrn.crystal_treatment                ? 
_diffrn.details                          ? 
_diffrn.id                               1 
_diffrn.ambient_pressure                 ? 
_diffrn.ambient_pressure_esd             ? 
_diffrn.ambient_pressure_gt              ? 
_diffrn.ambient_pressure_lt              ? 
_diffrn.ambient_temp_gt                  ? 
_diffrn.ambient_temp_lt                  ? 
_diffrn.pdbx_serial_crystal_experiment   N 
# 
_diffrn_detector.details                      ? 
_diffrn_detector.detector                     PIXEL 
_diffrn_detector.diffrn_id                    1 
_diffrn_detector.type                         'DECTRIS PILATUS 6M' 
_diffrn_detector.area_resol_mean              ? 
_diffrn_detector.dtime                        ? 
_diffrn_detector.pdbx_frames_total            ? 
_diffrn_detector.pdbx_collection_time_total   ? 
_diffrn_detector.pdbx_collection_date         2019-10-16 
_diffrn_detector.pdbx_frequency               ? 
# 
_diffrn_radiation.collimation                      ? 
_diffrn_radiation.diffrn_id                        1 
_diffrn_radiation.filter_edge                      ? 
_diffrn_radiation.inhomogeneity                    ? 
_diffrn_radiation.monochromator                    ? 
_diffrn_radiation.polarisn_norm                    ? 
_diffrn_radiation.polarisn_ratio                   ? 
_diffrn_radiation.probe                            ? 
_diffrn_radiation.type                             ? 
_diffrn_radiation.xray_symbol                      ? 
_diffrn_radiation.wavelength_id                    1 
_diffrn_radiation.pdbx_monochromatic_or_laue_m_l   M 
_diffrn_radiation.pdbx_wavelength_list             ? 
_diffrn_radiation.pdbx_wavelength                  ? 
_diffrn_radiation.pdbx_diffrn_protocol             'SINGLE WAVELENGTH' 
_diffrn_radiation.pdbx_analyzer                    ? 
_diffrn_radiation.pdbx_scattering_type             x-ray 
# 
_diffrn_radiation_wavelength.id           1 
_diffrn_radiation_wavelength.wavelength   0.9798 
_diffrn_radiation_wavelength.wt           1.0 
# 
_diffrn_source.current                     ? 
_diffrn_source.details                     ? 
_diffrn_source.diffrn_id                   1 
_diffrn_source.power                       ? 
_diffrn_source.size                        ? 
_diffrn_source.source                      SYNCHROTRON 
_diffrn_source.target                      ? 
_diffrn_source.type                        'SSRF BEAMLINE BL17U' 
_diffrn_source.voltage                     ? 
_diffrn_source.take-off_angle              ? 
_diffrn_source.pdbx_wavelength_list        0.9798 
_diffrn_source.pdbx_wavelength             ? 
_diffrn_source.pdbx_synchrotron_beamline   BL17U 
_diffrn_source.pdbx_synchrotron_site       SSRF 
# 
_reflns.pdbx_diffrn_id               1 
_reflns.pdbx_ordinal                 1 
_reflns.entry_id                     7VEG 
_reflns.observed_criterion_sigma_I   ? 
_reflns.observed_criterion_sigma_F   ? 
_reflns.d_resolution_low             50.000 
_reflns.d_resolution_high            1.380 
_reflns.number_obs                   9680 
_reflns.number_all                   ? 
_reflns.percent_possible_obs         98.2 
_reflns.pdbx_Rmerge_I_obs            ? 
_reflns.pdbx_Rsym_value              ? 
_reflns.pdbx_netI_over_sigmaI        46.3000 
_reflns.B_iso_Wilson_estimate        ? 
_reflns.pdbx_redundancy              12.70 
# 
_reflns_shell.pdbx_diffrn_id         1 
_reflns_shell.pdbx_ordinal           1 
_reflns_shell.d_res_high             1.38 
_reflns_shell.d_res_low              1.42 
_reflns_shell.percent_possible_all   ? 
_reflns_shell.Rmerge_I_obs           ? 
_reflns_shell.pdbx_Rsym_value        ? 
_reflns_shell.meanI_over_sigI_obs    ? 
_reflns_shell.pdbx_redundancy        ? 
# 
_refine.pdbx_refine_id                           'X-RAY DIFFRACTION' 
_refine.entry_id                                 7VEG 
_refine.pdbx_diffrn_id                           1 
_refine.pdbx_TLS_residual_ADP_flag               ? 
_refine.ls_number_reflns_obs                     9680 
_refine.ls_number_reflns_all                     ? 
_refine.pdbx_ls_sigma_I                          ? 
_refine.pdbx_ls_sigma_F                          1.380 
_refine.pdbx_data_cutoff_high_absF               ? 
_refine.pdbx_data_cutoff_low_absF                ? 
_refine.pdbx_data_cutoff_high_rms_absF           ? 
_refine.ls_d_res_low                             22.89 
_refine.ls_d_res_high                            1.39 
_refine.ls_percent_reflns_obs                    90.7 
_refine.ls_R_factor_obs                          0.169 
_refine.ls_R_factor_all                          ? 
_refine.ls_R_factor_R_work                       0.165 
_refine.ls_R_factor_R_free                       0.205 
_refine.ls_R_factor_R_free_error                 ? 
_refine.ls_R_factor_R_free_error_details         ? 
_refine.ls_percent_reflns_R_free                 10.000 
_refine.ls_number_reflns_R_free                  968 
_refine.ls_number_parameters                     ? 
_refine.ls_number_restraints                     ? 
_refine.occupancy_min                            ? 
_refine.occupancy_max                            ? 
_refine.correlation_coeff_Fo_to_Fc               ? 
_refine.correlation_coeff_Fo_to_Fc_free          ? 
_refine.B_iso_mean                               18.40 
_refine.aniso_B[1][1]                            ? 
_refine.aniso_B[2][2]                            ? 
_refine.aniso_B[3][3]                            ? 
_refine.aniso_B[1][2]                            ? 
_refine.aniso_B[1][3]                            ? 
_refine.aniso_B[2][3]                            ? 
_refine.solvent_model_details                    'FLAT BULK SOLVENT MODEL' 
_refine.solvent_model_param_ksol                 ? 
_refine.solvent_model_param_bsol                 ? 
_refine.pdbx_solvent_vdw_probe_radii             1.11 
_refine.pdbx_solvent_ion_probe_radii             ? 
_refine.pdbx_solvent_shrinkage_radii             0.90 
_refine.pdbx_ls_cross_valid_method               THROUGHOUT 
_refine.details                                  ? 
_refine.pdbx_starting_model                      5YAN 
_refine.pdbx_method_to_determine_struct          'MOLECULAR REPLACEMENT' 
_refine.pdbx_isotropic_thermal_model             ? 
_refine.pdbx_stereochemistry_target_values       ML 
_refine.pdbx_stereochem_target_val_spec_case     ? 
_refine.pdbx_R_Free_selection_details            ? 
_refine.pdbx_overall_ESU_R                       ? 
_refine.pdbx_overall_ESU_R_Free                  ? 
_refine.overall_SU_ML                            0.140 
_refine.pdbx_overall_phase_error                 21.860 
_refine.overall_SU_B                             ? 
_refine.overall_SU_R_Cruickshank_DPI             ? 
_refine.pdbx_overall_SU_R_free_Cruickshank_DPI   ? 
_refine.pdbx_overall_SU_R_Blow_DPI               ? 
_refine.pdbx_overall_SU_R_free_Blow_DPI          ? 
# 
_refine_hist.pdbx_refine_id                   'X-RAY DIFFRACTION' 
_refine_hist.cycle_id                         LAST 
_refine_hist.pdbx_number_atoms_protein        483 
_refine_hist.pdbx_number_atoms_nucleic_acid   0 
_refine_hist.pdbx_number_atoms_ligand         0 
_refine_hist.number_atoms_solvent             115 
_refine_hist.number_atoms_total               598 
_refine_hist.d_res_high                       1.39 
_refine_hist.d_res_low                        22.89 
# 
loop_
_refine_ls_shell.pdbx_refine_id 
_refine_ls_shell.pdbx_total_number_of_bins_used 
_refine_ls_shell.d_res_high 
_refine_ls_shell.d_res_low 
_refine_ls_shell.number_reflns_R_work 
_refine_ls_shell.R_factor_R_work 
_refine_ls_shell.percent_reflns_obs 
_refine_ls_shell.R_factor_R_free 
_refine_ls_shell.R_factor_R_free_error 
_refine_ls_shell.percent_reflns_R_free 
_refine_ls_shell.number_reflns_R_free 
_refine_ls_shell.number_reflns_all 
_refine_ls_shell.R_factor_all 
'X-RAY DIFFRACTION' . 1.3850 1.4577  535  0.1727 40.00  0.2225 . . 59  . . 
'X-RAY DIFFRACTION' . 1.4577 1.5490  1292 0.2045 95.00  0.2700 . . 144 . . 
'X-RAY DIFFRACTION' . 1.5490 1.6686  1331 0.1754 99.00  0.2592 . . 148 . . 
'X-RAY DIFFRACTION' . 1.6686 1.8365  1355 0.1781 100.00 0.2109 . . 151 . . 
'X-RAY DIFFRACTION' . 1.8365 2.1021  1355 0.1669 100.00 0.2204 . . 150 . . 
'X-RAY DIFFRACTION' . 2.1021 2.6477  1394 0.1696 100.00 0.2074 . . 156 . . 
'X-RAY DIFFRACTION' . 2.6477 22.8900 1450 0.1512 99.00  0.1777 . . 160 . . 
# 
_struct.entry_id                     7VEG 
_struct.title                        'Understanding NH-pi interaction between Gln and Phe' 
_struct.pdbx_model_details           ? 
_struct.pdbx_formula_weight          ? 
_struct.pdbx_formula_weight_method   ? 
_struct.pdbx_model_type_details      ? 
_struct.pdbx_CASP_flag               N 
# 
_struct_keywords.entry_id        7VEG 
_struct_keywords.text            'side chain interactions, NH-pi interaction, collagen-like peptide, STRUCTURAL PROTEIN' 
_struct_keywords.pdbx_keywords   'STRUCTURAL PROTEIN' 
# 
loop_
_struct_asym.id 
_struct_asym.pdbx_blank_PDB_chainid_flag 
_struct_asym.pdbx_modified 
_struct_asym.entity_id 
_struct_asym.details 
A N N 1 ? 
B N N 1 ? 
C N N 1 ? 
D N N 2 ? 
E N N 2 ? 
F N N 2 ? 
# 
_struct_ref.id                         1 
_struct_ref.db_name                    PDB 
_struct_ref.db_code                    7VEG 
_struct_ref.pdbx_db_accession          7VEG 
_struct_ref.pdbx_db_isoform            ? 
_struct_ref.entity_id                  1 
_struct_ref.pdbx_seq_one_letter_code   ? 
_struct_ref.pdbx_align_begin           1 
# 
loop_
_struct_ref_seq.align_id 
_struct_ref_seq.ref_id 
_struct_ref_seq.pdbx_PDB_id_code 
_struct_ref_seq.pdbx_strand_id 
_struct_ref_seq.seq_align_beg 
_struct_ref_seq.pdbx_seq_align_beg_ins_code 
_struct_ref_seq.seq_align_end 
_struct_ref_seq.pdbx_seq_align_end_ins_code 
_struct_ref_seq.pdbx_db_accession 
_struct_ref_seq.db_align_beg 
_struct_ref_seq.pdbx_db_align_beg_ins_code 
_struct_ref_seq.db_align_end 
_struct_ref_seq.pdbx_db_align_end_ins_code 
_struct_ref_seq.pdbx_auth_seq_align_beg 
_struct_ref_seq.pdbx_auth_seq_align_end 
1 1 7VEG A 1 ? 26 ? 7VEG 24 ? 51 ? 24 51 
2 1 7VEG B 1 ? 26 ? 7VEG 24 ? 51 ? 24 51 
3 1 7VEG C 1 ? 26 ? 7VEG 24 ? 51 ? 24 51 
# 
_pdbx_struct_assembly.id                   1 
_pdbx_struct_assembly.details              author_and_software_defined_assembly 
_pdbx_struct_assembly.method_details       PISA 
_pdbx_struct_assembly.oligomeric_details   trimeric 
_pdbx_struct_assembly.oligomeric_count     3 
# 
loop_
_pdbx_struct_assembly_prop.biol_id 
_pdbx_struct_assembly_prop.type 
_pdbx_struct_assembly_prop.value 
_pdbx_struct_assembly_prop.details 
1 'ABSA (A^2)' 4970 ? 
1 MORE         -5   ? 
1 'SSA (A^2)'  4120 ? 
# 
_pdbx_struct_assembly_gen.assembly_id       1 
_pdbx_struct_assembly_gen.oper_expression   1 
_pdbx_struct_assembly_gen.asym_id_list      A,B,C,D,E,F 
# 
_pdbx_struct_assembly_auth_evidence.id                     1 
_pdbx_struct_assembly_auth_evidence.assembly_id            1 
_pdbx_struct_assembly_auth_evidence.experimental_support   'gel filtration' 
_pdbx_struct_assembly_auth_evidence.details                ? 
# 
_pdbx_struct_oper_list.id                   1 
_pdbx_struct_oper_list.type                 'identity operation' 
_pdbx_struct_oper_list.name                 1_555 
_pdbx_struct_oper_list.symmetry_operation   x,y,z 
_pdbx_struct_oper_list.matrix[1][1]         1.0000000000 
_pdbx_struct_oper_list.matrix[1][2]         0.0000000000 
_pdbx_struct_oper_list.matrix[1][3]         0.0000000000 
_pdbx_struct_oper_list.vector[1]            0.0000000000 
_pdbx_struct_oper_list.matrix[2][1]         0.0000000000 
_pdbx_struct_oper_list.matrix[2][2]         1.0000000000 
_pdbx_struct_oper_list.matrix[2][3]         0.0000000000 
_pdbx_struct_oper_list.vector[2]            0.0000000000 
_pdbx_struct_oper_list.matrix[3][1]         0.0000000000 
_pdbx_struct_oper_list.matrix[3][2]         0.0000000000 
_pdbx_struct_oper_list.matrix[3][3]         1.0000000000 
_pdbx_struct_oper_list.vector[3]            0.0000000000 
# 
loop_
_struct_conn.id 
_struct_conn.conn_type_id 
_struct_conn.pdbx_leaving_atom_flag 
_struct_conn.pdbx_PDB_id 
_struct_conn.ptnr1_label_asym_id 
_struct_conn.ptnr1_label_comp_id 
_struct_conn.ptnr1_label_seq_id 
_struct_conn.ptnr1_label_atom_id 
_struct_conn.pdbx_ptnr1_label_alt_id 
_struct_conn.pdbx_ptnr1_PDB_ins_code 
_struct_conn.pdbx_ptnr1_standard_comp_id 
_struct_conn.ptnr1_symmetry 
_struct_conn.ptnr2_label_asym_id 
_struct_conn.ptnr2_label_comp_id 
_struct_conn.ptnr2_label_seq_id 
_struct_conn.ptnr2_label_atom_id 
_struct_conn.pdbx_ptnr2_label_alt_id 
_struct_conn.pdbx_ptnr2_PDB_ins_code 
_struct_conn.ptnr1_auth_asym_id 
_struct_conn.ptnr1_auth_comp_id 
_struct_conn.ptnr1_auth_seq_id 
_struct_conn.ptnr2_auth_asym_id 
_struct_conn.ptnr2_auth_comp_id 
_struct_conn.ptnr2_auth_seq_id 
_struct_conn.ptnr2_symmetry 
_struct_conn.pdbx_ptnr3_label_atom_id 
_struct_conn.pdbx_ptnr3_label_seq_id 
_struct_conn.pdbx_ptnr3_label_comp_id 
_struct_conn.pdbx_ptnr3_label_asym_id 
_struct_conn.pdbx_ptnr3_label_alt_id 
_struct_conn.pdbx_ptnr3_PDB_ins_code 
_struct_conn.details 
_struct_conn.pdbx_dist_value 
_struct_conn.pdbx_value_order 
_struct_conn.pdbx_role 
covale1  covale both ? A ACE 1  C ? ? ? 1_555 A GLY 2  N ? ? A ACE 24 A GLY 25 1_555 ? ? ? ? ? ? ? 1.452 ? ? 
covale2  covale both ? A PRO 3  C ? ? ? 1_555 A HYP 4  N ? ? A PRO 26 A HYP 27 1_555 ? ? ? ? ? ? ? 1.327 ? ? 
covale3  covale both ? A HYP 4  C ? ? ? 1_555 A GLY 5  N ? ? A HYP 27 A GLY 28 1_555 ? ? ? ? ? ? ? 1.326 ? ? 
covale4  covale both ? A PRO 6  C ? ? ? 1_555 A HYP 7  N ? ? A PRO 29 A HYP 30 1_555 ? ? ? ? ? ? ? 1.322 ? ? 
covale5  covale both ? A HYP 7  C ? ? ? 1_555 A GLY 8  N ? ? A HYP 30 A GLY 31 1_555 ? ? ? ? ? ? ? 1.331 ? ? 
covale6  covale both ? A PRO 9  C ? ? ? 1_555 A HYP 10 N ? ? A PRO 32 A HYP 33 1_555 ? ? ? ? ? ? ? 1.320 ? ? 
covale7  covale both ? A HYP 10 C ? ? ? 1_555 A GLY 11 N ? ? A HYP 33 A GLY 34 1_555 ? ? ? ? ? ? ? 1.321 ? ? 
covale8  covale both ? A PHE 15 C ? ? ? 1_555 A HYP 16 N ? ? A PHE 38 A HYP 39 1_555 ? ? ? ? ? ? ? 1.326 ? ? 
covale9  covale both ? A HYP 16 C ? ? ? 1_555 A GLY 17 N ? ? A HYP 39 A GLY 40 1_555 ? ? ? ? ? ? ? 1.325 ? ? 
covale10 covale both ? A PRO 18 C ? ? ? 1_555 A HYP 19 N ? ? A PRO 41 A HYP 42 1_555 ? ? ? ? ? ? ? 1.325 ? ? 
covale11 covale both ? A HYP 19 C ? ? ? 1_555 A GLY 20 N ? ? A HYP 42 A GLY 43 1_555 ? ? ? ? ? ? ? 1.323 ? ? 
covale12 covale both ? A PRO 21 C ? ? ? 1_555 A HYP 22 N ? ? A PRO 44 A HYP 45 1_555 ? ? ? ? ? ? ? 1.326 ? ? 
covale13 covale both ? A HYP 22 C ? ? ? 1_555 A GLY 23 N ? ? A HYP 45 A GLY 46 1_555 ? ? ? ? ? ? ? 1.326 ? ? 
covale14 covale both ? A PRO 24 C ? ? ? 1_555 A HYP 25 N ? ? A PRO 47 A HYP 50 1_555 ? ? ? ? ? ? ? 1.327 ? ? 
covale15 covale both ? A HYP 25 C ? ? ? 1_555 A NH2 26 N ? ? A HYP 50 A NH2 51 1_555 ? ? ? ? ? ? ? 1.448 ? ? 
covale16 covale both ? B ACE 1  C ? ? ? 1_555 B GLY 2  N ? ? B ACE 24 B GLY 25 1_555 ? ? ? ? ? ? ? 1.449 ? ? 
covale17 covale both ? B PRO 3  C ? ? ? 1_555 B HYP 4  N ? ? B PRO 26 B HYP 27 1_555 ? ? ? ? ? ? ? 1.328 ? ? 
covale18 covale both ? B HYP 4  C ? ? ? 1_555 B GLY 5  N ? ? B HYP 27 B GLY 28 1_555 ? ? ? ? ? ? ? 1.324 ? ? 
covale19 covale both ? B PRO 6  C ? ? ? 1_555 B HYP 7  N ? ? B PRO 29 B HYP 30 1_555 ? ? ? ? ? ? ? 1.323 ? ? 
covale20 covale both ? B HYP 7  C ? ? ? 1_555 B GLY 8  N ? ? B HYP 30 B GLY 31 1_555 ? ? ? ? ? ? ? 1.324 ? ? 
covale21 covale both ? B PRO 9  C ? ? ? 1_555 B HYP 10 N ? ? B PRO 32 B HYP 33 1_555 ? ? ? ? ? ? ? 1.330 ? ? 
covale22 covale both ? B HYP 10 C ? ? ? 1_555 B GLY 11 N ? ? B HYP 33 B GLY 34 1_555 ? ? ? ? ? ? ? 1.323 ? ? 
covale23 covale both ? B PHE 15 C ? ? ? 1_555 B HYP 16 N ? ? B PHE 38 B HYP 39 1_555 ? ? ? ? ? ? ? 1.322 ? ? 
covale24 covale both ? B HYP 16 C ? ? ? 1_555 B GLY 17 N ? ? B HYP 39 B GLY 40 1_555 ? ? ? ? ? ? ? 1.325 ? ? 
covale25 covale both ? B PRO 18 C ? ? ? 1_555 B HYP 19 N ? ? B PRO 41 B HYP 42 1_555 ? ? ? ? ? ? ? 1.320 ? ? 
covale26 covale both ? B HYP 19 C ? ? ? 1_555 B GLY 20 N ? ? B HYP 42 B GLY 43 1_555 ? ? ? ? ? ? ? 1.324 ? ? 
covale27 covale both ? B PRO 21 C ? ? ? 1_555 B HYP 22 N ? ? B PRO 44 B HYP 45 1_555 ? ? ? ? ? ? ? 1.327 ? ? 
covale28 covale both ? B HYP 22 C ? ? ? 1_555 B GLY 23 N ? ? B HYP 45 B GLY 46 1_555 ? ? ? ? ? ? ? 1.325 ? ? 
covale29 covale both ? B PRO 24 C ? ? ? 1_555 B HYP 25 N ? ? B PRO 47 B HYP 50 1_555 ? ? ? ? ? ? ? 1.324 ? ? 
covale30 covale both ? B HYP 25 C ? ? ? 1_555 B NH2 26 N ? ? B HYP 50 B NH2 51 1_555 ? ? ? ? ? ? ? 1.446 ? ? 
covale31 covale both ? C ACE 1  C ? ? ? 1_555 C GLY 2  N ? ? C ACE 24 C GLY 25 1_555 ? ? ? ? ? ? ? 1.446 ? ? 
covale32 covale both ? C PRO 3  C ? ? ? 1_555 C HYP 4  N ? ? C PRO 26 C HYP 27 1_555 ? ? ? ? ? ? ? 1.327 ? ? 
covale33 covale both ? C HYP 4  C ? ? ? 1_555 C GLY 5  N ? ? C HYP 27 C GLY 28 1_555 ? ? ? ? ? ? ? 1.328 ? ? 
covale34 covale both ? C PRO 6  C ? ? ? 1_555 C HYP 7  N ? ? C PRO 29 C HYP 30 1_555 ? ? ? ? ? ? ? 1.320 ? ? 
covale35 covale both ? C HYP 7  C ? ? ? 1_555 C GLY 8  N ? ? C HYP 30 C GLY 31 1_555 ? ? ? ? ? ? ? 1.321 ? ? 
covale36 covale both ? C PRO 9  C ? ? ? 1_555 C HYP 10 N ? ? C PRO 32 C HYP 33 1_555 ? ? ? ? ? ? ? 1.322 ? ? 
covale37 covale both ? C HYP 10 C ? ? ? 1_555 C GLY 11 N ? ? C HYP 33 C GLY 34 1_555 ? ? ? ? ? ? ? 1.324 ? ? 
covale38 covale both ? C PHE 15 C ? ? ? 1_555 C HYP 16 N ? ? C PHE 38 C HYP 39 1_555 ? ? ? ? ? ? ? 1.325 ? ? 
covale39 covale both ? C HYP 16 C ? ? ? 1_555 C GLY 17 N ? ? C HYP 39 C GLY 40 1_555 ? ? ? ? ? ? ? 1.322 ? ? 
covale40 covale both ? C PRO 18 C ? ? ? 1_555 C HYP 19 N ? ? C PRO 41 C HYP 42 1_555 ? ? ? ? ? ? ? 1.326 ? ? 
covale41 covale both ? C HYP 19 C ? ? ? 1_555 C GLY 20 N ? ? C HYP 42 C GLY 43 1_555 ? ? ? ? ? ? ? 1.327 ? ? 
covale42 covale both ? C PRO 21 C ? ? ? 1_555 C HYP 22 N ? ? C PRO 44 C HYP 45 1_555 ? ? ? ? ? ? ? 1.325 ? ? 
covale43 covale both ? C HYP 22 C ? ? ? 1_555 C GLY 23 N ? ? C HYP 45 C GLY 46 1_555 ? ? ? ? ? ? ? 1.326 ? ? 
covale44 covale both ? C PRO 24 C ? ? ? 1_555 C HYP 25 N ? ? C PRO 47 C HYP 50 1_555 ? ? ? ? ? ? ? 1.327 ? ? 
covale45 covale both ? C HYP 25 C ? ? ? 1_555 C NH2 26 N ? ? C HYP 50 C NH2 51 1_555 ? ? ? ? ? ? ? 1.448 ? ? 
# 
_struct_conn_type.id          covale 
_struct_conn_type.criteria    ? 
_struct_conn_type.reference   ? 
# 
loop_
_pdbx_modification_feature.ordinal 
_pdbx_modification_feature.label_comp_id 
_pdbx_modification_feature.label_asym_id 
_pdbx_modification_feature.label_seq_id 
_pdbx_modification_feature.label_alt_id 
_pdbx_modification_feature.modified_residue_label_comp_id 
_pdbx_modification_feature.modified_residue_label_asym_id 
_pdbx_modification_feature.modified_residue_label_seq_id 
_pdbx_modification_feature.modified_residue_label_alt_id 
_pdbx_modification_feature.auth_comp_id 
_pdbx_modification_feature.auth_asym_id 
_pdbx_modification_feature.auth_seq_id 
_pdbx_modification_feature.PDB_ins_code 
_pdbx_modification_feature.symmetry 
_pdbx_modification_feature.modified_residue_auth_comp_id 
_pdbx_modification_feature.modified_residue_auth_asym_id 
_pdbx_modification_feature.modified_residue_auth_seq_id 
_pdbx_modification_feature.modified_residue_PDB_ins_code 
_pdbx_modification_feature.modified_residue_symmetry 
_pdbx_modification_feature.comp_id_linking_atom 
_pdbx_modification_feature.modified_residue_id_linking_atom 
_pdbx_modification_feature.modified_residue_id 
_pdbx_modification_feature.ref_pcm_id 
_pdbx_modification_feature.ref_comp_id 
_pdbx_modification_feature.type 
_pdbx_modification_feature.category 
1  HYP A 4  ? .   . .  . HYP A 27 ? 1_555 .   . .  . .     . . PRO 1  HYP Hydroxylation 'Named protein modification' 
2  HYP A 7  ? .   . .  . HYP A 30 ? 1_555 .   . .  . .     . . PRO 1  HYP Hydroxylation 'Named protein modification' 
3  HYP A 10 ? .   . .  . HYP A 33 ? 1_555 .   . .  . .     . . PRO 1  HYP Hydroxylation 'Named protein modification' 
4  HYP A 16 ? .   . .  . HYP A 39 ? 1_555 .   . .  . .     . . PRO 1  HYP Hydroxylation 'Named protein modification' 
5  HYP A 19 ? .   . .  . HYP A 42 ? 1_555 .   . .  . .     . . PRO 1  HYP Hydroxylation 'Named protein modification' 
6  HYP A 22 ? .   . .  . HYP A 45 ? 1_555 .   . .  . .     . . PRO 1  HYP Hydroxylation 'Named protein modification' 
7  HYP A 25 ? .   . .  . HYP A 50 ? 1_555 .   . .  . .     . . PRO 1  HYP Hydroxylation 'Named protein modification' 
8  HYP B 4  ? .   . .  . HYP B 27 ? 1_555 .   . .  . .     . . PRO 1  HYP Hydroxylation 'Named protein modification' 
9  HYP B 7  ? .   . .  . HYP B 30 ? 1_555 .   . .  . .     . . PRO 1  HYP Hydroxylation 'Named protein modification' 
10 HYP B 10 ? .   . .  . HYP B 33 ? 1_555 .   . .  . .     . . PRO 1  HYP Hydroxylation 'Named protein modification' 
11 HYP B 16 ? .   . .  . HYP B 39 ? 1_555 .   . .  . .     . . PRO 1  HYP Hydroxylation 'Named protein modification' 
12 HYP B 19 ? .   . .  . HYP B 42 ? 1_555 .   . .  . .     . . PRO 1  HYP Hydroxylation 'Named protein modification' 
13 HYP B 22 ? .   . .  . HYP B 45 ? 1_555 .   . .  . .     . . PRO 1  HYP Hydroxylation 'Named protein modification' 
14 HYP B 25 ? .   . .  . HYP B 50 ? 1_555 .   . .  . .     . . PRO 1  HYP Hydroxylation 'Named protein modification' 
15 HYP C 4  ? .   . .  . HYP C 27 ? 1_555 .   . .  . .     . . PRO 1  HYP Hydroxylation 'Named protein modification' 
16 HYP C 7  ? .   . .  . HYP C 30 ? 1_555 .   . .  . .     . . PRO 1  HYP Hydroxylation 'Named protein modification' 
17 HYP C 10 ? .   . .  . HYP C 33 ? 1_555 .   . .  . .     . . PRO 1  HYP Hydroxylation 'Named protein modification' 
18 HYP C 16 ? .   . .  . HYP C 39 ? 1_555 .   . .  . .     . . PRO 1  HYP Hydroxylation 'Named protein modification' 
19 HYP C 19 ? .   . .  . HYP C 42 ? 1_555 .   . .  . .     . . PRO 1  HYP Hydroxylation 'Named protein modification' 
20 HYP C 22 ? .   . .  . HYP C 45 ? 1_555 .   . .  . .     . . PRO 1  HYP Hydroxylation 'Named protein modification' 
21 HYP C 25 ? .   . .  . HYP C 50 ? 1_555 .   . .  . .     . . PRO 1  HYP Hydroxylation 'Named protein modification' 
22 ACE A 1  ? GLY A 2  ? ACE A 24 ? 1_555 GLY A 25 ? 1_555 . . GLY 12 ACE None          'Terminal acetylation'       
23 ACE B 1  ? GLY B 2  ? ACE B 24 ? 1_555 GLY B 25 ? 1_555 . . GLY 12 ACE None          'Terminal acetylation'       
24 ACE C 1  ? GLY C 2  ? ACE C 24 ? 1_555 GLY C 25 ? 1_555 . . GLY 12 ACE None          'Terminal acetylation'       
25 NH2 A 26 ? HYP A 25 ? NH2 A 51 ? 1_555 HYP A 50 ? 1_555 . . HYP 42 NH2 None          'Terminal amidation'         
26 NH2 B 26 ? HYP B 25 ? NH2 B 51 ? 1_555 HYP B 50 ? 1_555 . . HYP 42 NH2 None          'Terminal amidation'         
27 NH2 C 26 ? HYP C 25 ? NH2 C 51 ? 1_555 HYP C 50 ? 1_555 . . HYP 42 NH2 None          'Terminal amidation'         
# 
_pdbx_entry_details.entry_id                   7VEG 
_pdbx_entry_details.nonpolymer_details         ? 
_pdbx_entry_details.sequence_details           ? 
_pdbx_entry_details.compound_details           ? 
_pdbx_entry_details.source_details             ? 
_pdbx_entry_details.has_ligand_of_interest     Y 
_pdbx_entry_details.has_protein_modification   Y 
# 
_pdbx_validate_symm_contact.id                1 
_pdbx_validate_symm_contact.PDB_model_num     1 
_pdbx_validate_symm_contact.auth_atom_id_1    O 
_pdbx_validate_symm_contact.auth_asym_id_1    C 
_pdbx_validate_symm_contact.auth_comp_id_1    HOH 
_pdbx_validate_symm_contact.auth_seq_id_1     236 
_pdbx_validate_symm_contact.PDB_ins_code_1    ? 
_pdbx_validate_symm_contact.label_alt_id_1    ? 
_pdbx_validate_symm_contact.site_symmetry_1   1_555 
_pdbx_validate_symm_contact.auth_atom_id_2    O 
_pdbx_validate_symm_contact.auth_asym_id_2    C 
_pdbx_validate_symm_contact.auth_comp_id_2    HOH 
_pdbx_validate_symm_contact.auth_seq_id_2     239 
_pdbx_validate_symm_contact.PDB_ins_code_2    ? 
_pdbx_validate_symm_contact.label_alt_id_2    ? 
_pdbx_validate_symm_contact.site_symmetry_2   3_455 
_pdbx_validate_symm_contact.dist              2.13 
# 
_phasing.method   MR 
# 
loop_
_chem_comp_atom.comp_id 
_chem_comp_atom.atom_id 
_chem_comp_atom.type_symbol 
_chem_comp_atom.pdbx_aromatic_flag 
_chem_comp_atom.pdbx_stereo_config 
_chem_comp_atom.pdbx_ordinal 
ACE C    C N N 1   
ACE O    O N N 2   
ACE CH3  C N N 3   
ACE H    H N N 4   
ACE H1   H N N 5   
ACE H2   H N N 6   
ACE H3   H N N 7   
GLN N    N N N 8   
GLN CA   C N S 9   
GLN C    C N N 10  
GLN O    O N N 11  
GLN CB   C N N 12  
GLN CG   C N N 13  
GLN CD   C N N 14  
GLN OE1  O N N 15  
GLN NE2  N N N 16  
GLN OXT  O N N 17  
GLN H    H N N 18  
GLN H2   H N N 19  
GLN HA   H N N 20  
GLN HB2  H N N 21  
GLN HB3  H N N 22  
GLN HG2  H N N 23  
GLN HG3  H N N 24  
GLN HE21 H N N 25  
GLN HE22 H N N 26  
GLN HXT  H N N 27  
GLY N    N N N 28  
GLY CA   C N N 29  
GLY C    C N N 30  
GLY O    O N N 31  
GLY OXT  O N N 32  
GLY H    H N N 33  
GLY H2   H N N 34  
GLY HA2  H N N 35  
GLY HA3  H N N 36  
GLY HXT  H N N 37  
HOH O    O N N 38  
HOH H1   H N N 39  
HOH H2   H N N 40  
HYP N    N N N 41  
HYP CA   C N S 42  
HYP C    C N N 43  
HYP O    O N N 44  
HYP CB   C N N 45  
HYP CG   C N R 46  
HYP CD   C N N 47  
HYP OD1  O N N 48  
HYP OXT  O N N 49  
HYP H    H N N 50  
HYP HA   H N N 51  
HYP HB2  H N N 52  
HYP HB3  H N N 53  
HYP HG   H N N 54  
HYP HD22 H N N 55  
HYP HD23 H N N 56  
HYP HD1  H N N 57  
HYP HXT  H N N 58  
NH2 N    N N N 59  
NH2 HN1  H N N 60  
NH2 HN2  H N N 61  
PHE N    N N N 62  
PHE CA   C N S 63  
PHE C    C N N 64  
PHE O    O N N 65  
PHE CB   C N N 66  
PHE CG   C Y N 67  
PHE CD1  C Y N 68  
PHE CD2  C Y N 69  
PHE CE1  C Y N 70  
PHE CE2  C Y N 71  
PHE CZ   C Y N 72  
PHE OXT  O N N 73  
PHE H    H N N 74  
PHE H2   H N N 75  
PHE HA   H N N 76  
PHE HB2  H N N 77  
PHE HB3  H N N 78  
PHE HD1  H N N 79  
PHE HD2  H N N 80  
PHE HE1  H N N 81  
PHE HE2  H N N 82  
PHE HZ   H N N 83  
PHE HXT  H N N 84  
PRO N    N N N 85  
PRO CA   C N S 86  
PRO C    C N N 87  
PRO O    O N N 88  
PRO CB   C N N 89  
PRO CG   C N N 90  
PRO CD   C N N 91  
PRO OXT  O N N 92  
PRO H    H N N 93  
PRO HA   H N N 94  
PRO HB2  H N N 95  
PRO HB3  H N N 96  
PRO HG2  H N N 97  
PRO HG3  H N N 98  
PRO HD2  H N N 99  
PRO HD3  H N N 100 
PRO HXT  H N N 101 
# 
loop_
_chem_comp_bond.comp_id 
_chem_comp_bond.atom_id_1 
_chem_comp_bond.atom_id_2 
_chem_comp_bond.value_order 
_chem_comp_bond.pdbx_aromatic_flag 
_chem_comp_bond.pdbx_stereo_config 
_chem_comp_bond.pdbx_ordinal 
ACE C   O    doub N N 1  
ACE C   CH3  sing N N 2  
ACE C   H    sing N N 3  
ACE CH3 H1   sing N N 4  
ACE CH3 H2   sing N N 5  
ACE CH3 H3   sing N N 6  
GLN N   CA   sing N N 7  
GLN N   H    sing N N 8  
GLN N   H2   sing N N 9  
GLN CA  C    sing N N 10 
GLN CA  CB   sing N N 11 
GLN CA  HA   sing N N 12 
GLN C   O    doub N N 13 
GLN C   OXT  sing N N 14 
GLN CB  CG   sing N N 15 
GLN CB  HB2  sing N N 16 
GLN CB  HB3  sing N N 17 
GLN CG  CD   sing N N 18 
GLN CG  HG2  sing N N 19 
GLN CG  HG3  sing N N 20 
GLN CD  OE1  doub N N 21 
GLN CD  NE2  sing N N 22 
GLN NE2 HE21 sing N N 23 
GLN NE2 HE22 sing N N 24 
GLN OXT HXT  sing N N 25 
GLY N   CA   sing N N 26 
GLY N   H    sing N N 27 
GLY N   H2   sing N N 28 
GLY CA  C    sing N N 29 
GLY CA  HA2  sing N N 30 
GLY CA  HA3  sing N N 31 
GLY C   O    doub N N 32 
GLY C   OXT  sing N N 33 
GLY OXT HXT  sing N N 34 
HOH O   H1   sing N N 35 
HOH O   H2   sing N N 36 
HYP N   CA   sing N N 37 
HYP N   CD   sing N N 38 
HYP N   H    sing N N 39 
HYP CA  C    sing N N 40 
HYP CA  CB   sing N N 41 
HYP CA  HA   sing N N 42 
HYP C   O    doub N N 43 
HYP C   OXT  sing N N 44 
HYP CB  CG   sing N N 45 
HYP CB  HB2  sing N N 46 
HYP CB  HB3  sing N N 47 
HYP CG  CD   sing N N 48 
HYP CG  OD1  sing N N 49 
HYP CG  HG   sing N N 50 
HYP CD  HD22 sing N N 51 
HYP CD  HD23 sing N N 52 
HYP OD1 HD1  sing N N 53 
HYP OXT HXT  sing N N 54 
NH2 N   HN1  sing N N 55 
NH2 N   HN2  sing N N 56 
PHE N   CA   sing N N 57 
PHE N   H    sing N N 58 
PHE N   H2   sing N N 59 
PHE CA  C    sing N N 60 
PHE CA  CB   sing N N 61 
PHE CA  HA   sing N N 62 
PHE C   O    doub N N 63 
PHE C   OXT  sing N N 64 
PHE CB  CG   sing N N 65 
PHE CB  HB2  sing N N 66 
PHE CB  HB3  sing N N 67 
PHE CG  CD1  doub Y N 68 
PHE CG  CD2  sing Y N 69 
PHE CD1 CE1  sing Y N 70 
PHE CD1 HD1  sing N N 71 
PHE CD2 CE2  doub Y N 72 
PHE CD2 HD2  sing N N 73 
PHE CE1 CZ   doub Y N 74 
PHE CE1 HE1  sing N N 75 
PHE CE2 CZ   sing Y N 76 
PHE CE2 HE2  sing N N 77 
PHE CZ  HZ   sing N N 78 
PHE OXT HXT  sing N N 79 
PRO N   CA   sing N N 80 
PRO N   CD   sing N N 81 
PRO N   H    sing N N 82 
PRO CA  C    sing N N 83 
PRO CA  CB   sing N N 84 
PRO CA  HA   sing N N 85 
PRO C   O    doub N N 86 
PRO C   OXT  sing N N 87 
PRO CB  CG   sing N N 88 
PRO CB  HB2  sing N N 89 
PRO CB  HB3  sing N N 90 
PRO CG  CD   sing N N 91 
PRO CG  HG2  sing N N 92 
PRO CG  HG3  sing N N 93 
PRO CD  HD2  sing N N 94 
PRO CD  HD3  sing N N 95 
PRO OXT HXT  sing N N 96 
# 
_pdbx_audit_support.funding_organization   'Not funded' 
_pdbx_audit_support.country                ? 
_pdbx_audit_support.grant_number           ? 
_pdbx_audit_support.ordinal                1 
# 
_pdbx_initial_refinement_model.id               1 
_pdbx_initial_refinement_model.entity_id_list   ? 
_pdbx_initial_refinement_model.type             'experimental model' 
_pdbx_initial_refinement_model.source_name      PDB 
_pdbx_initial_refinement_model.accession_code   5YAN 
_pdbx_initial_refinement_model.details          ? 
# 
_atom_sites.entry_id                    7VEG 
_atom_sites.fract_transf_matrix[1][1]   0.02657567 
_atom_sites.fract_transf_matrix[1][2]   -0.03187647 
_atom_sites.fract_transf_matrix[1][3]   0.00061001 
_atom_sites.fract_transf_matrix[2][1]   -0.02211988 
_atom_sites.fract_transf_matrix[2][2]   -0.01883830 
_atom_sites.fract_transf_matrix[2][3]   -0.02073382 
_atom_sites.fract_transf_matrix[3][1]   0.00618577 
_atom_sites.fract_transf_matrix[3][2]   0.00494486 
_atom_sites.fract_transf_matrix[3][3]   -0.01109208 
_atom_sites.fract_transf_vector[1]      0.206270 
_atom_sites.fract_transf_vector[2]      0.270479 
_atom_sites.fract_transf_vector[3]      0.224426 
# 
loop_
_atom_type.symbol 
C 
N 
O 
# 
loop_
_atom_site.group_PDB 
_atom_site.id 
_atom_site.type_symbol 
_atom_site.label_atom_id 
_atom_site.label_alt_id 
_atom_site.label_comp_id 
_atom_site.label_asym_id 
_atom_site.label_entity_id 
_atom_site.label_seq_id 
_atom_site.pdbx_PDB_ins_code 
_atom_site.Cartn_x 
_atom_site.Cartn_y 
_atom_site.Cartn_z 
_atom_site.occupancy 
_atom_site.B_iso_or_equiv 
_atom_site.pdbx_formal_charge 
_atom_site.auth_seq_id 
_atom_site.auth_comp_id 
_atom_site.auth_asym_id 
_atom_site.auth_atom_id 
_atom_site.pdbx_PDB_model_num 
HETATM 1   C C   . ACE A 1 1  ? -10.080 -6.344  -29.210 1.00 26.61 ? 24  ACE A C   1 
HETATM 2   O O   . ACE A 1 1  ? -10.784 -5.424  -29.493 1.00 27.71 ? 24  ACE A O   1 
HETATM 3   C CH3 . ACE A 1 1  ? -9.057  -6.873  -30.215 1.00 26.84 ? 24  ACE A CH3 1 
ATOM   4   N N   . GLY A 1 2  ? -10.200 -6.965  -27.904 1.00 24.76 ? 25  GLY A N   1 
ATOM   5   C CA  . GLY A 1 2  ? -11.196 -6.432  -26.998 1.00 23.21 ? 25  GLY A CA  1 
ATOM   6   C C   . GLY A 1 2  ? -10.714 -5.210  -26.221 1.00 21.83 ? 25  GLY A C   1 
ATOM   7   O O   . GLY A 1 2  ? -9.695  -4.658  -26.514 1.00 21.78 ? 25  GLY A O   1 
ATOM   8   N N   . PRO A 1 3  ? -11.523 -4.774  -25.247 1.00 20.36 ? 26  PRO A N   1 
ATOM   9   C CA  . PRO A 1 3  ? -11.178 -3.592  -24.462 1.00 19.84 ? 26  PRO A CA  1 
ATOM   10  C C   . PRO A 1 3  ? -10.080 -3.951  -23.475 1.00 19.47 ? 26  PRO A C   1 
ATOM   11  O O   . PRO A 1 3  ? -9.793  -5.136  -23.283 1.00 18.83 ? 26  PRO A O   1 
ATOM   12  C CB  . PRO A 1 3  ? -12.488 -3.258  -23.744 1.00 19.90 ? 26  PRO A CB  1 
ATOM   13  C CG  . PRO A 1 3  ? -13.173 -4.554  -23.588 1.00 19.87 ? 26  PRO A CG  1 
ATOM   14  C CD  . PRO A 1 3  ? -12.781 -5.396  -24.792 1.00 19.90 ? 26  PRO A CD  1 
HETATM 15  N N   . HYP A 1 4  ? -9.451  -2.944  -22.884 1.00 19.69 ? 27  HYP A N   1 
HETATM 16  C CA  . HYP A 1 4  ? -8.429  -3.192  -21.854 1.00 18.48 ? 27  HYP A CA  1 
HETATM 17  C C   . HYP A 1 4  ? -9.030  -4.053  -20.695 1.00 17.05 ? 27  HYP A C   1 
HETATM 18  O O   . HYP A 1 4  ? -10.245 -3.976  -20.427 1.00 17.43 ? 27  HYP A O   1 
HETATM 19  C CB  . HYP A 1 4  ? -8.047  -1.812  -21.297 1.00 19.79 ? 27  HYP A CB  1 
HETATM 20  C CG  . HYP A 1 4  ? -8.269  -0.878  -22.481 1.00 21.48 ? 27  HYP A CG  1 
HETATM 21  C CD  . HYP A 1 4  ? -9.556  -1.475  -23.043 1.00 20.96 ? 27  HYP A CD  1 
HETATM 22  O OD1 . HYP A 1 4  ? -7.257  -0.900  -23.434 1.00 23.11 ? 27  HYP A OD1 1 
ATOM   23  N N   . GLY A 1 5  ? -8.187  -4.843  -20.047 1.00 15.99 ? 28  GLY A N   1 
ATOM   24  C CA  . GLY A 1 5  ? -8.635  -5.650  -18.931 1.00 15.33 ? 28  GLY A CA  1 
ATOM   25  C C   . GLY A 1 5  ? -9.124  -4.807  -17.776 1.00 14.48 ? 28  GLY A C   1 
ATOM   26  O O   . GLY A 1 5  ? -9.001  -3.578  -17.796 1.00 14.63 ? 28  GLY A O   1 
ATOM   27  N N   . PRO A 1 6  ? -9.688  -5.458  -16.756 1.00 13.57 ? 29  PRO A N   1 
ATOM   28  C CA  . PRO A 1 6  ? -10.119 -4.724  -15.568 1.00 13.61 ? 29  PRO A CA  1 
ATOM   29  C C   . PRO A 1 6  ? -8.904  -4.204  -14.801 1.00 12.60 ? 29  PRO A C   1 
ATOM   30  O O   . PRO A 1 6  ? -7.786  -4.669  -15.009 1.00 12.43 ? 29  PRO A O   1 
ATOM   31  C CB  . PRO A 1 6  ? -10.867 -5.794  -14.759 1.00 14.83 ? 29  PRO A CB  1 
ATOM   32  C CG  . PRO A 1 6  ? -10.198 -7.083  -15.149 1.00 14.19 ? 29  PRO A CG  1 
ATOM   33  C CD  . PRO A 1 6  ? -9.879  -6.911  -16.611 1.00 14.16 ? 29  PRO A CD  1 
HETATM 34  N N   . HYP A 1 7  ? -9.125  -3.244  -13.920 1.00 12.27 ? 30  HYP A N   1 
HETATM 35  C CA  . HYP A 1 7  ? -8.033  -2.716  -13.051 1.00 11.95 ? 30  HYP A CA  1 
HETATM 36  C C   . HYP A 1 7  ? -7.400  -3.859  -12.229 1.00 11.24 ? 30  HYP A C   1 
HETATM 37  O O   . HYP A 1 7  ? -8.098  -4.836  -11.876 1.00 12.00 ? 30  HYP A O   1 
HETATM 38  C CB  . HYP A 1 7  ? -8.718  -1.767  -12.083 1.00 12.21 ? 30  HYP A CB  1 
HETATM 39  C CG  . HYP A 1 7  ? -9.859  -1.227  -12.927 1.00 12.73 ? 30  HYP A CG  1 
HETATM 40  C CD  . HYP A 1 7  ? -10.352 -2.527  -13.578 1.00 12.68 ? 30  HYP A CD  1 
HETATM 41  O OD1 . HYP A 1 7  ? -9.428  -0.358  -13.887 1.00 13.72 ? 30  HYP A OD1 1 
ATOM   42  N N   . GLY A 1 8  ? -6.107  -3.727  -11.944 1.00 10.73 ? 31  GLY A N   1 
ATOM   43  C CA  . GLY A 1 8  ? -5.436  -4.676  -11.088 1.00 10.66 ? 31  GLY A CA  1 
ATOM   44  C C   . GLY A 1 8  ? -5.922  -4.584  -9.653  1.00 10.13 ? 31  GLY A C   1 
ATOM   45  O O   . GLY A 1 8  ? -6.693  -3.698  -9.289  1.00 10.99 ? 31  GLY A O   1 
ATOM   46  N N   . PRO A 1 9  ? -5.485  -5.523  -8.823  1.00 9.66  ? 32  PRO A N   1 
ATOM   47  C CA  . PRO A 1 9  ? -5.792  -5.523  -7.391  1.00 10.29 ? 32  PRO A CA  1 
ATOM   48  C C   . PRO A 1 9  ? -5.132  -4.339  -6.677  1.00 9.23  ? 32  PRO A C   1 
ATOM   49  O O   . PRO A 1 9  ? -4.183  -3.732  -7.177  1.00 9.28  ? 32  PRO A O   1 
ATOM   50  C CB  . PRO A 1 9  ? -5.135  -6.821  -6.889  1.00 11.23 ? 32  PRO A CB  1 
ATOM   51  C CG  . PRO A 1 9  ? -4.866  -7.631  -8.084  1.00 12.26 ? 32  PRO A CG  1 
ATOM   52  C CD  . PRO A 1 9  ? -4.682  -6.686  -9.225  1.00 11.23 ? 32  PRO A CD  1 
HETATM 53  N N   . HYP A 1 10 ? -5.627  -4.037  -5.491  1.00 9.99  ? 33  HYP A N   1 
HETATM 54  C CA  . HYP A 1 10 ? -4.966  -3.030  -4.627  1.00 10.48 ? 33  HYP A CA  1 
HETATM 55  C C   . HYP A 1 10 ? -3.496  -3.430  -4.371  1.00 10.18 ? 33  HYP A C   1 
HETATM 56  O O   . HYP A 1 10 ? -3.175  -4.627  -4.256  1.00 10.86 ? 33  HYP A O   1 
HETATM 57  C CB  . HYP A 1 10 ? -5.716  -3.070  -3.300  1.00 11.12 ? 33  HYP A CB  1 
HETATM 58  C CG  . HYP A 1 10 ? -7.131  -3.441  -3.711  1.00 11.51 ? 33  HYP A CG  1 
HETATM 59  C CD  . HYP A 1 10 ? -6.832  -4.516  -4.770  1.00 11.10 ? 33  HYP A CD  1 
HETATM 60  O OD1 . HYP A 1 10 ? -7.842  -2.373  -4.241  1.00 12.49 ? 33  HYP A OD1 1 
ATOM   61  N N   . GLY A 1 11 ? -2.639  -2.429  -4.288  1.00 9.90  ? 34  GLY A N   1 
ATOM   62  C CA  . GLY A 1 11 ? -1.239  -2.672  -4.012  1.00 9.48  ? 34  GLY A CA  1 
ATOM   63  C C   . GLY A 1 11 ? -0.958  -3.101  -2.584  1.00 9.70  ? 34  GLY A C   1 
ATOM   64  O O   . GLY A 1 11 ? -1.862  -3.192  -1.757  1.00 9.15  ? 34  GLY A O   1 
ATOM   65  N N   . PRO A 1 12 ? 0.302   -3.411  -2.309  1.00 10.49 ? 35  PRO A N   1 
ATOM   66  C CA  . PRO A 1 12 ? 0.692   -3.806  -0.956  1.00 9.87  ? 35  PRO A CA  1 
ATOM   67  C C   . PRO A 1 12 ? 0.548   -2.669  0.039   1.00 9.75  ? 35  PRO A C   1 
ATOM   68  O O   . PRO A 1 12 ? 0.591   -1.481  -0.308  1.00 9.82  ? 35  PRO A O   1 
ATOM   69  C CB  . PRO A 1 12 ? 2.162   -4.206  -1.116  1.00 10.83 ? 35  PRO A CB  1 
ATOM   70  C CG  . PRO A 1 12 ? 2.645   -3.453  -2.318  1.00 11.51 ? 35  PRO A CG  1 
ATOM   71  C CD  . PRO A 1 12 ? 1.444   -3.324  -3.236  1.00 12.02 ? 35  PRO A CD  1 
ATOM   72  N N   . GLN A 1 13 ? 0.390   -3.064  1.296   1.00 9.04  ? 36  GLN A N   1 
ATOM   73  C CA  . GLN A 1 13 ? 0.346   -2.105  2.391   1.00 9.48  ? 36  GLN A CA  1 
ATOM   74  C C   . GLN A 1 13 ? 1.674   -1.368  2.516   1.00 8.85  ? 36  GLN A C   1 
ATOM   75  O O   . GLN A 1 13 ? 2.738   -1.920  2.247   1.00 9.63  ? 36  GLN A O   1 
ATOM   76  C CB  . GLN A 1 13 ? 0.039   -2.837  3.695   1.00 9.79  ? 36  GLN A CB  1 
ATOM   77  C CG  . GLN A 1 13 ? -0.162  -1.897  4.874   1.00 11.32 ? 36  GLN A CG  1 
ATOM   78  C CD  . GLN A 1 13 ? -0.485  -2.610  6.156   1.00 14.31 ? 36  GLN A CD  1 
ATOM   79  O OE1 . GLN A 1 13 ? -0.057  -3.754  6.378   1.00 16.45 ? 36  GLN A OE1 1 
ATOM   80  N NE2 . GLN A 1 13 ? -1.229  -1.933  7.027   1.00 14.93 ? 36  GLN A NE2 1 
ATOM   81  N N   . GLY A 1 14 ? 1.601   -0.109  2.927   1.00 8.86  ? 37  GLY A N   1 
ATOM   82  C CA  . GLY A 1 14 ? 2.806   0.672   3.128   1.00 9.14  ? 37  GLY A CA  1 
ATOM   83  C C   . GLY A 1 14 ? 3.685   0.111   4.239   1.00 9.79  ? 37  GLY A C   1 
ATOM   84  O O   . GLY A 1 14 ? 3.280   -0.702  5.071   1.00 10.19 ? 37  GLY A O   1 
ATOM   85  N N   . PHE A 1 15 ? 4.918   0.607   4.271   1.00 10.02 ? 38  PHE A N   1 
ATOM   86  C CA  . PHE A 1 15 ? 5.853   0.182   5.288   1.00 9.92  ? 38  PHE A CA  1 
ATOM   87  C C   . PHE A 1 15 ? 5.394   0.690   6.646   1.00 9.95  ? 38  PHE A C   1 
ATOM   88  O O   . PHE A 1 15 ? 4.687   1.694   6.734   1.00 10.28 ? 38  PHE A O   1 
ATOM   89  C CB  . PHE A 1 15 ? 7.233   0.781   4.998   1.00 10.13 ? 38  PHE A CB  1 
ATOM   90  C CG  . PHE A 1 15 ? 7.862   0.313   3.707   1.00 10.50 ? 38  PHE A CG  1 
ATOM   91  C CD1 . PHE A 1 15 ? 7.956   -1.043  3.409   1.00 10.80 ? 38  PHE A CD1 1 
ATOM   92  C CD2 . PHE A 1 15 ? 8.403   1.220   2.820   1.00 11.25 ? 38  PHE A CD2 1 
ATOM   93  C CE1 . PHE A 1 15 ? 8.542   -1.472  2.230   1.00 11.20 ? 38  PHE A CE1 1 
ATOM   94  C CE2 . PHE A 1 15 ? 9.011   0.806   1.656   1.00 12.36 ? 38  PHE A CE2 1 
ATOM   95  C CZ  . PHE A 1 15 ? 9.084   -0.551  1.355   1.00 11.70 ? 38  PHE A CZ  1 
HETATM 96  N N   . HYP A 1 16 ? 5.802   0.004   7.704   1.00 10.43 ? 39  HYP A N   1 
HETATM 97  C CA  . HYP A 1 16 ? 5.540   0.494   9.071   1.00 11.14 ? 39  HYP A CA  1 
HETATM 98  C C   . HYP A 1 16 ? 6.101   1.921   9.268   1.00 11.64 ? 39  HYP A C   1 
HETATM 99  O O   . HYP A 1 16 ? 7.112   2.286   8.637   1.00 12.64 ? 39  HYP A O   1 
HETATM 100 C CB  . HYP A 1 16 ? 6.381   -0.368  9.994   1.00 12.15 ? 39  HYP A CB  1 
HETATM 101 C CG  . HYP A 1 16 ? 6.439   -1.692  9.287   1.00 13.02 ? 39  HYP A CG  1 
HETATM 102 C CD  . HYP A 1 16 ? 6.640   -1.203  7.851   1.00 11.86 ? 39  HYP A CD  1 
HETATM 103 O OD1 . HYP A 1 16 ? 5.289   -2.426  9.418   1.00 14.64 ? 39  HYP A OD1 1 
ATOM   104 N N   . GLY A 1 17 ? 5.435   2.696   10.112  1.00 12.21 ? 40  GLY A N   1 
ATOM   105 C CA  . GLY A 1 17 ? 5.937   4.008   10.478  1.00 12.67 ? 40  GLY A CA  1 
ATOM   106 C C   . GLY A 1 17 ? 7.202   3.922   11.312  1.00 12.98 ? 40  GLY A C   1 
ATOM   107 O O   . GLY A 1 17 ? 7.632   2.843   11.719  1.00 13.43 ? 40  GLY A O   1 
ATOM   108 N N   . PRO A 1 18 ? 7.812   5.071   11.577  1.00 13.07 ? 41  PRO A N   1 
ATOM   109 C CA  . PRO A 1 18 ? 9.027   5.136   12.382  1.00 13.48 ? 41  PRO A CA  1 
ATOM   110 C C   . PRO A 1 18 ? 8.693   5.011   13.864  1.00 13.50 ? 41  PRO A C   1 
ATOM   111 O O   . PRO A 1 18 ? 7.529   5.146   14.269  1.00 13.55 ? 41  PRO A O   1 
ATOM   112 C CB  . PRO A 1 18 ? 9.564   6.532   12.072  1.00 14.42 ? 41  PRO A CB  1 
ATOM   113 C CG  . PRO A 1 18 ? 8.366   7.333   11.758  1.00 14.55 ? 41  PRO A CG  1 
ATOM   114 C CD  . PRO A 1 18 ? 7.369   6.392   11.118  1.00 13.39 ? 41  PRO A CD  1 
HETATM 115 N N   . HYP A 1 19 ? 9.713   4.763   14.674  1.00 14.51 ? 42  HYP A N   1 
HETATM 116 C CA  . HYP A 1 19 ? 9.523   4.734   16.100  1.00 15.13 ? 42  HYP A CA  1 
HETATM 117 C C   . HYP A 1 19 ? 8.953   6.097   16.592  1.00 14.89 ? 42  HYP A C   1 
HETATM 118 O O   . HYP A 1 19 ? 9.223   7.145   15.976  1.00 15.77 ? 42  HYP A O   1 
HETATM 119 C CB  . HYP A 1 19 ? 10.921  4.532   16.726  1.00 16.11 ? 42  HYP A CB  1 
HETATM 120 C CG  . HYP A 1 19 ? 11.688  3.761   15.665  1.00 17.33 ? 42  HYP A CG  1 
HETATM 121 C CD  . HYP A 1 19 ? 11.138  4.462   14.406  1.00 15.88 ? 42  HYP A CD  1 
HETATM 122 O OD1 . HYP A 1 19 ? 11.441  2.391   15.666  1.00 19.28 ? 42  HYP A OD1 1 
ATOM   123 N N   . GLY A 1 20 ? 8.185   6.064   17.669  1.00 14.07 ? 43  GLY A N   1 
ATOM   124 C CA  . GLY A 1 20 ? 7.619   7.288   18.195  1.00 13.60 ? 43  GLY A CA  1 
ATOM   125 C C   . GLY A 1 20 ? 8.648   8.171   18.887  1.00 14.63 ? 43  GLY A C   1 
ATOM   126 O O   . GLY A 1 20 ? 9.834   7.833   18.948  1.00 15.54 ? 43  GLY A O   1 
ATOM   127 N N   . PRO A 1 21 ? 8.204   9.324   19.402  1.00 14.91 ? 44  PRO A N   1 
ATOM   128 C CA  . PRO A 1 21 ? 9.080   10.240  20.141  1.00 15.33 ? 44  PRO A CA  1 
ATOM   129 C C   . PRO A 1 21 ? 9.664   9.583   21.390  1.00 15.76 ? 44  PRO A C   1 
ATOM   130 O O   . PRO A 1 21 ? 9.096   8.632   21.939  1.00 15.88 ? 44  PRO A O   1 
ATOM   131 C CB  . PRO A 1 21 ? 8.133   11.373  20.546  1.00 15.89 ? 44  PRO A CB  1 
ATOM   132 C CG  . PRO A 1 21 ? 7.019   11.316  19.544  1.00 15.77 ? 44  PRO A CG  1 
ATOM   133 C CD  . PRO A 1 21 ? 6.845   9.869   19.227  1.00 15.22 ? 44  PRO A CD  1 
HETATM 134 N N   . HYP A 1 22 ? 10.809  10.078  21.838  1.00 16.37 ? 45  HYP A N   1 
HETATM 135 C CA  . HYP A 1 22 ? 11.386  9.585   23.091  1.00 17.48 ? 45  HYP A CA  1 
HETATM 136 C C   . HYP A 1 22 ? 10.352  9.731   24.259  1.00 18.46 ? 45  HYP A C   1 
HETATM 137 O O   . HYP A 1 22 ? 9.604   10.725  24.311  1.00 18.28 ? 45  HYP A O   1 
HETATM 138 C CB  . HYP A 1 22 ? 12.582  10.469  23.379  1.00 17.59 ? 45  HYP A CB  1 
HETATM 139 C CG  . HYP A 1 22 ? 13.084  10.831  21.986  1.00 18.16 ? 45  HYP A CG  1 
HETATM 140 C CD  . HYP A 1 22 ? 11.759  11.076  21.292  1.00 16.88 ? 45  HYP A CD  1 
HETATM 141 O OD1 . HYP A 1 22 ? 13.782  9.824   21.353  1.00 19.63 ? 45  HYP A OD1 1 
ATOM   142 N N   . GLY A 1 23 ? 10.307  8.734   25.133  1.00 19.84 ? 46  GLY A N   1 
ATOM   143 C CA  . GLY A 1 23 ? 9.429   8.793   26.278  1.00 21.10 ? 46  GLY A CA  1 
ATOM   144 C C   . GLY A 1 23 ? 9.972   9.667   27.388  1.00 23.90 ? 46  GLY A C   1 
ATOM   145 O O   . GLY A 1 23 ? 11.083  10.202  27.297  1.00 23.53 ? 46  GLY A O   1 
ATOM   146 N N   . PRO A 1 24 ? 9.182   9.819   28.453  1.00 26.06 ? 47  PRO A N   1 
ATOM   147 C CA  . PRO A 1 24 ? 9.622   10.562  29.639  1.00 29.19 ? 47  PRO A CA  1 
ATOM   148 C C   . PRO A 1 24 ? 10.790  9.856   30.329  1.00 33.63 ? 47  PRO A C   1 
ATOM   149 O O   . PRO A 1 24 ? 11.092  8.703   30.025  1.00 32.61 ? 47  PRO A O   1 
ATOM   150 C CB  . PRO A 1 24 ? 8.380   10.547  30.540  1.00 28.15 ? 47  PRO A CB  1 
ATOM   151 C CG  . PRO A 1 24 ? 7.228   10.220  29.632  1.00 27.40 ? 47  PRO A CG  1 
ATOM   152 C CD  . PRO A 1 24 ? 7.808   9.310   28.594  1.00 26.97 ? 47  PRO A CD  1 
HETATM 153 N N   . HYP A 1 25 ? 11.439  10.550  31.255  1.00 39.19 ? 50  HYP A N   1 
HETATM 154 C CA  . HYP A 1 25 ? 12.516  10.053  31.891  1.00 42.61 ? 50  HYP A CA  1 
HETATM 155 C C   . HYP A 1 25 ? 12.145  8.886   32.786  1.00 47.17 ? 50  HYP A C   1 
HETATM 156 O O   . HYP A 1 25 ? 12.914  8.020   32.976  1.00 49.68 ? 50  HYP A O   1 
HETATM 157 C CB  . HYP A 1 25 ? 13.141  11.312  32.784  1.00 42.37 ? 50  HYP A CB  1 
HETATM 158 C CG  . HYP A 1 25 ? 12.926  12.367  32.040  1.00 41.48 ? 50  HYP A CG  1 
HETATM 159 C CD  . HYP A 1 25 ? 11.461  12.096  31.467  1.00 40.20 ? 50  HYP A CD  1 
HETATM 160 O OD1 . HYP A 1 25 ? 13.886  12.408  30.931  1.00 41.91 ? 50  HYP A OD1 1 
HETATM 161 N N   . NH2 A 1 26 ? 10.835  8.836   33.401  1.00 48.55 ? 51  NH2 A N   1 
HETATM 162 C C   . ACE B 1 1  ? -13.948 -12.124 -31.449 1.00 32.21 ? 24  ACE B C   1 
HETATM 163 O O   . ACE B 1 1  ? -15.014 -12.010 -30.928 1.00 32.73 ? 24  ACE B O   1 
HETATM 164 C CH3 . ACE B 1 1  ? -13.784 -12.976 -32.698 1.00 32.55 ? 24  ACE B CH3 1 
ATOM   165 N N   . GLY B 1 2  ? -12.791 -11.467 -30.875 1.00 31.56 ? 25  GLY B N   1 
ATOM   166 C CA  . GLY B 1 2  ? -11.444 -11.520 -31.429 1.00 30.20 ? 25  GLY B CA  1 
ATOM   167 C C   . GLY B 1 2  ? -10.439 -11.684 -30.290 1.00 29.00 ? 25  GLY B C   1 
ATOM   168 O O   . GLY B 1 2  ? -10.800 -12.094 -29.237 1.00 28.57 ? 25  GLY B O   1 
ATOM   169 N N   . PRO B 1 3  ? -9.202  -11.209 -30.497 1.00 27.64 ? 26  PRO B N   1 
ATOM   170 C CA  . PRO B 1 3  ? -8.142  -11.316 -29.486 1.00 26.27 ? 26  PRO B CA  1 
ATOM   171 C C   . PRO B 1 3  ? -8.506  -10.583 -28.201 1.00 24.35 ? 26  PRO B C   1 
ATOM   172 O O   . PRO B 1 3  ? -9.231  -9.586  -28.224 1.00 23.39 ? 26  PRO B O   1 
ATOM   173 C CB  . PRO B 1 3  ? -6.941  -10.629 -30.146 1.00 27.39 ? 26  PRO B CB  1 
ATOM   174 C CG  . PRO B 1 3  ? -7.337  -10.371 -31.577 1.00 28.15 ? 26  PRO B CG  1 
ATOM   175 C CD  . PRO B 1 3  ? -8.823  -10.313 -31.602 1.00 27.65 ? 26  PRO B CD  1 
HETATM 176 N N   . HYP B 1 4  ? -8.012  -11.096 -27.080 1.00 23.14 ? 27  HYP B N   1 
HETATM 177 C CA  . HYP B 1 4  ? -8.234  -10.445 -25.790 1.00 22.21 ? 27  HYP B CA  1 
HETATM 178 C C   . HYP B 1 4  ? -7.613  -9.037  -25.834 1.00 21.04 ? 27  HYP B C   1 
HETATM 179 O O   . HYP B 1 4  ? -6.626  -8.826  -26.561 1.00 21.24 ? 27  HYP B O   1 
HETATM 180 C CB  . HYP B 1 4  ? -7.467  -11.275 -24.756 1.00 22.61 ? 27  HYP B CB  1 
HETATM 181 C CG  . HYP B 1 4  ? -7.437  -12.673 -25.344 1.00 23.01 ? 27  HYP B CG  1 
HETATM 182 C CD  . HYP B 1 4  ? -7.264  -12.330 -26.836 1.00 22.85 ? 27  HYP B CD  1 
HETATM 183 O OD1 . HYP B 1 4  ? -8.584  -13.428 -25.112 1.00 22.91 ? 27  HYP B OD1 1 
ATOM   184 N N   . GLY B 1 5  ? -8.184  -8.106  -25.087 1.00 20.28 ? 28  GLY B N   1 
ATOM   185 C CA  . GLY B 1 5  ? -7.644  -6.762  -25.047 1.00 19.45 ? 28  GLY B CA  1 
ATOM   186 C C   . GLY B 1 5  ? -6.313  -6.734  -24.328 1.00 18.93 ? 28  GLY B C   1 
ATOM   187 O O   . GLY B 1 5  ? -5.831  -7.762  -23.850 1.00 18.43 ? 28  GLY B O   1 
ATOM   188 N N   . PRO B 1 6  ? -5.706  -5.546  -24.249 1.00 18.56 ? 29  PRO B N   1 
ATOM   189 C CA  . PRO B 1 6  ? -4.461  -5.402  -23.495 1.00 17.80 ? 29  PRO B CA  1 
ATOM   190 C C   . PRO B 1 6  ? -4.744  -5.559  -22.009 1.00 15.98 ? 29  PRO B C   1 
ATOM   191 O O   . PRO B 1 6  ? -5.896  -5.471  -21.592 1.00 15.92 ? 29  PRO B O   1 
ATOM   192 C CB  . PRO B 1 6  ? -4.043  -3.951  -23.764 1.00 18.81 ? 29  PRO B CB  1 
ATOM   193 C CG  . PRO B 1 6  ? -4.946  -3.447  -24.843 1.00 19.41 ? 29  PRO B CG  1 
ATOM   194 C CD  . PRO B 1 6  ? -6.194  -4.266  -24.785 1.00 19.11 ? 29  PRO B CD  1 
HETATM 195 N N   . HYP B 1 7  ? -3.707  -5.764  -21.213 1.00 15.25 ? 30  HYP B N   1 
HETATM 196 C CA  . HYP B 1 7  ? -3.893  -5.829  -19.743 1.00 14.65 ? 30  HYP B CA  1 
HETATM 197 C C   . HYP B 1 7  ? -4.545  -4.532  -19.186 1.00 14.40 ? 30  HYP B C   1 
HETATM 198 O O   . HYP B 1 7  ? -4.379  -3.449  -19.770 1.00 15.25 ? 30  HYP B O   1 
HETATM 199 C CB  . HYP B 1 7  ? -2.496  -5.964  -19.152 1.00 15.11 ? 30  HYP B CB  1 
HETATM 200 C CG  . HYP B 1 7  ? -1.731  -6.710  -20.227 1.00 16.21 ? 30  HYP B CG  1 
HETATM 201 C CD  . HYP B 1 7  ? -2.272  -5.998  -21.475 1.00 15.79 ? 30  HYP B CD  1 
HETATM 202 O OD1 . HYP B 1 7  ? -1.982  -8.063  -20.255 1.00 17.41 ? 30  HYP B OD1 1 
ATOM   203 N N   . GLY B 1 8  ? -5.279  -4.658  -18.091 1.00 13.30 ? 31  GLY B N   1 
ATOM   204 C CA  . GLY B 1 8  ? -5.887  -3.496  -17.482 1.00 13.28 ? 31  GLY B CA  1 
ATOM   205 C C   . GLY B 1 8  ? -4.889  -2.547  -16.860 1.00 13.75 ? 31  GLY B C   1 
ATOM   206 O O   . GLY B 1 8  ? -3.679  -2.820  -16.801 1.00 14.13 ? 31  GLY B O   1 
ATOM   207 N N   . PRO B 1 9  ? -5.394  -1.412  -16.369 1.00 14.14 ? 32  PRO B N   1 
ATOM   208 C CA  . PRO B 1 9  ? -4.548  -0.437  -15.685 1.00 13.87 ? 32  PRO B CA  1 
ATOM   209 C C   . PRO B 1 9  ? -4.110  -0.939  -14.306 1.00 12.85 ? 32  PRO B C   1 
ATOM   210 O O   . PRO B 1 9  ? -4.697  -1.863  -13.735 1.00 12.10 ? 32  PRO B O   1 
ATOM   211 C CB  . PRO B 1 9  ? -5.467  0.778   -15.561 1.00 15.00 ? 32  PRO B CB  1 
ATOM   212 C CG  . PRO B 1 9  ? -6.813  0.221   -15.523 1.00 15.52 ? 32  PRO B CG  1 
ATOM   213 C CD  . PRO B 1 9  ? -6.798  -0.975  -16.438 1.00 14.85 ? 32  PRO B CD  1 
HETATM 214 N N   . HYP B 1 10 ? -3.081  -0.301  -13.754 1.00 12.73 ? 33  HYP B N   1 
HETATM 215 C CA  . HYP B 1 10 ? -2.644  -0.625  -12.373 1.00 12.09 ? 33  HYP B CA  1 
HETATM 216 C C   . HYP B 1 10 ? -3.796  -0.428  -11.349 1.00 10.90 ? 33  HYP B C   1 
HETATM 217 O O   . HYP B 1 10 ? -4.631  0.485   -11.502 1.00 11.01 ? 33  HYP B O   1 
HETATM 218 C CB  . HYP B 1 10 ? -1.488  0.314   -12.036 1.00 12.91 ? 33  HYP B CB  1 
HETATM 219 C CG  . HYP B 1 10 ? -0.887  0.591   -13.397 1.00 13.84 ? 33  HYP B CG  1 
HETATM 220 C CD  . HYP B 1 10 ? -2.151  0.723   -14.251 1.00 13.93 ? 33  HYP B CD  1 
HETATM 221 O OD1 . HYP B 1 10 ? -0.082  -0.432  -13.860 1.00 14.23 ? 33  HYP B OD1 1 
ATOM   222 N N   . GLY B 1 11 ? -3.823  -1.301  -10.355 1.00 10.13 ? 34  GLY B N   1 
ATOM   223 C CA  . GLY B 1 11 ? -4.816  -1.256  -9.313  1.00 9.37  ? 34  GLY B CA  1 
ATOM   224 C C   . GLY B 1 11 ? -4.670  -0.058  -8.402  1.00 8.59  ? 34  GLY B C   1 
ATOM   225 O O   . GLY B 1 11 ? -3.731  0.752   -8.538  1.00 9.20  ? 34  GLY B O   1 
ATOM   226 N N   . PRO B 1 12 ? -5.589  0.045   -7.449  1.00 8.52  ? 35  PRO B N   1 
ATOM   227 C CA  . PRO B 1 12 ? -5.522  1.120   -6.457  1.00 9.16  ? 35  PRO B CA  1 
ATOM   228 C C   . PRO B 1 12 ? -4.267  1.016   -5.609  1.00 9.00  ? 35  PRO B C   1 
ATOM   229 O O   . PRO B 1 12 ? -3.655  -0.044  -5.475  1.00 8.60  ? 35  PRO B O   1 
ATOM   230 C CB  . PRO B 1 12 ? -6.759  0.862   -5.589  1.00 8.82  ? 35  PRO B CB  1 
ATOM   231 C CG  . PRO B 1 12 ? -7.703  0.128   -6.513  1.00 8.85  ? 35  PRO B CG  1 
ATOM   232 C CD  . PRO B 1 12 ? -6.812  -0.758  -7.304  1.00 8.52  ? 35  PRO B CD  1 
ATOM   233 N N   . GLN B 1 13 ? -3.890  2.145   -5.030  1.00 9.15  ? 36  GLN B N   1 
ATOM   234 C CA  . GLN B 1 13 ? -2.803  2.155   -4.074  1.00 10.32 ? 36  GLN B CA  1 
ATOM   235 C C   . GLN B 1 13 ? -3.174  1.306   -2.862  1.00 9.97  ? 36  GLN B C   1 
ATOM   236 O O   . GLN B 1 13 ? -4.338  1.226   -2.460  1.00 9.96  ? 36  GLN B O   1 
ATOM   237 C CB  . GLN B 1 13 ? -2.553  3.592   -3.634  1.00 10.02 ? 36  GLN B CB  1 
ATOM   238 C CG  . GLN B 1 13 ? -1.337  3.689   -2.730  1.00 10.78 ? 36  GLN B CG  1 
ATOM   239 C CD  . GLN B 1 13 ? -0.974  5.096   -2.346  1.00 12.36 ? 36  GLN B CD  1 
ATOM   240 O OE1 . GLN B 1 13 ? -1.834  5.969   -2.258  1.00 13.53 ? 36  GLN B OE1 1 
ATOM   241 N NE2 . GLN B 1 13 ? 0.304   5.316   -2.073  1.00 12.53 ? 36  GLN B NE2 1 
ATOM   242 N N   . GLY B 1 14 ? -2.171  0.649   -2.294  1.00 9.81  ? 37  GLY B N   1 
ATOM   243 C CA  . GLY B 1 14 ? -2.357  -0.114  -1.080  1.00 10.07 ? 37  GLY B CA  1 
ATOM   244 C C   . GLY B 1 14 ? -2.707  0.754   0.118   1.00 10.23 ? 37  GLY B C   1 
ATOM   245 O O   . GLY B 1 14 ? -2.613  1.984   0.110   1.00 11.04 ? 37  GLY B O   1 
ATOM   246 N N   . PHE B 1 15 ? -3.100  0.085   1.189   1.00 10.38 ? 38  PHE B N   1 
ATOM   247 C CA  . PHE B 1 15 ? -3.420  0.793   2.425   1.00 11.70 ? 38  PHE B CA  1 
ATOM   248 C C   . PHE B 1 15 ? -2.191  1.400   3.089   1.00 10.94 ? 38  PHE B C   1 
ATOM   249 O O   . PHE B 1 15 ? -1.068  0.937   2.905   1.00 10.31 ? 38  PHE B O   1 
ATOM   250 C CB  . PHE B 1 15 ? -4.186  -0.137  3.366   1.00 14.22 ? 38  PHE B CB  1 
ATOM   251 C CG  . PHE B 1 15 ? -5.600  -0.375  2.930   1.00 16.01 ? 38  PHE B CG  1 
ATOM   252 C CD1 . PHE B 1 15 ? -6.615  0.507   3.294   1.00 16.89 ? 38  PHE B CD1 1 
ATOM   253 C CD2 . PHE B 1 15 ? -5.916  -1.465  2.125   1.00 16.88 ? 38  PHE B CD2 1 
ATOM   254 C CE1 . PHE B 1 15 ? -7.922  0.282   2.874   1.00 17.01 ? 38  PHE B CE1 1 
ATOM   255 C CE2 . PHE B 1 15 ? -7.213  -1.682  1.701   1.00 16.98 ? 38  PHE B CE2 1 
ATOM   256 C CZ  . PHE B 1 15 ? -8.210  -0.807  2.071   1.00 16.96 ? 38  PHE B CZ  1 
HETATM 257 N N   . HYP B 1 16 ? -2.412  2.458   3.849   1.00 10.93 ? 39  HYP B N   1 
HETATM 258 C CA  . HYP B 1 16 ? -1.318  3.080   4.597   1.00 11.04 ? 39  HYP B CA  1 
HETATM 259 C C   . HYP B 1 16 ? -0.665  2.041   5.547   1.00 10.65 ? 39  HYP B C   1 
HETATM 260 O O   . HYP B 1 16 ? -1.356  1.136   6.041   1.00 11.91 ? 39  HYP B O   1 
HETATM 261 C CB  . HYP B 1 16 ? -1.952  4.211   5.400   1.00 11.48 ? 39  HYP B CB  1 
HETATM 262 C CG  . HYP B 1 16 ? -3.178  4.597   4.604   1.00 13.08 ? 39  HYP B CG  1 
HETATM 263 C CD  . HYP B 1 16 ? -3.636  3.208   4.139   1.00 12.33 ? 39  HYP B CD  1 
HETATM 264 O OD1 . HYP B 1 16 ? -2.911  5.403   3.528   1.00 14.13 ? 39  HYP B OD1 1 
ATOM   265 N N   . GLY B 1 17 ? 0.634   2.173   5.776   1.00 10.40 ? 40  GLY B N   1 
ATOM   266 C CA  . GLY B 1 17 ? 1.317   1.252   6.651   1.00 11.20 ? 40  GLY B CA  1 
ATOM   267 C C   . GLY B 1 17 ? 0.852   1.318   8.086   1.00 12.47 ? 40  GLY B C   1 
ATOM   268 O O   . GLY B 1 17 ? 0.172   2.252   8.486   1.00 13.55 ? 40  GLY B O   1 
ATOM   269 N N   . PRO B 1 18 ? 1.216   0.314   8.877   1.00 13.17 ? 41  PRO B N   1 
ATOM   270 C CA  . PRO B 1 18 ? 0.864   0.354   10.297  1.00 14.05 ? 41  PRO B CA  1 
ATOM   271 C C   . PRO B 1 18 ? 1.690   1.388   11.042  1.00 14.24 ? 41  PRO B C   1 
ATOM   272 O O   . PRO B 1 18 ? 2.729   1.837   10.563  1.00 13.73 ? 41  PRO B O   1 
ATOM   273 C CB  . PRO B 1 18 ? 1.233   -1.041  10.784  1.00 14.84 ? 41  PRO B CB  1 
ATOM   274 C CG  . PRO B 1 18 ? 2.253   -1.532  9.822   1.00 16.11 ? 41  PRO B CG  1 
ATOM   275 C CD  . PRO B 1 18 ? 2.000   -0.876  8.511   1.00 14.68 ? 41  PRO B CD  1 
HETATM 276 N N   . HYP B 1 19 ? 1.226   1.761   12.220  1.00 15.48 ? 42  HYP B N   1 
HETATM 277 C CA  . HYP B 1 19 ? 1.999   2.685   13.063  1.00 15.65 ? 42  HYP B CA  1 
HETATM 278 C C   . HYP B 1 19 ? 3.392   2.096   13.425  1.00 16.03 ? 42  HYP B C   1 
HETATM 279 O O   . HYP B 1 19 ? 3.569   0.863   13.485  1.00 16.22 ? 42  HYP B O   1 
HETATM 280 C CB  . HYP B 1 19 ? 1.182   2.859   14.350  1.00 16.06 ? 42  HYP B CB  1 
HETATM 281 C CG  . HYP B 1 19 ? -0.261  2.611   13.887  1.00 16.64 ? 42  HYP B CG  1 
HETATM 282 C CD  . HYP B 1 19 ? -0.037  1.467   12.923  1.00 16.64 ? 42  HYP B CD  1 
HETATM 283 O OD1 . HYP B 1 19 ? -0.841  3.688   13.222  1.00 17.51 ? 42  HYP B OD1 1 
ATOM   284 N N   . GLY B 1 20 ? 4.353   2.979   13.650  1.00 16.09 ? 43  GLY B N   1 
ATOM   285 C CA  . GLY B 1 20 ? 5.653   2.521   14.072  1.00 16.33 ? 43  GLY B CA  1 
ATOM   286 C C   . GLY B 1 20 ? 5.555   2.062   15.511  1.00 16.88 ? 43  GLY B C   1 
ATOM   287 O O   . GLY B 1 20 ? 4.520   2.254   16.155  1.00 16.75 ? 43  GLY B O   1 
ATOM   288 N N   . PRO B 1 21 ? 6.625   1.443   16.023  1.00 17.46 ? 44  PRO B N   1 
ATOM   289 C CA  . PRO B 1 21 ? 6.635   0.986   17.407  1.00 18.26 ? 44  PRO B CA  1 
ATOM   290 C C   . PRO B 1 21 ? 6.756   2.156   18.369  1.00 19.41 ? 44  PRO B C   1 
ATOM   291 O O   . PRO B 1 21 ? 6.983   3.299   17.958  1.00 18.91 ? 44  PRO B O   1 
ATOM   292 C CB  . PRO B 1 21 ? 7.908   0.145   17.466  1.00 18.39 ? 44  PRO B CB  1 
ATOM   293 C CG  . PRO B 1 21 ? 8.801   0.787   16.484  1.00 18.47 ? 44  PRO B CG  1 
ATOM   294 C CD  . PRO B 1 21 ? 7.908   1.174   15.352  1.00 18.12 ? 44  PRO B CD  1 
HETATM 295 N N   . HYP B 1 22 ? 6.586   1.868   19.653  1.00 20.57 ? 45  HYP B N   1 
HETATM 296 C CA  . HYP B 1 22 ? 6.822   2.881   20.691  1.00 20.61 ? 45  HYP B CA  1 
HETATM 297 C C   . HYP B 1 22 ? 8.238   3.477   20.559  1.00 20.03 ? 45  HYP B C   1 
HETATM 298 O O   . HYP B 1 22 ? 9.176   2.758   20.177  1.00 20.27 ? 45  HYP B O   1 
HETATM 299 C CB  . HYP B 1 22 ? 6.783   2.116   22.006  1.00 21.36 ? 45  HYP B CB  1 
HETATM 300 C CG  . HYP B 1 22 ? 5.691   1.114   21.768  1.00 21.98 ? 45  HYP B CG  1 
HETATM 301 C CD  . HYP B 1 22 ? 6.110   0.653   20.363  1.00 21.45 ? 45  HYP B CD  1 
HETATM 302 O OD1 . HYP B 1 22 ? 4.435   1.681   21.786  1.00 22.80 ? 45  HYP B OD1 1 
ATOM   303 N N   . GLY B 1 23 ? 8.371   4.763   20.852  1.00 19.28 ? 46  GLY B N   1 
ATOM   304 C CA  . GLY B 1 23 ? 9.668   5.406   20.828  1.00 19.36 ? 46  GLY B CA  1 
ATOM   305 C C   . GLY B 1 23 ? 10.602  4.848   21.879  1.00 20.17 ? 46  GLY B C   1 
ATOM   306 O O   . GLY B 1 23 ? 10.213  4.006   22.695  1.00 20.68 ? 46  GLY B O   1 
ATOM   307 N N   . PRO B 1 24 ? 11.853  5.307   21.859  1.00 21.15 ? 47  PRO B N   1 
ATOM   308 C CA  . PRO B 1 24 ? 12.823  4.901   22.879  1.00 22.22 ? 47  PRO B CA  1 
ATOM   309 C C   . PRO B 1 24 ? 12.386  5.373   24.266  1.00 22.31 ? 47  PRO B C   1 
ATOM   310 O O   . PRO B 1 24 ? 11.591  6.297   24.391  1.00 21.21 ? 47  PRO B O   1 
ATOM   311 C CB  . PRO B 1 24 ? 14.126  5.571   22.426  1.00 22.72 ? 47  PRO B CB  1 
ATOM   312 C CG  . PRO B 1 24 ? 13.735  6.577   21.438  1.00 22.13 ? 47  PRO B CG  1 
ATOM   313 C CD  . PRO B 1 24 ? 12.443  6.177   20.832  1.00 21.19 ? 47  PRO B CD  1 
HETATM 314 N N   . HYP B 1 25 ? 12.907  4.730   25.298  1.00 24.55 ? 50  HYP B N   1 
HETATM 315 C CA  . HYP B 1 25 ? 12.514  4.985   26.556  1.00 26.46 ? 50  HYP B CA  1 
HETATM 316 C C   . HYP B 1 25 ? 12.952  6.367   26.988  1.00 29.75 ? 50  HYP B C   1 
HETATM 317 O O   . HYP B 1 25 ? 13.941  6.828   26.562  1.00 31.12 ? 50  HYP B O   1 
HETATM 318 C CB  . HYP B 1 25 ? 13.219  3.818   27.512  1.00 25.76 ? 50  HYP B CB  1 
HETATM 319 C CG  . HYP B 1 25 ? 13.424  2.790   26.718  1.00 24.77 ? 50  HYP B CG  1 
HETATM 320 C CD  . HYP B 1 25 ? 13.758  3.432   25.301  1.00 24.36 ? 50  HYP B CD  1 
HETATM 321 O OD1 . HYP B 1 25 ? 12.190  2.021   26.529  1.00 24.24 ? 50  HYP B OD1 1 
HETATM 322 N N   . NH2 B 1 26 ? 12.138  7.120   27.916  1.00 33.57 ? 51  NH2 B N   1 
HETATM 323 C C   . ACE C 1 1  ? -13.416 -7.587  -30.299 1.00 28.78 ? 24  ACE C C   1 
HETATM 324 O O   . ACE C 1 1  ? -13.965 -6.630  -30.743 1.00 30.44 ? 24  ACE C O   1 
HETATM 325 C CH3 . ACE C 1 1  ? -12.311 -8.260  -31.097 1.00 29.55 ? 24  ACE C CH3 1 
ATOM   326 N N   . GLY C 1 2  ? -13.798 -8.086  -28.997 1.00 26.49 ? 25  GLY C N   1 
ATOM   327 C CA  . GLY C 1 2  ? -13.190 -9.255  -28.381 1.00 24.06 ? 25  GLY C CA  1 
ATOM   328 C C   . GLY C 1 2  ? -13.336 -9.125  -26.864 1.00 22.73 ? 25  GLY C C   1 
ATOM   329 O O   . GLY C 1 2  ? -13.992 -8.247  -26.412 1.00 23.21 ? 25  GLY C O   1 
ATOM   330 N N   . PRO C 1 3  ? -12.788 -10.080 -26.100 1.00 20.83 ? 26  PRO C N   1 
ATOM   331 C CA  . PRO C 1 3  ? -12.983 -9.999  -24.646 1.00 20.14 ? 26  PRO C CA  1 
ATOM   332 C C   . PRO C 1 3  ? -12.056 -9.027  -23.933 1.00 18.97 ? 26  PRO C C   1 
ATOM   333 O O   . PRO C 1 3  ? -11.001 -8.634  -24.451 1.00 18.94 ? 26  PRO C O   1 
ATOM   334 C CB  . PRO C 1 3  ? -12.696 -11.426 -24.178 1.00 19.82 ? 26  PRO C CB  1 
ATOM   335 C CG  . PRO C 1 3  ? -11.732 -11.964 -25.182 1.00 19.96 ? 26  PRO C CG  1 
ATOM   336 C CD  . PRO C 1 3  ? -12.047 -11.289 -26.497 1.00 20.23 ? 26  PRO C CD  1 
HETATM 337 N N   . HYP C 1 4  ? -12.463 -8.637  -22.732 1.00 17.97 ? 27  HYP C N   1 
HETATM 338 C CA  . HYP C 1 4  ? -11.577 -7.780  -21.903 1.00 17.22 ? 27  HYP C CA  1 
HETATM 339 C C   . HYP C 1 4  ? -10.202 -8.482  -21.713 1.00 16.13 ? 27  HYP C C   1 
HETATM 340 O O   . HYP C 1 4  ? -10.151 -9.723  -21.662 1.00 16.42 ? 27  HYP C O   1 
HETATM 341 C CB  . HYP C 1 4  ? -12.262 -7.605  -20.550 1.00 17.16 ? 27  HYP C CB  1 
HETATM 342 C CG  . HYP C 1 4  ? -13.748 -7.652  -20.896 1.00 17.86 ? 27  HYP C CG  1 
HETATM 343 C CD  . HYP C 1 4  ? -13.743 -8.781  -21.974 1.00 18.35 ? 27  HYP C CD  1 
HETATM 344 O OD1 . HYP C 1 4  ? -14.262 -6.436  -21.339 1.00 18.46 ? 27  HYP C OD1 1 
ATOM   345 N N   . GLY C 1 5  ? -9.128  -7.705  -21.636 1.00 15.55 ? 28  GLY C N   1 
ATOM   346 C CA  . GLY C 1 5  ? -7.805  -8.283  -21.456 1.00 14.91 ? 28  GLY C CA  1 
ATOM   347 C C   . GLY C 1 5  ? -7.596  -8.780  -20.042 1.00 14.47 ? 28  GLY C C   1 
ATOM   348 O O   . GLY C 1 5  ? -8.502  -8.724  -19.226 1.00 15.06 ? 28  GLY C O   1 
ATOM   349 N N   . PRO C 1 6  ? -6.388  -9.260  -19.741 1.00 13.96 ? 29  PRO C N   1 
ATOM   350 C CA  . PRO C 1 6  ? -6.028  -9.695  -18.387 1.00 13.47 ? 29  PRO C CA  1 
ATOM   351 C C   . PRO C 1 6  ? -6.139  -8.555  -17.371 1.00 13.58 ? 29  PRO C C   1 
ATOM   352 O O   . PRO C 1 6  ? -6.085  -7.380  -17.717 1.00 13.40 ? 29  PRO C O   1 
ATOM   353 C CB  . PRO C 1 6  ? -4.568  -10.131 -18.538 1.00 14.17 ? 29  PRO C CB  1 
ATOM   354 C CG  . PRO C 1 6  ? -4.383  -10.376 -20.017 1.00 14.56 ? 29  PRO C CG  1 
ATOM   355 C CD  . PRO C 1 6  ? -5.289  -9.425  -20.703 1.00 14.23 ? 29  PRO C CD  1 
HETATM 356 N N   . HYP C 1 7  ? -6.312  -8.922  -16.115 1.00 12.94 ? 30  HYP C N   1 
HETATM 357 C CA  . HYP C 1 7  ? -6.359  -7.921  -15.035 1.00 12.57 ? 30  HYP C CA  1 
HETATM 358 C C   . HYP C 1 7  ? -5.028  -7.131  -15.005 1.00 11.82 ? 30  HYP C C   1 
HETATM 359 O O   . HYP C 1 7  ? -3.961  -7.686  -15.323 1.00 12.51 ? 30  HYP C O   1 
HETATM 360 C CB  . HYP C 1 7  ? -6.519  -8.701  -13.748 1.00 13.03 ? 30  HYP C CB  1 
HETATM 361 C CG  . HYP C 1 7  ? -7.188  -10.007 -14.201 1.00 13.63 ? 30  HYP C CG  1 
HETATM 362 C CD  . HYP C 1 7  ? -6.462  -10.244 -15.515 1.00 13.33 ? 30  HYP C CD  1 
HETATM 363 O OD1 . HYP C 1 7  ? -8.549  -9.902  -14.459 1.00 14.67 ? 30  HYP C OD1 1 
ATOM   364 N N   . GLY C 1 8  ? -5.107  -5.862  -14.646 1.00 11.52 ? 31  GLY C N   1 
ATOM   365 C CA  . GLY C 1 8  ? -3.912  -5.053  -14.571 1.00 10.77 ? 31  GLY C CA  1 
ATOM   366 C C   . GLY C 1 8  ? -2.986  -5.423  -13.431 1.00 11.07 ? 31  GLY C C   1 
ATOM   367 O O   . GLY C 1 8  ? -3.306  -6.276  -12.589 1.00 10.72 ? 31  GLY C O   1 
ATOM   368 N N   . PRO C 1 9  ? -1.825  -4.761  -13.386 1.00 11.27 ? 32  PRO C N   1 
ATOM   369 C CA  . PRO C 1 9  ? -0.858  -5.000  -12.309 1.00 10.68 ? 32  PRO C CA  1 
ATOM   370 C C   . PRO C 1 9  ? -1.400  -4.578  -10.963 1.00 9.62  ? 32  PRO C C   1 
ATOM   371 O O   . PRO C 1 9  ? -2.226  -3.699  -10.885 1.00 9.50  ? 32  PRO C O   1 
ATOM   372 C CB  . PRO C 1 9  ? 0.311   -4.084  -12.677 1.00 11.34 ? 32  PRO C CB  1 
ATOM   373 C CG  . PRO C 1 9  ? 0.152   -3.754  -14.102 1.00 12.44 ? 32  PRO C CG  1 
ATOM   374 C CD  . PRO C 1 9  ? -1.324  -3.804  -14.385 1.00 12.01 ? 32  PRO C CD  1 
HETATM 375 N N   . HYP C 1 10 ? -0.927  -5.209  -9.902  1.00 9.12  ? 33  HYP C N   1 
HETATM 376 C CA  . HYP C 1 10 ? -1.236  -4.716  -8.534  1.00 9.64  ? 33  HYP C CA  1 
HETATM 377 C C   . HYP C 1 10 ? -0.862  -3.208  -8.432  1.00 9.26  ? 33  HYP C C   1 
HETATM 378 O O   . HYP C 1 10 ? 0.129   -2.767  -9.051  1.00 9.87  ? 33  HYP C O   1 
HETATM 379 C CB  . HYP C 1 10 ? -0.316  -5.507  -7.618  1.00 9.54  ? 33  HYP C CB  1 
HETATM 380 C CG  . HYP C 1 10 ? -0.270  -6.860  -8.325  1.00 9.66  ? 33  HYP C CG  1 
HETATM 381 C CD  . HYP C 1 10 ? -0.072  -6.377  -9.776  1.00 9.30  ? 33  HYP C CD  1 
HETATM 382 O OD1 . HYP C 1 10 ? -1.429  -7.627  -8.185  1.00 9.98  ? 33  HYP C OD1 1 
ATOM   383 N N   . GLY C 1 11 ? -1.656  -2.445  -7.696  1.00 9.11  ? 34  GLY C N   1 
ATOM   384 C CA  . GLY C 1 11 ? -1.380  -1.031  -7.541  1.00 9.72  ? 34  GLY C CA  1 
ATOM   385 C C   . GLY C 1 11 ? -0.110  -0.686  -6.776  1.00 9.92  ? 34  GLY C C   1 
ATOM   386 O O   . GLY C 1 11 ? 0.596   -1.565  -6.259  1.00 10.10 ? 34  GLY C O   1 
ATOM   387 N N   . PRO C 1 12 ? 0.184   0.609   -6.696  1.00 10.55 ? 35  PRO C N   1 
ATOM   388 C CA  . PRO C 1 12 ? 1.370   1.053   -5.960  1.00 10.66 ? 35  PRO C CA  1 
ATOM   389 C C   . PRO C 1 12 ? 1.242   0.714   -4.484  1.00 10.87 ? 35  PRO C C   1 
ATOM   390 O O   . PRO C 1 12 ? 0.144   0.582   -3.936  1.00 11.31 ? 35  PRO C O   1 
ATOM   391 C CB  . PRO C 1 12 ? 1.370   2.575   -6.157  1.00 11.78 ? 35  PRO C CB  1 
ATOM   392 C CG  . PRO C 1 12 ? 0.402   2.863   -7.212  1.00 11.84 ? 35  PRO C CG  1 
ATOM   393 C CD  . PRO C 1 12 ? -0.567  1.727   -7.285  1.00 10.75 ? 35  PRO C CD  1 
ATOM   394 N N   . GLN C 1 13 ? 2.393   0.585   -3.835  1.00 10.73 ? 36  GLN C N   1 
ATOM   395 C CA  . GLN C 1 13 ? 2.393   0.370   -2.397  1.00 10.85 ? 36  GLN C CA  1 
ATOM   396 C C   . GLN C 1 13 ? 1.806   1.579   -1.672  1.00 10.57 ? 36  GLN C C   1 
ATOM   397 O O   . GLN C 1 13 ? 1.972   2.726   -2.092  1.00 10.96 ? 36  GLN C O   1 
ATOM   398 C CB  . GLN C 1 13 ? 3.831   0.172   -1.919  1.00 12.06 ? 36  GLN C CB  1 
ATOM   399 C CG  . GLN C 1 13 ? 3.891   -0.161  -0.455  1.00 13.15 ? 36  GLN C CG  1 
ATOM   400 C CD  . GLN C 1 13 ? 5.283   -0.401  0.045   1.00 16.07 ? 36  GLN C CD  1 
ATOM   401 O OE1 . GLN C 1 13 ? 6.256   0.109   -0.515  1.00 17.94 ? 36  GLN C OE1 1 
ATOM   402 N NE2 . GLN C 1 13 ? 5.391   -1.160  1.129   1.00 16.76 ? 36  GLN C NE2 1 
ATOM   403 N N   . GLY C 1 14 ? 1.133   1.324   -0.560  1.00 10.48 ? 37  GLY C N   1 
ATOM   404 C CA  . GLY C 1 14 ? 0.655   2.420   0.268   1.00 9.99  ? 37  GLY C CA  1 
ATOM   405 C C   . GLY C 1 14 ? 1.791   3.235   0.858   1.00 10.51 ? 37  GLY C C   1 
ATOM   406 O O   . GLY C 1 14 ? 2.965   2.870   0.827   1.00 10.86 ? 37  GLY C O   1 
ATOM   407 N N   . PHE C 1 15 ? 1.417   4.398   1.371   1.00 10.28 ? 38  PHE C N   1 
ATOM   408 C CA  . PHE C 1 15 ? 2.362   5.268   2.047   1.00 10.14 ? 38  PHE C CA  1 
ATOM   409 C C   . PHE C 1 15 ? 2.760   4.702   3.415   1.00 10.84 ? 38  PHE C C   1 
ATOM   410 O O   . PHE C 1 15 ? 2.054   3.902   4.005   1.00 11.13 ? 38  PHE C O   1 
ATOM   411 C CB  . PHE C 1 15 ? 1.772   6.671   2.153   1.00 11.39 ? 38  PHE C CB  1 
ATOM   412 C CG  . PHE C 1 15 ? 1.587   7.344   0.827   1.00 11.71 ? 38  PHE C CG  1 
ATOM   413 C CD1 . PHE C 1 15 ? 2.639   7.463   -0.067  1.00 12.49 ? 38  PHE C CD1 1 
ATOM   414 C CD2 . PHE C 1 15 ? 0.357   7.854   0.471   1.00 11.77 ? 38  PHE C CD2 1 
ATOM   415 C CE1 . PHE C 1 15 ? 2.462   8.091   -1.283  1.00 12.93 ? 38  PHE C CE1 1 
ATOM   416 C CE2 . PHE C 1 15 ? 0.183   8.486   -0.760  1.00 12.51 ? 38  PHE C CE2 1 
ATOM   417 C CZ  . PHE C 1 15 ? 1.223   8.591   -1.634  1.00 12.70 ? 38  PHE C CZ  1 
HETATM 418 N N   . HYP C 1 16 ? 3.891   5.152   3.938   1.00 10.61 ? 39  HYP C N   1 
HETATM 419 C CA  . HYP C 1 16 ? 4.362   4.664   5.254   1.00 11.65 ? 39  HYP C CA  1 
HETATM 420 C C   . HYP C 1 16 ? 3.349   5.012   6.375   1.00 11.94 ? 39  HYP C C   1 
HETATM 421 O O   . HYP C 1 16 ? 2.628   6.019   6.269   1.00 12.95 ? 39  HYP C O   1 
HETATM 422 C CB  . HYP C 1 16 ? 5.663   5.409   5.535   1.00 12.21 ? 39  HYP C CB  1 
HETATM 423 C CG  . HYP C 1 16 ? 6.215   5.698   4.157   1.00 12.09 ? 39  HYP C CG  1 
HETATM 424 C CD  . HYP C 1 16 ? 4.927   6.095   3.434   1.00 11.42 ? 39  HYP C CD  1 
HETATM 425 O OD1 . HYP C 1 16 ? 6.793   4.600   3.538   1.00 13.58 ? 39  HYP C OD1 1 
ATOM   426 N N   . GLY C 1 17 ? 3.314   4.194   7.412   1.00 12.07 ? 40  GLY C N   1 
ATOM   427 C CA  . GLY C 1 17 ? 2.469   4.460   8.550   1.00 13.23 ? 40  GLY C CA  1 
ATOM   428 C C   . GLY C 1 17 ? 2.931   5.646   9.367   1.00 14.36 ? 40  GLY C C   1 
ATOM   429 O O   . GLY C 1 17 ? 4.042   6.170   9.183   1.00 13.85 ? 40  GLY C O   1 
ATOM   430 N N   . PRO C 1 18 ? 2.072   6.091   10.283  1.00 15.76 ? 41  PRO C N   1 
ATOM   431 C CA  . PRO C 1 18 ? 2.429   7.204   11.167  1.00 16.32 ? 41  PRO C CA  1 
ATOM   432 C C   . PRO C 1 18 ? 3.490   6.801   12.184  1.00 15.96 ? 41  PRO C C   1 
ATOM   433 O O   . PRO C 1 18 ? 3.731   5.618   12.418  1.00 16.11 ? 41  PRO C O   1 
ATOM   434 C CB  . PRO C 1 18 ? 1.111   7.525   11.870  1.00 17.10 ? 41  PRO C CB  1 
ATOM   435 C CG  . PRO C 1 18 ? 0.349   6.283   11.850  1.00 17.36 ? 41  PRO C CG  1 
ATOM   436 C CD  . PRO C 1 18 ? 0.745   5.532   10.595  1.00 16.71 ? 41  PRO C CD  1 
HETATM 437 N N   . HYP C 1 19 ? 4.146   7.792   12.772  1.00 16.53 ? 42  HYP C N   1 
HETATM 438 C CA  . HYP C 1 19 ? 5.114   7.531   13.850  1.00 16.78 ? 42  HYP C CA  1 
HETATM 439 C C   . HYP C 1 19 ? 4.395   6.806   15.034  1.00 17.14 ? 42  HYP C C   1 
HETATM 440 O O   . HYP C 1 19 ? 3.195   7.040   15.268  1.00 18.09 ? 42  HYP C O   1 
HETATM 441 C CB  . HYP C 1 19 ? 5.617   8.910   14.303  1.00 18.44 ? 42  HYP C CB  1 
HETATM 442 C CG  . HYP C 1 19 ? 5.389   9.830   13.109  1.00 19.19 ? 42  HYP C CG  1 
HETATM 443 C CD  . HYP C 1 19 ? 4.083   9.243   12.556  1.00 17.63 ? 42  HYP C CD  1 
HETATM 444 O OD1 . HYP C 1 19 ? 6.389   9.809   12.153  1.00 21.20 ? 42  HYP C OD1 1 
ATOM   445 N N   . GLY C 1 20 ? 5.112   5.950   15.752  1.00 17.25 ? 43  GLY C N   1 
ATOM   446 C CA  . GLY C 1 20 ? 4.519   5.271   16.885  1.00 17.49 ? 43  GLY C CA  1 
ATOM   447 C C   . GLY C 1 20 ? 4.239   6.210   18.044  1.00 17.53 ? 43  GLY C C   1 
ATOM   448 O O   . GLY C 1 20 ? 4.519   7.417   17.978  1.00 16.98 ? 43  GLY C O   1 
ATOM   449 N N   . PRO C 1 21 ? 3.664   5.673   19.121  1.00 18.77 ? 44  PRO C N   1 
ATOM   450 C CA  . PRO C 1 21 ? 3.425   6.548   20.277  1.00 19.83 ? 44  PRO C CA  1 
ATOM   451 C C   . PRO C 1 21 ? 4.715   6.894   21.009  1.00 19.48 ? 44  PRO C C   1 
ATOM   452 O O   . PRO C 1 21 ? 5.751   6.277   20.781  1.00 19.50 ? 44  PRO C O   1 
ATOM   453 C CB  . PRO C 1 21 ? 2.517   5.699   21.168  1.00 20.97 ? 44  PRO C CB  1 
ATOM   454 C CG  . PRO C 1 21 ? 2.844   4.292   20.807  1.00 21.28 ? 44  PRO C CG  1 
ATOM   455 C CD  . PRO C 1 21 ? 3.210   4.292   19.349  1.00 20.09 ? 44  PRO C CD  1 
HETATM 456 N N   . HYP C 1 22 ? 4.647   7.889   21.881  1.00 19.25 ? 45  HYP C N   1 
HETATM 457 C CA  . HYP C 1 22 ? 5.811   8.222   22.719  1.00 20.09 ? 45  HYP C CA  1 
HETATM 458 C C   . HYP C 1 22 ? 6.335   6.948   23.473  1.00 20.61 ? 45  HYP C C   1 
HETATM 459 O O   . HYP C 1 22 ? 5.539   6.050   23.818  1.00 21.01 ? 45  HYP C O   1 
HETATM 460 C CB  . HYP C 1 22 ? 5.338   9.299   23.682  1.00 20.38 ? 45  HYP C CB  1 
HETATM 461 C CG  . HYP C 1 22 ? 4.317   10.083  22.866  1.00 20.84 ? 45  HYP C CG  1 
HETATM 462 C CD  . HYP C 1 22 ? 3.608   8.917   22.164  1.00 20.23 ? 45  HYP C CD  1 
HETATM 463 O OD1 . HYP C 1 22 ? 4.855   10.979  21.957  1.00 21.73 ? 45  HYP C OD1 1 
ATOM   464 N N   . GLY C 1 23 ? 7.646   6.875   23.657  1.00 20.86 ? 46  GLY C N   1 
ATOM   465 C CA  . GLY C 1 23 ? 8.249   5.774   24.375  1.00 21.28 ? 46  GLY C CA  1 
ATOM   466 C C   . GLY C 1 23 ? 7.743   5.673   25.800  1.00 22.38 ? 46  GLY C C   1 
ATOM   467 O O   . GLY C 1 23 ? 7.152   6.614   26.324  1.00 22.12 ? 46  GLY C O   1 
ATOM   468 N N   . PRO C 1 24 ? 7.951   4.509   26.423  1.00 23.71 ? 47  PRO C N   1 
ATOM   469 C CA  . PRO C 1 24 ? 7.611   4.320   27.831  1.00 25.46 ? 47  PRO C CA  1 
ATOM   470 C C   . PRO C 1 24 ? 8.598   5.100   28.675  1.00 26.51 ? 47  PRO C C   1 
ATOM   471 O O   . PRO C 1 24 ? 9.668   5.447   28.178  1.00 27.00 ? 47  PRO C O   1 
ATOM   472 C CB  . PRO C 1 24 ? 7.838   2.821   28.044  1.00 25.47 ? 47  PRO C CB  1 
ATOM   473 C CG  . PRO C 1 24 ? 8.813   2.424   27.001  1.00 25.26 ? 47  PRO C CG  1 
ATOM   474 C CD  . PRO C 1 24 ? 8.521   3.294   25.817  1.00 24.82 ? 47  PRO C CD  1 
HETATM 475 N N   . HYP C 1 25 ? 8.248   5.375   29.926  1.00 26.99 ? 50  HYP C N   1 
HETATM 476 C CA  . HYP C 1 25 ? 9.044   6.085   30.749  1.00 27.72 ? 50  HYP C CA  1 
HETATM 477 C C   . HYP C 1 25 ? 10.340  5.335   30.972  1.00 27.50 ? 50  HYP C C   1 
HETATM 478 O O   . HYP C 1 25 ? 11.349  5.916   31.033  1.00 27.75 ? 50  HYP C O   1 
HETATM 479 C CB  . HYP C 1 25 ? 8.236   6.225   32.197  1.00 27.70 ? 50  HYP C CB  1 
HETATM 480 C CG  . HYP C 1 25 ? 6.967   6.214   31.883  1.00 27.67 ? 50  HYP C CG  1 
HETATM 481 C CD  . HYP C 1 25 ? 6.890   5.186   30.664  1.00 27.42 ? 50  HYP C CD  1 
HETATM 482 O OD1 . HYP C 1 25 ? 6.535   7.537   31.421  1.00 27.90 ? 50  HYP C OD1 1 
HETATM 483 N N   . NH2 C 1 26 ? 10.330  3.893   31.094  1.00 27.93 ? 51  NH2 C N   1 
HETATM 484 O O   . HOH D 2 .  ? 8.850   10.491  33.811  1.00 23.56 ? 201 HOH A O   1 
HETATM 485 O O   . HOH D 2 .  ? 14.289  9.669   18.760  1.00 20.69 ? 202 HOH A O   1 
HETATM 486 O O   . HOH D 2 .  ? -1.057  -6.213  -3.971  1.00 12.06 ? 203 HOH A O   1 
HETATM 487 O O   . HOH D 2 .  ? 12.050  1.287   18.013  1.00 32.00 ? 204 HOH A O   1 
HETATM 488 O O   . HOH D 2 .  ? -8.436  1.781   -12.618 1.00 14.35 ? 205 HOH A O   1 
HETATM 489 O O   . HOH D 2 .  ? -10.380 -1.315  -18.251 1.00 16.02 ? 206 HOH A O   1 
HETATM 490 O O   . HOH D 2 .  ? -11.112 -0.242  -15.984 1.00 21.35 ? 207 HOH A O   1 
HETATM 491 O O   . HOH D 2 .  ? 16.032  8.628   22.314  1.00 18.43 ? 208 HOH A O   1 
HETATM 492 O O   . HOH D 2 .  ? -9.944  -2.950  -5.878  1.00 17.20 ? 209 HOH A O   1 
HETATM 493 O O   . HOH D 2 .  ? -9.264  -3.195  -8.486  1.00 16.08 ? 210 HOH A O   1 
HETATM 494 O O   . HOH D 2 .  ? -8.477  -0.839  -2.048  1.00 15.16 ? 211 HOH A O   1 
HETATM 495 O O   . HOH D 2 .  ? 11.496  12.891  26.857  1.00 37.00 ? 212 HOH A O   1 
HETATM 496 O O   . HOH D 2 .  ? 8.854   4.420   8.286   1.00 14.61 ? 213 HOH A O   1 
HETATM 497 O O   . HOH D 2 .  ? -8.135  -7.217  -10.446 1.00 21.91 ? 214 HOH A O   1 
HETATM 498 O O   . HOH D 2 .  ? 9.282   9.964   16.153  1.00 23.95 ? 215 HOH A O   1 
HETATM 499 O O   . HOH D 2 .  ? -2.887  -2.844  0.858   1.00 16.46 ? 216 HOH A O   1 
HETATM 500 O O   . HOH D 2 .  ? 1.734   -4.929  8.281   1.00 21.90 ? 217 HOH A O   1 
HETATM 501 O O   . HOH D 2 .  ? -4.711  -6.910  -3.455  1.00 13.94 ? 218 HOH A O   1 
HETATM 502 O O   . HOH D 2 .  ? 9.896   13.306  23.099  1.00 34.78 ? 219 HOH A O   1 
HETATM 503 O O   . HOH D 2 .  ? 12.226  1.236   13.149  1.00 25.37 ? 220 HOH A O   1 
HETATM 504 O O   . HOH D 2 .  ? -4.503  -0.481  -22.702 1.00 30.03 ? 221 HOH A O   1 
HETATM 505 O O   . HOH D 2 .  ? 12.053  7.623   15.414  1.00 31.26 ? 222 HOH A O   1 
HETATM 506 O O   . HOH D 2 .  ? -7.256  -4.816  -28.141 1.00 36.26 ? 223 HOH A O   1 
HETATM 507 O O   . HOH D 2 .  ? 7.329   11.790  25.975  1.00 31.62 ? 224 HOH A O   1 
HETATM 508 O O   . HOH D 2 .  ? -1.939  -3.270  9.649   1.00 27.16 ? 225 HOH A O   1 
HETATM 509 O O   . HOH D 2 .  ? -11.024 -5.526  -11.182 1.00 21.84 ? 226 HOH A O   1 
HETATM 510 O O   . HOH D 2 .  ? 16.316  7.989   19.649  1.00 17.04 ? 227 HOH A O   1 
HETATM 511 O O   . HOH D 2 .  ? -8.810  -7.288  -8.086  1.00 28.86 ? 228 HOH A O   1 
HETATM 512 O O   . HOH D 2 .  ? -8.547  -4.267  -32.468 1.00 40.68 ? 229 HOH A O   1 
HETATM 513 O O   . HOH D 2 .  ? 11.862  10.281  16.659  1.00 29.50 ? 230 HOH A O   1 
HETATM 514 O O   . HOH D 2 .  ? 15.251  2.039   16.577  1.00 25.69 ? 231 HOH A O   1 
HETATM 515 O O   . HOH D 2 .  ? -6.715  0.882   -19.863 1.00 36.46 ? 232 HOH A O   1 
HETATM 516 O O   . HOH D 2 .  ? 8.620   13.685  27.213  1.00 28.12 ? 233 HOH A O   1 
HETATM 517 O O   . HOH D 2 .  ? -10.592 1.864   -23.852 1.00 30.76 ? 234 HOH A O   1 
HETATM 518 O O   . HOH D 2 .  ? 0.153   -4.626  10.781  1.00 27.91 ? 235 HOH A O   1 
HETATM 519 O O   . HOH D 2 .  ? 17.487  14.464  32.718  1.00 36.43 ? 236 HOH A O   1 
HETATM 520 O O   . HOH D 2 .  ? 13.906  6.288   17.405  1.00 32.36 ? 237 HOH A O   1 
HETATM 521 O O   . HOH E 2 .  ? -8.491  -15.579 -25.765 1.00 36.57 ? 201 HOH B O   1 
HETATM 522 O O   . HOH E 2 .  ? -2.442  3.702   11.413  1.00 35.75 ? 202 HOH B O   1 
HETATM 523 O O   . HOH E 2 .  ? 0.376   -0.605  -16.306 1.00 26.71 ? 203 HOH B O   1 
HETATM 524 O O   . HOH E 2 .  ? -1.464  4.180   8.645   1.00 35.03 ? 204 HOH B O   1 
HETATM 525 O O   . HOH E 2 .  ? -1.009  -9.112  -18.133 1.00 31.98 ? 205 HOH B O   1 
HETATM 526 O O   . HOH E 2 .  ? -6.045  -0.092  -1.017  1.00 14.81 ? 206 HOH B O   1 
HETATM 527 O O   . HOH E 2 .  ? -9.268  -13.844 -22.626 1.00 22.22 ? 207 HOH B O   1 
HETATM 528 O O   . HOH E 2 .  ? -2.090  -2.590  -20.743 1.00 21.92 ? 208 HOH B O   1 
HETATM 529 O O   . HOH E 2 .  ? -1.589  -9.254  -22.625 1.00 25.41 ? 209 HOH B O   1 
HETATM 530 O O   . HOH E 2 .  ? -3.440  -8.854  -24.440 1.00 27.05 ? 210 HOH B O   1 
HETATM 531 O O   . HOH E 2 .  ? -1.230  -2.645  -17.913 1.00 20.65 ? 211 HOH B O   1 
HETATM 532 O O   . HOH E 2 .  ? -6.960  1.278   -10.383 1.00 14.13 ? 212 HOH B O   1 
HETATM 533 O O   . HOH E 2 .  ? -1.359  4.782   1.372   1.00 20.94 ? 213 HOH B O   1 
HETATM 534 O O   . HOH E 2 .  ? -5.710  -6.877  -28.241 1.00 26.68 ? 214 HOH B O   1 
HETATM 535 O O   . HOH E 2 .  ? 2.233   -0.854  -12.470 1.00 22.33 ? 215 HOH B O   1 
HETATM 536 O O   . HOH E 2 .  ? -3.373  3.458   -8.798  1.00 16.29 ? 216 HOH B O   1 
HETATM 537 O O   . HOH E 2 .  ? 11.915  2.687   20.014  1.00 35.91 ? 217 HOH B O   1 
HETATM 538 O O   . HOH E 2 .  ? -4.558  3.882   -0.302  1.00 13.26 ? 218 HOH B O   1 
HETATM 539 O O   . HOH E 2 .  ? 10.958  1.754   24.085  1.00 27.06 ? 219 HOH B O   1 
HETATM 540 O O   . HOH E 2 .  ? -3.703  1.230   7.471   1.00 29.51 ? 220 HOH B O   1 
HETATM 541 O O   . HOH E 2 .  ? -4.549  2.849   -12.923 1.00 19.08 ? 221 HOH B O   1 
HETATM 542 O O   . HOH E 2 .  ? -2.238  8.055   -4.057  1.00 15.75 ? 222 HOH B O   1 
HETATM 543 O O   . HOH E 2 .  ? 2.306   1.292   17.603  1.00 25.80 ? 223 HOH B O   1 
HETATM 544 O O   . HOH E 2 .  ? 13.694  9.622   26.275  1.00 32.93 ? 224 HOH B O   1 
HETATM 545 O O   . HOH E 2 .  ? -4.892  -0.670  -19.772 1.00 26.38 ? 225 HOH B O   1 
HETATM 546 O O   . HOH E 2 .  ? -3.079  7.086   0.036   1.00 18.80 ? 226 HOH B O   1 
HETATM 547 O O   . HOH E 2 .  ? -1.090  5.875   15.034  1.00 29.30 ? 227 HOH B O   1 
HETATM 548 O O   . HOH E 2 .  ? -4.139  -10.261 -26.646 1.00 29.70 ? 228 HOH B O   1 
HETATM 549 O O   . HOH E 2 .  ? 2.688   0.125   20.073  1.00 32.55 ? 229 HOH B O   1 
HETATM 550 O O   . HOH E 2 .  ? 16.342  6.593   24.430  1.00 26.42 ? 230 HOH B O   1 
HETATM 551 O O   . HOH E 2 .  ? -11.111 -15.573 -25.949 1.00 44.52 ? 231 HOH B O   1 
HETATM 552 O O   . HOH E 2 .  ? -3.511  1.248   -18.309 1.00 37.26 ? 232 HOH B O   1 
HETATM 553 O O   . HOH E 2 .  ? -2.235  5.150   -6.910  1.00 17.77 ? 233 HOH B O   1 
HETATM 554 O O   . HOH E 2 .  ? -6.602  3.565   -9.100  1.00 20.65 ? 234 HOH B O   1 
HETATM 555 O O   . HOH E 2 .  ? -2.465  -6.870  -26.455 1.00 35.26 ? 235 HOH B O   1 
HETATM 556 O O   . HOH E 2 .  ? -4.194  6.522   -5.773  1.00 15.50 ? 236 HOH B O   1 
HETATM 557 O O   . HOH E 2 .  ? 0.218   3.417   17.495  1.00 30.87 ? 237 HOH B O   1 
HETATM 558 O O   . HOH E 2 .  ? -4.805  -7.706  -30.778 1.00 32.47 ? 238 HOH B O   1 
HETATM 559 O O   . HOH F 2 .  ? 4.661   7.328   30.047  1.00 34.54 ? 201 HOH C O   1 
HETATM 560 O O   . HOH F 2 .  ? 6.402   9.225   33.256  1.00 28.56 ? 202 HOH C O   1 
HETATM 561 O O   . HOH F 2 .  ? 3.895   4.363   -2.378  1.00 22.70 ? 203 HOH C O   1 
HETATM 562 O O   . HOH F 2 .  ? -11.739 -11.511 -20.515 1.00 20.37 ? 204 HOH C O   1 
HETATM 563 O O   . HOH F 2 .  ? 2.946   -2.700  -6.803  1.00 18.41 ? 205 HOH C O   1 
HETATM 564 O O   . HOH F 2 .  ? -1.948  -8.241  -5.600  1.00 11.95 ? 206 HOH C O   1 
HETATM 565 O O   . HOH F 2 .  ? 1.037   6.160   16.646  1.00 29.21 ? 207 HOH C O   1 
HETATM 566 O O   . HOH F 2 .  ? 5.702   8.311   9.061   1.00 30.29 ? 208 HOH C O   1 
HETATM 567 O O   . HOH F 2 .  ? 5.954   12.972  23.448  1.00 32.23 ? 209 HOH C O   1 
HETATM 568 O O   . HOH F 2 .  ? 5.321   2.596   2.175   1.00 13.48 ? 210 HOH C O   1 
HETATM 569 O O   . HOH F 2 .  ? -3.278  -8.962  -12.075 1.00 16.82 ? 211 HOH C O   1 
HETATM 570 O O   . HOH F 2 .  ? -9.425  -10.153 -17.069 1.00 19.92 ? 212 HOH C O   1 
HETATM 571 O O   . HOH F 2 .  ? 2.600   -4.047  -9.236  1.00 16.74 ? 213 HOH C O   1 
HETATM 572 O O   . HOH F 2 .  ? -16.990 -6.119  -21.932 1.00 20.01 ? 214 HOH C O   1 
HETATM 573 O O   . HOH F 2 .  ? -1.226  -7.300  -15.878 1.00 20.98 ? 215 HOH C O   1 
HETATM 574 O O   . HOH F 2 .  ? 1.533   -0.411  -9.757  1.00 23.39 ? 216 HOH C O   1 
HETATM 575 O O   . HOH F 2 .  ? 8.304   2.230   32.172  1.00 31.12 ? 217 HOH C O   1 
HETATM 576 O O   . HOH F 2 .  ? 4.785   7.916   27.206  1.00 25.75 ? 218 HOH C O   1 
HETATM 577 O O   . HOH F 2 .  ? 4.813   0.827   -5.313  1.00 16.29 ? 219 HOH C O   1 
HETATM 578 O O   . HOH F 2 .  ? -0.007  6.894   6.992   1.00 23.24 ? 220 HOH C O   1 
HETATM 579 O O   . HOH F 2 .  ? -8.102  -11.738 -21.364 1.00 21.01 ? 221 HOH C O   1 
HETATM 580 O O   . HOH F 2 .  ? 7.408   2.396   -1.879  1.00 27.83 ? 222 HOH C O   1 
HETATM 581 O O   . HOH F 2 .  ? 3.713   10.206  17.980  1.00 31.01 ? 223 HOH C O   1 
HETATM 582 O O   . HOH F 2 .  ? 8.087   -1.189  -2.409  1.00 27.24 ? 224 HOH C O   1 
HETATM 583 O O   . HOH F 2 .  ? 2.949   6.760   25.303  1.00 36.31 ? 225 HOH C O   1 
HETATM 584 O O   . HOH F 2 .  ? 6.399   -3.731  -0.454  1.00 32.92 ? 226 HOH C O   1 
HETATM 585 O O   . HOH F 2 .  ? 5.151   5.070   -0.198  1.00 19.18 ? 227 HOH C O   1 
HETATM 586 O O   . HOH F 2 .  ? 9.592   5.022   5.772   1.00 21.28 ? 228 HOH C O   1 
HETATM 587 O O   . HOH F 2 .  ? 0.425   7.449   19.121  1.00 31.41 ? 229 HOH C O   1 
HETATM 588 O O   . HOH F 2 .  ? 7.518   11.617  15.349  1.00 26.21 ? 230 HOH C O   1 
HETATM 589 O O   . HOH F 2 .  ? 5.219   13.272  10.949  1.00 23.66 ? 231 HOH C O   1 
HETATM 590 O O   . HOH F 2 .  ? -7.530  -12.850 -18.726 1.00 21.50 ? 232 HOH C O   1 
HETATM 591 O O   . HOH F 2 .  ? 5.412   7.080   35.204  1.00 30.74 ? 233 HOH C O   1 
HETATM 592 O O   . HOH F 2 .  ? 4.103   -0.297  -8.022  1.00 22.85 ? 234 HOH C O   1 
HETATM 593 O O   . HOH F 2 .  ? 6.873   -0.861  -4.711  1.00 24.97 ? 235 HOH C O   1 
HETATM 594 O O   . HOH F 2 .  ? 5.500   14.566  19.550  1.00 34.01 ? 236 HOH C O   1 
HETATM 595 O O   . HOH F 2 .  ? 7.485   14.624  22.394  1.00 34.02 ? 237 HOH C O   1 
HETATM 596 O O   . HOH F 2 .  ? -13.216 -6.939  -35.243 1.00 38.71 ? 238 HOH C O   1 
HETATM 597 O O   . HOH F 2 .  ? 3.811   -3.440  -11.730 1.00 26.22 ? 239 HOH C O   1 
HETATM 598 O O   . HOH F 2 .  ? 5.182   12.031  16.509  1.00 25.64 ? 240 HOH C O   1 
# 
loop_
_atom_site_anisotrop.id 
_atom_site_anisotrop.type_symbol 
_atom_site_anisotrop.pdbx_label_atom_id 
_atom_site_anisotrop.pdbx_label_alt_id 
_atom_site_anisotrop.pdbx_label_comp_id 
_atom_site_anisotrop.pdbx_label_asym_id 
_atom_site_anisotrop.pdbx_label_seq_id 
_atom_site_anisotrop.pdbx_PDB_ins_code 
_atom_site_anisotrop.U[1][1] 
_atom_site_anisotrop.U[2][2] 
_atom_site_anisotrop.U[3][3] 
_atom_site_anisotrop.U[1][2] 
_atom_site_anisotrop.U[1][3] 
_atom_site_anisotrop.U[2][3] 
_atom_site_anisotrop.pdbx_auth_seq_id 
_atom_site_anisotrop.pdbx_auth_comp_id 
_atom_site_anisotrop.pdbx_auth_asym_id 
_atom_site_anisotrop.pdbx_auth_atom_id 
1   C C   . ACE A 1  ? 0.3171 0.3764 0.3174 0.0223  0.0249  0.0438  24 ACE A C   
2   O O   . ACE A 1  ? 0.3343 0.3918 0.3270 0.0216  0.0296  0.0515  24 ACE A O   
3   C CH3 . ACE A 1  ? 0.3249 0.3748 0.3203 0.0256  0.0287  0.0439  24 ACE A CH3 
4   N N   . GLY A 2  ? 0.2933 0.3521 0.2952 0.0171  0.0101  0.0300  25 GLY A N   
5   C CA  . GLY A 2  ? 0.2788 0.3229 0.2801 0.0098  0.0067  0.0167  25 GLY A CA  
6   C C   . GLY A 2  ? 0.2664 0.2964 0.2665 0.0013  0.0002  0.0034  25 GLY A C   
7   O O   . GLY A 2  ? 0.2708 0.2953 0.2615 -0.0110 -0.0022 -0.0002 25 GLY A O   
8   N N   . PRO A 3  ? 0.2557 0.2662 0.2514 0.0023  0.0010  -0.0015 26 PRO A N   
9   C CA  . PRO A 3  ? 0.2544 0.2565 0.2429 0.0016  -0.0039 -0.0036 26 PRO A CA  
10  C C   . PRO A 3  ? 0.2517 0.2541 0.2339 -0.0012 -0.0113 0.0057  26 PRO A C   
11  O O   . PRO A 3  ? 0.2404 0.2532 0.2219 0.0051  -0.0195 0.0057  26 PRO A O   
12  C CB  . PRO A 3  ? 0.2528 0.2596 0.2437 -0.0014 -0.0011 -0.0066 26 PRO A CB  
13  C CG  . PRO A 3  ? 0.2473 0.2611 0.2465 -0.0004 -0.0010 -0.0066 26 PRO A CG  
14  C CD  . PRO A 3  ? 0.2476 0.2584 0.2500 0.0014  0.0008  -0.0097 26 PRO A CD  
15  N N   . HYP A 4  ? 0.2579 0.2542 0.2360 -0.0095 -0.0121 0.0185  27 HYP A N   
16  C CA  . HYP A 4  ? 0.2337 0.2419 0.2265 -0.0126 -0.0228 0.0138  27 HYP A CA  
17  C C   . HYP A 4  ? 0.2069 0.2322 0.2086 -0.0079 -0.0277 0.0124  27 HYP A C   
18  O O   . HYP A 4  ? 0.2073 0.2466 0.2082 -0.0233 -0.0308 0.0056  27 HYP A O   
19  C CB  . HYP A 4  ? 0.2621 0.2499 0.2397 -0.0193 -0.0103 0.0241  27 HYP A CB  
20  C CG  . HYP A 4  ? 0.2861 0.2744 0.2555 -0.0221 -0.0023 0.0339  27 HYP A CG  
21  C CD  . HYP A 4  ? 0.2800 0.2658 0.2505 -0.0167 -0.0050 0.0288  27 HYP A CD  
22  O OD1 . HYP A 4  ? 0.3084 0.3002 0.2693 -0.0299 0.0078  0.0450  27 HYP A OD1 
23  N N   . GLY A 5  ? 0.1970 0.2043 0.2063 0.0087  -0.0249 0.0115  28 GLY A N   
24  C CA  . GLY A 5  ? 0.1847 0.2026 0.1953 0.0128  -0.0242 0.0113  28 GLY A CA  
25  C C   . GLY A 5  ? 0.1636 0.1892 0.1976 0.0157  -0.0245 0.0061  28 GLY A C   
26  O O   . GLY A 5  ? 0.1561 0.1960 0.2039 0.0268  -0.0278 0.0273  28 GLY A O   
27  N N   . PRO A 6  ? 0.1562 0.1707 0.1886 0.0099  -0.0210 -0.0027 29 PRO A N   
28  C CA  . PRO A 6  ? 0.1582 0.1739 0.1849 0.0085  -0.0201 -0.0090 29 PRO A CA  
29  C C   . PRO A 6  ? 0.1488 0.1623 0.1676 0.0264  -0.0209 -0.0194 29 PRO A C   
30  O O   . PRO A 6  ? 0.1406 0.1669 0.1650 0.0246  -0.0175 -0.0294 29 PRO A O   
31  C CB  . PRO A 6  ? 0.1820 0.1814 0.1999 0.0022  -0.0063 -0.0051 29 PRO A CB  
32  C CG  . PRO A 6  ? 0.1694 0.1694 0.2005 0.0068  -0.0060 -0.0049 29 PRO A CG  
33  C CD  . PRO A 6  ? 0.1694 0.1698 0.1986 0.0151  -0.0112 -0.0013 29 PRO A CD  
34  N N   . HYP A 7  ? 0.1405 0.1624 0.1633 0.0449  -0.0199 -0.0188 30 HYP A N   
35  C CA  . HYP A 7  ? 0.1320 0.1630 0.1592 0.0390  -0.0241 -0.0230 30 HYP A CA  
36  C C   . HYP A 7  ? 0.1250 0.1536 0.1483 0.0126  -0.0251 -0.0312 30 HYP A C   
37  O O   . HYP A 7  ? 0.1322 0.1630 0.1606 0.0018  -0.0279 -0.0277 30 HYP A O   
38  C CB  . HYP A 7  ? 0.1388 0.1646 0.1606 0.0434  -0.0248 -0.0217 30 HYP A CB  
39  C CG  . HYP A 7  ? 0.1660 0.1567 0.1610 0.0493  -0.0125 -0.0261 30 HYP A CG  
40  C CD  . HYP A 7  ? 0.1610 0.1550 0.1656 0.0520  -0.0065 -0.0262 30 HYP A CD  
41  O OD1 . HYP A 7  ? 0.1945 0.1616 0.1653 0.0527  -0.0035 -0.0210 30 HYP A OD1 
42  N N   . GLY A 8  ? 0.1123 0.1438 0.1515 0.0063  -0.0247 -0.0287 31 GLY A N   
43  C CA  . GLY A 8  ? 0.1176 0.1466 0.1409 -0.0013 -0.0203 -0.0286 31 GLY A CA  
44  C C   . GLY A 8  ? 0.1076 0.1391 0.1383 -0.0016 -0.0130 -0.0280 31 GLY A C   
45  O O   . GLY A 8  ? 0.1181 0.1606 0.1388 -0.0130 -0.0153 -0.0240 31 GLY A O   
46  N N   . PRO A 9  ? 0.1081 0.1263 0.1328 0.0214  -0.0133 -0.0109 32 PRO A N   
47  C CA  . PRO A 9  ? 0.1250 0.1232 0.1428 0.0259  -0.0035 -0.0063 32 PRO A CA  
48  C C   . PRO A 9  ? 0.1039 0.1033 0.1433 0.0214  -0.0081 -0.0086 32 PRO A C   
49  O O   . PRO A 9  ? 0.1207 0.0956 0.1363 0.0231  -0.0070 -0.0077 32 PRO A O   
50  C CB  . PRO A 9  ? 0.1568 0.1275 0.1425 0.0175  -0.0005 -0.0004 32 PRO A CB  
51  C CG  . PRO A 9  ? 0.1637 0.1546 0.1475 0.0226  0.0081  0.0071  32 PRO A CG  
52  C CD  . PRO A 9  ? 0.1400 0.1412 0.1455 0.0324  -0.0014 0.0082  32 PRO A CD  
53  N N   . HYP A 10 ? 0.1086 0.1084 0.1626 0.0106  -0.0063 -0.0061 33 HYP A N   
54  C CA  . HYP A 10 ? 0.1175 0.1167 0.1641 0.0075  -0.0074 -0.0009 33 HYP A CA  
55  C C   . HYP A 10 ? 0.1218 0.1145 0.1506 0.0059  -0.0233 -0.0081 33 HYP A C   
56  O O   . HYP A 10 ? 0.1358 0.1187 0.1580 0.0027  -0.0130 -0.0147 33 HYP A O   
57  C CB  . HYP A 10 ? 0.1312 0.1310 0.1604 0.0129  -0.0069 0.0005  33 HYP A CB  
58  C CG  . HYP A 10 ? 0.1375 0.1343 0.1654 0.0163  0.0020  0.0035  33 HYP A CG  
59  C CD  . HYP A 10 ? 0.1404 0.1153 0.1662 0.0137  0.0083  -0.0028 33 HYP A CD  
60  O OD1 . HYP A 10 ? 0.1374 0.1599 0.1775 0.0132  0.0008  0.0223  33 HYP A OD1 
61  N N   . GLY A 11 ? 0.1187 0.1199 0.1378 0.0024  -0.0309 -0.0074 34 GLY A N   
62  C CA  . GLY A 11 ? 0.1097 0.1162 0.1343 0.0017  -0.0396 -0.0062 34 GLY A CA  
63  C C   . GLY A 11 ? 0.1215 0.1127 0.1345 0.0111  -0.0298 -0.0116 34 GLY A C   
64  O O   . GLY A 11 ? 0.1203 0.0926 0.1348 0.0155  -0.0269 -0.0214 34 GLY A O   
65  N N   . PRO A 12 ? 0.1373 0.1288 0.1325 0.0181  -0.0224 -0.0103 35 PRO A N   
66  C CA  . PRO A 12 ? 0.1286 0.1193 0.1270 0.0192  -0.0343 -0.0113 35 PRO A CA  
67  C C   . PRO A 12 ? 0.1289 0.1099 0.1316 0.0195  -0.0366 -0.0075 35 PRO A C   
68  O O   . PRO A 12 ? 0.1359 0.0997 0.1374 0.0188  -0.0367 -0.0022 35 PRO A O   
69  C CB  . PRO A 12 ? 0.1415 0.1367 0.1332 0.0292  -0.0262 -0.0012 35 PRO A CB  
70  C CG  . PRO A 12 ? 0.1458 0.1552 0.1365 0.0266  -0.0227 0.0032  35 PRO A CG  
71  C CD  . PRO A 12 ? 0.1465 0.1632 0.1470 0.0205  -0.0161 0.0026  35 PRO A CD  
72  N N   . GLN A 13 ? 0.1104 0.1089 0.1240 0.0205  -0.0450 -0.0083 36 GLN A N   
73  C CA  . GLN A 13 ? 0.1162 0.1183 0.1255 0.0353  -0.0324 -0.0109 36 GLN A CA  
74  C C   . GLN A 13 ? 0.1045 0.1088 0.1227 0.0378  -0.0361 -0.0129 36 GLN A C   
75  O O   . GLN A 13 ? 0.1109 0.1100 0.1448 0.0376  -0.0248 -0.0041 36 GLN A O   
76  C CB  . GLN A 13 ? 0.1314 0.1244 0.1161 0.0380  -0.0313 -0.0111 36 GLN A CB  
77  C CG  . GLN A 13 ? 0.1563 0.1434 0.1304 0.0256  -0.0159 -0.0123 36 GLN A CG  
78  C CD  . GLN A 13 ? 0.2114 0.1831 0.1494 0.0072  0.0085  -0.0125 36 GLN A CD  
79  O OE1 . GLN A 13 ? 0.2562 0.2017 0.1671 0.0054  0.0267  -0.0024 36 GLN A OE1 
80  N NE2 . GLN A 13 ? 0.2184 0.2084 0.1404 -0.0024 0.0050  -0.0162 36 GLN A NE2 
81  N N   . GLY A 14 ? 0.1000 0.1072 0.1294 0.0260  -0.0407 -0.0080 37 GLY A N   
82  C CA  . GLY A 14 ? 0.0976 0.1143 0.1353 0.0134  -0.0423 -0.0033 37 GLY A CA  
83  C C   . GLY A 14 ? 0.1073 0.1266 0.1383 0.0079  -0.0394 -0.0045 37 GLY A C   
84  O O   . GLY A 14 ? 0.1276 0.1261 0.1335 -0.0013 -0.0417 0.0004  37 GLY A O   
85  N N   . PHE A 15 ? 0.0963 0.1445 0.1398 0.0149  -0.0400 -0.0015 38 PHE A N   
86  C CA  . PHE A 15 ? 0.0881 0.1414 0.1474 0.0089  -0.0441 -0.0005 38 PHE A CA  
87  C C   . PHE A 15 ? 0.1043 0.1260 0.1476 0.0077  -0.0385 -0.0067 38 PHE A C   
88  O O   . PHE A 15 ? 0.1155 0.1338 0.1415 0.0129  -0.0266 -0.0201 38 PHE A O   
89  C CB  . PHE A 15 ? 0.1005 0.1373 0.1474 0.0028  -0.0376 -0.0044 38 PHE A CB  
90  C CG  . PHE A 15 ? 0.1155 0.1367 0.1465 0.0087  -0.0290 -0.0052 38 PHE A CG  
91  C CD1 . PHE A 15 ? 0.1261 0.1376 0.1466 0.0071  -0.0206 -0.0094 38 PHE A CD1 
92  C CD2 . PHE A 15 ? 0.1346 0.1432 0.1496 0.0163  -0.0220 -0.0013 38 PHE A CD2 
93  C CE1 . PHE A 15 ? 0.1275 0.1483 0.1496 0.0118  -0.0184 -0.0070 38 PHE A CE1 
94  C CE2 . PHE A 15 ? 0.1411 0.1612 0.1674 0.0100  -0.0109 0.0047  38 PHE A CE2 
95  C CZ  . PHE A 15 ? 0.1373 0.1500 0.1571 0.0088  -0.0146 -0.0029 38 PHE A CZ  
96  N N   . HYP A 16 ? 0.1398 0.1070 0.1494 0.0074  -0.0285 -0.0183 39 HYP A N   
97  C CA  . HYP A 16 ? 0.1462 0.1251 0.1519 0.0036  -0.0226 -0.0185 39 HYP A CA  
98  C C   . HYP A 16 ? 0.1425 0.1519 0.1479 -0.0040 -0.0236 -0.0267 39 HYP A C   
99  O O   . HYP A 16 ? 0.1526 0.1716 0.1559 -0.0039 -0.0188 -0.0221 39 HYP A O   
100 C CB  . HYP A 16 ? 0.1700 0.1302 0.1614 0.0055  -0.0185 -0.0085 39 HYP A CB  
101 C CG  . HYP A 16 ? 0.1933 0.1344 0.1671 -0.0079 -0.0155 -0.0065 39 HYP A CG  
102 C CD  . HYP A 16 ? 0.1563 0.1346 0.1598 0.0088  -0.0225 -0.0020 39 HYP A CD  
103 O OD1 . HYP A 16 ? 0.2376 0.1359 0.1829 -0.0308 -0.0088 -0.0083 39 HYP A OD1 
104 N N   . GLY A 17 ? 0.1544 0.1579 0.1513 -0.0079 -0.0159 -0.0325 40 GLY A N   
105 C CA  . GLY A 17 ? 0.1606 0.1693 0.1514 -0.0176 -0.0112 -0.0364 40 GLY A CA  
106 C C   . GLY A 17 ? 0.1645 0.1725 0.1563 -0.0203 -0.0027 -0.0366 40 GLY A C   
107 O O   . GLY A 17 ? 0.1627 0.1961 0.1515 -0.0235 -0.0130 -0.0293 40 GLY A O   
108 N N   . PRO A 18 ? 0.1599 0.1648 0.1720 -0.0161 0.0072  -0.0317 41 PRO A N   
109 C CA  . PRO A 18 ? 0.1682 0.1679 0.1760 -0.0202 0.0045  -0.0288 41 PRO A CA  
110 C C   . PRO A 18 ? 0.1564 0.1830 0.1736 -0.0093 -0.0057 -0.0160 41 PRO A C   
111 O O   . PRO A 18 ? 0.1525 0.1938 0.1688 -0.0077 -0.0090 -0.0097 41 PRO A O   
112 C CB  . PRO A 18 ? 0.1779 0.1830 0.1872 -0.0276 0.0114  -0.0204 41 PRO A CB  
113 C CG  . PRO A 18 ? 0.1811 0.1805 0.1911 -0.0311 0.0133  -0.0195 41 PRO A CG  
114 C CD  . PRO A 18 ? 0.1775 0.1505 0.1808 -0.0208 0.0144  -0.0304 41 PRO A CD  
115 N N   . HYP A 19 ? 0.1716 0.2002 0.1793 -0.0045 -0.0060 -0.0092 42 HYP A N   
116 C CA  . HYP A 19 ? 0.1892 0.2057 0.1800 -0.0045 -0.0072 -0.0098 42 HYP A CA  
117 C C   . HYP A 19 ? 0.2026 0.1959 0.1673 -0.0076 -0.0062 -0.0262 42 HYP A C   
118 O O   . HYP A 19 ? 0.2380 0.1943 0.1670 -0.0289 0.0008  -0.0385 42 HYP A O   
119 C CB  . HYP A 19 ? 0.1911 0.2269 0.1941 -0.0037 -0.0023 0.0042  42 HYP A CB  
120 C CG  . HYP A 19 ? 0.2168 0.2306 0.2110 -0.0079 0.0111  0.0120  42 HYP A CG  
121 C CD  . HYP A 19 ? 0.1926 0.2143 0.1966 -0.0087 0.0020  0.0011  42 HYP A CD  
122 O OD1 . HYP A 19 ? 0.2565 0.2425 0.2336 -0.0124 0.0287  0.0237  42 HYP A OD1 
123 N N   . GLY A 20 ? 0.1850 0.1957 0.1538 0.0106  -0.0169 -0.0266 43 GLY A N   
124 C CA  . GLY A 20 ? 0.1932 0.1791 0.1444 0.0176  -0.0177 -0.0337 43 GLY A CA  
125 C C   . GLY A 20 ? 0.2067 0.1926 0.1566 0.0115  -0.0200 -0.0235 43 GLY A C   
126 O O   . GLY A 20 ? 0.2397 0.1920 0.1586 -0.0052 -0.0067 -0.0283 43 GLY A O   
127 N N   . PRO A 21 ? 0.1942 0.2088 0.1637 0.0167  -0.0221 -0.0083 44 PRO A N   
128 C CA  . PRO A 21 ? 0.1967 0.2073 0.1786 0.0131  -0.0256 -0.0089 44 PRO A CA  
129 C C   . PRO A 21 ? 0.1996 0.2042 0.1951 0.0030  -0.0262 -0.0109 44 PRO A C   
130 O O   . PRO A 21 ? 0.2108 0.2031 0.1894 -0.0002 -0.0277 -0.0054 44 PRO A O   
131 C CB  . PRO A 21 ? 0.2119 0.2150 0.1768 0.0068  -0.0164 -0.0118 44 PRO A CB  
132 C CG  . PRO A 21 ? 0.2128 0.2181 0.1683 0.0095  -0.0175 -0.0133 44 PRO A CG  
133 C CD  . PRO A 21 ? 0.1996 0.2124 0.1665 0.0210  -0.0209 -0.0115 44 PRO A CD  
134 N N   . HYP A 22 ? 0.2012 0.2024 0.2183 0.0013  -0.0164 -0.0118 45 HYP A N   
135 C CA  . HYP A 22 ? 0.2098 0.2196 0.2350 0.0027  -0.0218 -0.0217 45 HYP A CA  
136 C C   . HYP A 22 ? 0.2363 0.2309 0.2343 0.0052  -0.0277 -0.0301 45 HYP A C   
137 O O   . HYP A 22 ? 0.2480 0.2163 0.2303 0.0094  -0.0250 -0.0376 45 HYP A O   
138 C CB  . HYP A 22 ? 0.2208 0.2122 0.2351 -0.0055 -0.0063 -0.0216 45 HYP A CB  
139 C CG  . HYP A 22 ? 0.2354 0.2101 0.2446 -0.0062 0.0057  -0.0167 45 HYP A CG  
140 C CD  . HYP A 22 ? 0.2227 0.1855 0.2333 0.0015  -0.0017 -0.0203 45 HYP A CD  
141 O OD1 . HYP A 22 ? 0.2482 0.2418 0.2558 -0.0141 0.0188  -0.0112 45 HYP A OD1 
142 N N   . GLY A 23 ? 0.2471 0.2511 0.2553 0.0098  -0.0429 -0.0359 46 GLY A N   
143 C CA  . GLY A 23 ? 0.2665 0.2660 0.2692 0.0101  -0.0445 -0.0400 46 GLY A CA  
144 C C   . GLY A 23 ? 0.2934 0.2997 0.3149 0.0167  -0.0561 -0.0392 46 GLY A C   
145 O O   . GLY A 23 ? 0.2919 0.3024 0.2996 0.0141  -0.0514 -0.0333 46 GLY A O   
146 N N   . PRO A 24 ? 0.3225 0.3323 0.3353 0.0148  -0.0409 -0.0290 47 PRO A N   
147 C CA  . PRO A 24 ? 0.3663 0.3689 0.3740 0.0111  -0.0372 -0.0302 47 PRO A CA  
148 C C   . PRO A 24 ? 0.4244 0.4340 0.4193 0.0028  -0.0246 -0.0178 47 PRO A C   
149 O O   . PRO A 24 ? 0.4070 0.4264 0.4059 0.0058  -0.0303 -0.0176 47 PRO A O   
150 C CB  . PRO A 24 ? 0.3510 0.3536 0.3649 0.0170  -0.0400 -0.0343 47 PRO A CB  
151 C CG  . PRO A 24 ? 0.3412 0.3423 0.3578 0.0166  -0.0377 -0.0341 47 PRO A CG  
152 C CD  . PRO A 24 ? 0.3337 0.3366 0.3546 0.0181  -0.0431 -0.0363 47 PRO A CD  
153 N N   . HYP A 25 ? 0.5021 0.5074 0.4797 -0.0043 -0.0056 -0.0034 50 HYP A N   
154 C CA  . HYP A 25 ? 0.5515 0.5584 0.5089 -0.0107 0.0086  0.0073  50 HYP A CA  
155 C C   . HYP A 25 ? 0.6103 0.6206 0.5615 -0.0074 0.0077  0.0058  50 HYP A C   
156 O O   . HYP A 25 ? 0.6487 0.6567 0.5822 -0.0101 0.0194  0.0118  50 HYP A O   
157 C CB  . HYP A 25 ? 0.5475 0.5516 0.5107 -0.0084 0.0072  0.0088  50 HYP A CB  
158 C CG  . HYP A 25 ? 0.5351 0.5409 0.5002 -0.0075 0.0098  0.0136  50 HYP A CG  
159 C CD  . HYP A 25 ? 0.5191 0.5198 0.4887 -0.0057 0.0056  0.0064  50 HYP A CD  
160 O OD1 . HYP A 25 ? 0.5416 0.5522 0.4985 -0.0105 0.0167  0.0233  50 HYP A OD1 
161 N N   . NH2 A 26 ? 0.6233 0.6407 0.5808 0.0007  0.0099  0.0113  51 NH2 A N   
162 C C   . ACE B 1  ? 0.3704 0.4396 0.4139 0.0438  0.0146  0.0087  24 ACE B C   
163 O O   . ACE B 1  ? 0.3760 0.4419 0.4255 0.0506  0.0165  0.0134  24 ACE B O   
164 C CH3 . ACE B 1  ? 0.3872 0.4357 0.4141 0.0416  0.0103  0.0024  24 ACE B CH3 
165 N N   . GLY B 2  ? 0.3556 0.4348 0.4086 0.0336  0.0041  0.0100  25 GLY B N   
166 C CA  . GLY B 2  ? 0.3381 0.4208 0.3884 0.0173  0.0033  0.0086  25 GLY B CA  
167 C C   . GLY B 2  ? 0.3405 0.3895 0.3720 -0.0033 0.0042  -0.0007 25 GLY B C   
168 O O   . GLY B 2  ? 0.3474 0.3746 0.3636 -0.0195 0.0177  -0.0025 25 GLY B O   
169 N N   . PRO B 3  ? 0.3297 0.3677 0.3528 -0.0072 -0.0036 -0.0011 26 PRO B N   
170 C CA  . PRO B 3  ? 0.3246 0.3437 0.3300 -0.0122 -0.0028 -0.0009 26 PRO B CA  
171 C C   . PRO B 3  ? 0.2978 0.3180 0.3094 -0.0138 -0.0238 -0.0029 26 PRO B C   
172 O O   . PRO B 3  ? 0.2844 0.3038 0.3007 -0.0216 -0.0327 -0.0075 26 PRO B O   
173 C CB  . PRO B 3  ? 0.3368 0.3588 0.3450 -0.0142 -0.0008 -0.0049 26 PRO B CB  
174 C CG  . PRO B 3  ? 0.3423 0.3727 0.3548 -0.0126 -0.0017 0.0003  26 PRO B CG  
175 C CD  . PRO B 3  ? 0.3321 0.3723 0.3461 -0.0114 0.0018  0.0033  26 PRO B CD  
176 N N   . HYP B 4  ? 0.2855 0.3046 0.2890 -0.0076 -0.0249 -0.0019 27 HYP B N   
177 C CA  . HYP B 4  ? 0.2848 0.2873 0.2715 -0.0065 -0.0173 -0.0055 27 HYP B CA  
178 C C   . HYP B 4  ? 0.2827 0.2704 0.2463 -0.0191 -0.0134 -0.0214 27 HYP B C   
179 O O   . HYP B 4  ? 0.2878 0.2837 0.2356 -0.0383 -0.0219 -0.0289 27 HYP B O   
180 C CB  . HYP B 4  ? 0.2843 0.2969 0.2781 0.0005  -0.0195 0.0034  27 HYP B CB  
181 C CG  . HYP B 4  ? 0.2822 0.3042 0.2878 0.0002  -0.0206 0.0081  27 HYP B CG  
182 C CD  . HYP B 4  ? 0.2788 0.3044 0.2849 -0.0031 -0.0236 0.0080  27 HYP B CD  
183 O OD1 . HYP B 4  ? 0.2696 0.3109 0.2899 0.0001  -0.0254 0.0158  27 HYP B OD1 
184 N N   . GLY B 5  ? 0.2731 0.2630 0.2346 -0.0109 -0.0127 -0.0226 28 GLY B N   
185 C CA  . GLY B 5  ? 0.2538 0.2604 0.2250 -0.0105 -0.0093 -0.0192 28 GLY B CA  
186 C C   . GLY B 5  ? 0.2448 0.2518 0.2224 -0.0104 -0.0065 -0.0234 28 GLY B C   
187 O O   . GLY B 5  ? 0.2439 0.2456 0.2107 -0.0061 -0.0007 -0.0326 28 GLY B O   
188 N N   . PRO B 6  ? 0.2207 0.2554 0.2292 -0.0186 -0.0057 -0.0048 29 PRO B N   
189 C CA  . PRO B 6  ? 0.2039 0.2470 0.2255 -0.0198 -0.0120 -0.0092 29 PRO B CA  
190 C C   . PRO B 6  ? 0.1703 0.2309 0.2058 -0.0139 -0.0173 -0.0193 29 PRO B C   
191 O O   . PRO B 6  ? 0.1654 0.2342 0.2055 -0.0299 -0.0227 -0.0252 29 PRO B O   
192 C CB  . PRO B 6  ? 0.2100 0.2626 0.2423 -0.0257 -0.0066 0.0094  29 PRO B CB  
193 C CG  . PRO B 6  ? 0.2096 0.2771 0.2509 -0.0275 -0.0124 0.0191  29 PRO B CG  
194 C CD  . PRO B 6  ? 0.2137 0.2693 0.2432 -0.0254 -0.0131 0.0110  29 PRO B CD  
195 N N   . HYP B 7  ? 0.1641 0.2220 0.1932 0.0020  -0.0080 -0.0164 30 HYP B N   
196 C CA  . HYP B 7  ? 0.1539 0.2185 0.1844 0.0149  -0.0172 -0.0161 30 HYP B CA  
197 C C   . HYP B 7  ? 0.1640 0.2149 0.1681 0.0227  -0.0072 -0.0111 30 HYP B C   
198 O O   . HYP B 7  ? 0.1907 0.2170 0.1717 0.0114  0.0003  -0.0176 30 HYP B O   
199 C CB  . HYP B 7  ? 0.1545 0.2285 0.1912 0.0157  -0.0079 -0.0086 30 HYP B CB  
200 C CG  . HYP B 7  ? 0.1820 0.2262 0.2076 0.0127  0.0053  -0.0090 30 HYP B CG  
201 C CD  . HYP B 7  ? 0.1757 0.2203 0.2040 0.0066  0.0022  -0.0155 30 HYP B CD  
202 O OD1 . HYP B 7  ? 0.2137 0.2231 0.2246 0.0121  0.0215  0.0000  30 HYP B OD1 
203 N N   . GLY B 8  ? 0.1600 0.1907 0.1547 0.0346  -0.0078 -0.0222 31 GLY B N   
204 C CA  . GLY B 8  ? 0.1603 0.1844 0.1598 0.0307  -0.0061 -0.0099 31 GLY B CA  
205 C C   . GLY B 8  ? 0.1679 0.1922 0.1623 0.0169  -0.0079 -0.0030 31 GLY B C   
206 O O   . GLY B 8  ? 0.1618 0.2157 0.1596 -0.0003 -0.0158 0.0020  31 GLY B O   
207 N N   . PRO B 9  ? 0.1846 0.1870 0.1655 0.0144  0.0010  -0.0020 32 PRO B N   
208 C CA  . PRO B 9  ? 0.1722 0.1857 0.1693 0.0095  -0.0010 0.0002  32 PRO B CA  
209 C C   . PRO B 9  ? 0.1524 0.1734 0.1624 0.0006  -0.0004 -0.0066 32 PRO B C   
210 O O   . PRO B 9  ? 0.1429 0.1729 0.1440 0.0033  -0.0168 -0.0100 32 PRO B O   
211 C CB  . PRO B 9  ? 0.2006 0.1901 0.1792 0.0078  0.0068  0.0061  32 PRO B CB  
212 C CG  . PRO B 9  ? 0.2238 0.1790 0.1870 0.0075  0.0197  0.0000  32 PRO B CG  
213 C CD  . PRO B 9  ? 0.2103 0.1793 0.1747 0.0103  0.0086  0.0006  32 PRO B CD  
214 N N   . HYP B 10 ? 0.1450 0.1685 0.1703 -0.0084 0.0136  -0.0129 33 HYP B N   
215 C CA  . HYP B 10 ? 0.1255 0.1661 0.1677 -0.0003 0.0154  -0.0109 33 HYP B CA  
216 C C   . HYP B 10 ? 0.1157 0.1427 0.1558 0.0084  0.0062  -0.0197 33 HYP B C   
217 O O   . HYP B 10 ? 0.1232 0.1419 0.1531 0.0093  0.0018  -0.0116 33 HYP B O   
218 C CB  . HYP B 10 ? 0.1510 0.1629 0.1764 -0.0075 0.0291  -0.0138 33 HYP B CB  
219 C CG  . HYP B 10 ? 0.1658 0.1728 0.1871 -0.0121 0.0417  -0.0117 33 HYP B CG  
220 C CD  . HYP B 10 ? 0.1692 0.1756 0.1842 -0.0100 0.0376  -0.0108 33 HYP B CD  
221 O OD1 . HYP B 10 ? 0.1703 0.1682 0.2019 -0.0076 0.0521  -0.0031 33 HYP B OD1 
222 N N   . GLY B 11 ? 0.1046 0.1406 0.1396 0.0063  -0.0012 -0.0286 34 GLY B N   
223 C CA  . GLY B 11 ? 0.0932 0.1278 0.1350 0.0042  -0.0124 -0.0334 34 GLY B CA  
224 C C   . GLY B 11 ? 0.0828 0.1128 0.1308 0.0030  -0.0233 -0.0298 34 GLY B C   
225 O O   . GLY B 11 ? 0.0902 0.1186 0.1409 0.0011  -0.0216 -0.0252 34 GLY B O   
226 N N   . PRO B 12 ? 0.0912 0.1076 0.1248 0.0075  -0.0258 -0.0295 35 PRO B N   
227 C CA  . PRO B 12 ? 0.1081 0.1189 0.1210 0.0133  -0.0172 -0.0261 35 PRO B CA  
228 C C   . PRO B 12 ? 0.1124 0.1122 0.1174 0.0109  -0.0255 -0.0261 35 PRO B C   
229 O O   . PRO B 12 ? 0.1152 0.0909 0.1207 0.0138  -0.0236 -0.0173 35 PRO B O   
230 C CB  . PRO B 12 ? 0.1016 0.1084 0.1251 0.0109  -0.0163 -0.0328 35 PRO B CB  
231 C CG  . PRO B 12 ? 0.1005 0.1048 0.1311 0.0149  -0.0104 -0.0321 35 PRO B CG  
232 C CD  . PRO B 12 ? 0.0904 0.1011 0.1322 0.0188  -0.0156 -0.0272 35 PRO B CD  
233 N N   . GLN B 13 ? 0.1183 0.1159 0.1135 0.0059  -0.0360 -0.0216 36 GLN B N   
234 C CA  . GLN B 13 ? 0.1414 0.1243 0.1264 0.0130  -0.0338 -0.0097 36 GLN B CA  
235 C C   . GLN B 13 ? 0.1384 0.1191 0.1212 0.0167  -0.0287 -0.0160 36 GLN B C   
236 O O   . GLN B 13 ? 0.1333 0.1273 0.1178 0.0286  -0.0272 -0.0187 36 GLN B O   
237 C CB  . GLN B 13 ? 0.1450 0.1015 0.1342 0.0096  -0.0411 -0.0172 36 GLN B CB  
238 C CG  . GLN B 13 ? 0.1592 0.0948 0.1554 0.0003  -0.0336 -0.0223 36 GLN B CG  
239 C CD  . GLN B 13 ? 0.1797 0.1103 0.1797 -0.0109 -0.0307 -0.0127 36 GLN B CD  
240 O OE1 . GLN B 13 ? 0.2002 0.1211 0.1927 -0.0047 -0.0213 -0.0081 36 GLN B OE1 
241 N NE2 . GLN B 13 ? 0.1665 0.1277 0.1817 -0.0243 -0.0426 -0.0071 36 GLN B NE2 
242 N N   . GLY B 14 ? 0.1469 0.1143 0.1114 0.0197  -0.0280 -0.0140 37 GLY B N   
243 C CA  . GLY B 14 ? 0.1568 0.1196 0.1061 0.0140  -0.0216 -0.0242 37 GLY B CA  
244 C C   . GLY B 14 ? 0.1417 0.1300 0.1170 0.0037  -0.0235 -0.0242 37 GLY B C   
245 O O   . GLY B 14 ? 0.1488 0.1549 0.1158 0.0074  -0.0300 -0.0087 37 GLY B O   
246 N N   . PHE B 15 ? 0.1280 0.1323 0.1341 -0.0022 -0.0195 -0.0224 38 PHE B N   
247 C CA  . PHE B 15 ? 0.1237 0.1638 0.1571 0.0005  -0.0158 -0.0090 38 PHE B CA  
248 C C   . PHE B 15 ? 0.1225 0.1372 0.1559 0.0049  -0.0135 -0.0239 38 PHE B C   
249 O O   . PHE B 15 ? 0.0923 0.1424 0.1569 0.0039  -0.0129 -0.0256 38 PHE B O   
250 C CB  . PHE B 15 ? 0.1506 0.2043 0.1855 -0.0100 0.0027  0.0027  38 PHE B CB  
251 C CG  . PHE B 15 ? 0.1727 0.2204 0.2150 -0.0148 0.0187  0.0098  38 PHE B CG  
252 C CD1 . PHE B 15 ? 0.1646 0.2435 0.2335 -0.0115 0.0246  0.0223  38 PHE B CD1 
253 C CD2 . PHE B 15 ? 0.1881 0.2317 0.2217 -0.0281 0.0233  0.0104  38 PHE B CD2 
254 C CE1 . PHE B 15 ? 0.1605 0.2528 0.2331 -0.0146 0.0197  0.0267  38 PHE B CE1 
255 C CE2 . PHE B 15 ? 0.1751 0.2459 0.2240 -0.0262 0.0204  0.0168  38 PHE B CE2 
256 C CZ  . PHE B 15 ? 0.1602 0.2553 0.2287 -0.0173 0.0186  0.0242  38 PHE B CZ  
257 N N   . HYP B 16 ? 0.1283 0.1336 0.1534 0.0105  -0.0167 -0.0263 39 HYP B N   
258 C CA  . HYP B 16 ? 0.1296 0.1334 0.1567 0.0090  -0.0246 -0.0210 39 HYP B CA  
259 C C   . HYP B 16 ? 0.1087 0.1462 0.1498 0.0078  -0.0336 -0.0222 39 HYP B C   
260 O O   . HYP B 16 ? 0.1303 0.1610 0.1613 -0.0017 -0.0244 -0.0191 39 HYP B O   
261 C CB  . HYP B 16 ? 0.1478 0.1350 0.1534 0.0048  -0.0202 -0.0251 39 HYP B CB  
262 C CG  . HYP B 16 ? 0.1790 0.1445 0.1737 0.0060  -0.0048 -0.0149 39 HYP B CG  
263 C CD  . HYP B 16 ? 0.1542 0.1468 0.1672 0.0089  -0.0097 -0.0201 39 HYP B CD  
264 O OD1 . HYP B 16 ? 0.2059 0.1443 0.1865 0.0058  -0.0014 0.0015  39 HYP B OD1 
265 N N   . GLY B 17 ? 0.1012 0.1484 0.1456 0.0144  -0.0401 -0.0217 40 GLY B N   
266 C CA  . GLY B 17 ? 0.1166 0.1727 0.1362 0.0115  -0.0463 -0.0139 40 GLY B CA  
267 C C   . GLY B 17 ? 0.1435 0.1820 0.1485 -0.0060 -0.0297 -0.0195 40 GLY B C   
268 O O   . GLY B 17 ? 0.1630 0.2037 0.1484 -0.0219 -0.0204 -0.0259 40 GLY B O   
269 N N   . PRO B 18 ? 0.1621 0.1838 0.1545 -0.0054 -0.0236 -0.0112 41 PRO B N   
270 C CA  . PRO B 18 ? 0.1738 0.1954 0.1645 -0.0077 -0.0179 -0.0048 41 PRO B CA  
271 C C   . PRO B 18 ? 0.1691 0.2060 0.1659 -0.0127 -0.0164 -0.0063 41 PRO B C   
272 O O   . PRO B 18 ? 0.1611 0.1941 0.1666 -0.0220 -0.0153 -0.0106 41 PRO B O   
273 C CB  . PRO B 18 ? 0.1987 0.1935 0.1716 0.0002  -0.0046 -0.0002 41 PRO B CB  
274 C CG  . PRO B 18 ? 0.2196 0.2126 0.1800 -0.0008 0.0015  0.0098  41 PRO B CG  
275 C CD  . PRO B 18 ? 0.1985 0.1925 0.1669 0.0006  -0.0099 0.0011  41 PRO B CD  
276 N N   . HYP B 19 ? 0.1931 0.2162 0.1789 -0.0142 0.0009  -0.0116 42 HYP B N   
277 C CA  . HYP B 19 ? 0.1923 0.2248 0.1775 -0.0146 -0.0036 -0.0106 42 HYP B CA  
278 C C   . HYP B 19 ? 0.2066 0.2202 0.1825 -0.0218 -0.0091 -0.0043 42 HYP B C   
279 O O   . HYP B 19 ? 0.2053 0.2295 0.1814 -0.0246 -0.0126 0.0034  42 HYP B O   
280 C CB  . HYP B 19 ? 0.1974 0.2348 0.1779 -0.0053 0.0055  -0.0108 42 HYP B CB  
281 C CG  . HYP B 19 ? 0.2047 0.2392 0.1885 -0.0008 0.0189  -0.0131 42 HYP B CG  
282 C CD  . HYP B 19 ? 0.2035 0.2379 0.1909 -0.0066 0.0172  -0.0111 42 HYP B CD  
283 O OD1 . HYP B 19 ? 0.2135 0.2532 0.1986 0.0085  0.0332  -0.0124 42 HYP B OD1 
284 N N   . GLY B 20 ? 0.2171 0.2066 0.1876 -0.0285 -0.0157 -0.0026 43 GLY B N   
285 C CA  . GLY B 20 ? 0.2266 0.1979 0.1961 -0.0306 -0.0180 -0.0028 43 GLY B CA  
286 C C   . GLY B 20 ? 0.2354 0.2001 0.2060 -0.0339 -0.0210 0.0030  43 GLY B C   
287 O O   . GLY B 20 ? 0.2208 0.2157 0.1998 -0.0467 -0.0344 0.0076  43 GLY B O   
288 N N   . PRO B 21 ? 0.2462 0.2045 0.2129 -0.0309 -0.0212 0.0043  44 PRO B N   
289 C CA  . PRO B 21 ? 0.2623 0.2099 0.2218 -0.0282 -0.0173 0.0073  44 PRO B CA  
290 C C   . PRO B 21 ? 0.2833 0.2226 0.2316 -0.0284 -0.0105 0.0118  44 PRO B C   
291 O O   . PRO B 21 ? 0.2827 0.2086 0.2273 -0.0211 -0.0132 0.0158  44 PRO B O   
292 C CB  . PRO B 21 ? 0.2622 0.2121 0.2246 -0.0224 -0.0108 0.0075  44 PRO B CB  
293 C CG  . PRO B 21 ? 0.2667 0.2109 0.2243 -0.0192 -0.0071 0.0056  44 PRO B CG  
294 C CD  . PRO B 21 ? 0.2615 0.2057 0.2213 -0.0192 -0.0120 0.0074  44 PRO B CD  
295 N N   . HYP B 22 ? 0.2964 0.2393 0.2457 -0.0310 0.0031  0.0088  45 HYP B N   
296 C CA  . HYP B 22 ? 0.2874 0.2476 0.2481 -0.0215 -0.0008 0.0085  45 HYP B CA  
297 C C   . HYP B 22 ? 0.2708 0.2512 0.2391 -0.0090 -0.0178 0.0085  45 HYP B C   
298 O O   . HYP B 22 ? 0.2810 0.2513 0.2380 -0.0014 -0.0175 0.0151  45 HYP B O   
299 C CB  . HYP B 22 ? 0.2898 0.2607 0.2611 -0.0285 0.0102  0.0153  45 HYP B CB  
300 C CG  . HYP B 22 ? 0.2881 0.2735 0.2738 -0.0365 0.0131  0.0227  45 HYP B CG  
301 C CD  . HYP B 22 ? 0.2990 0.2506 0.2654 -0.0357 0.0136  0.0136  45 HYP B CD  
302 O OD1 . HYP B 22 ? 0.2711 0.3068 0.2883 -0.0478 0.0108  0.0361  45 HYP B OD1 
303 N N   . GLY B 23 ? 0.2442 0.2527 0.2356 -0.0162 -0.0355 0.0014  46 GLY B N   
304 C CA  . GLY B 23 ? 0.2273 0.2649 0.2435 -0.0149 -0.0500 0.0021  46 GLY B CA  
305 C C   . GLY B 23 ? 0.2340 0.2777 0.2547 -0.0147 -0.0448 0.0078  46 GLY B C   
306 O O   . GLY B 23 ? 0.2384 0.2924 0.2549 -0.0149 -0.0533 0.0094  46 GLY B O   
307 N N   . PRO B 24 ? 0.2461 0.2787 0.2790 -0.0113 -0.0399 0.0056  47 PRO B N   
308 C CA  . PRO B 24 ? 0.2634 0.2841 0.2966 -0.0106 -0.0291 0.0123  47 PRO B CA  
309 C C   . PRO B 24 ? 0.2766 0.2720 0.2989 -0.0111 -0.0242 0.0104  47 PRO B C   
310 O O   . PRO B 24 ? 0.2621 0.2479 0.2958 -0.0039 -0.0247 0.0087  47 PRO B O   
311 C CB  . PRO B 24 ? 0.2744 0.2852 0.3036 -0.0132 -0.0211 0.0116  47 PRO B CB  
312 C CG  . PRO B 24 ? 0.2678 0.2738 0.2991 -0.0116 -0.0253 0.0049  47 PRO B CG  
313 C CD  . PRO B 24 ? 0.2571 0.2636 0.2844 -0.0145 -0.0328 0.0028  47 PRO B CD  
314 N N   . HYP B 25 ? 0.3118 0.3015 0.3196 -0.0111 -0.0244 0.0118  50 HYP B N   
315 C CA  . HYP B 25 ? 0.3431 0.3339 0.3286 -0.0137 -0.0137 0.0243  50 HYP B CA  
316 C C   . HYP B 25 ? 0.3976 0.3880 0.3446 -0.0225 0.0100  0.0410  50 HYP B C   
317 O O   . HYP B 25 ? 0.4251 0.3942 0.3630 -0.0239 0.0190  0.0400  50 HYP B O   
318 C CB  . HYP B 25 ? 0.3389 0.3166 0.3233 -0.0102 -0.0156 0.0227  50 HYP B CB  
319 C CG  . HYP B 25 ? 0.3359 0.2937 0.3116 -0.0110 -0.0097 0.0198  50 HYP B CG  
320 C CD  . HYP B 25 ? 0.3201 0.2994 0.3062 -0.0148 -0.0157 0.0174  50 HYP B CD  
321 O OD1 . HYP B 25 ? 0.3479 0.2595 0.3136 -0.0067 -0.0077 0.0151  50 HYP B OD1 
322 N N   . NH2 B 26 ? 0.4447 0.4524 0.3783 -0.0270 0.0176  0.0531  51 NH2 B N   
323 C C   . ACE C 1  ? 0.3699 0.3922 0.3314 0.0218  0.0392  0.0359  24 ACE C C   
324 O O   . ACE C 1  ? 0.4011 0.4114 0.3442 0.0247  0.0478  0.0382  24 ACE C O   
325 C CH3 . ACE C 1  ? 0.3765 0.4031 0.3432 0.0283  0.0392  0.0392  24 ACE C CH3 
326 N N   . GLY C 2  ? 0.3269 0.3588 0.3207 0.0158  0.0216  0.0298  25 GLY C N   
327 C CA  . GLY C 2  ? 0.2899 0.3211 0.3034 0.0072  0.0117  0.0156  25 GLY C CA  
328 C C   . GLY C 2  ? 0.2599 0.3075 0.2961 -0.0052 -0.0103 0.0044  25 GLY C C   
329 O O   . GLY C 2  ? 0.2626 0.3269 0.2923 -0.0156 -0.0148 0.0123  25 GLY C O   
330 N N   . PRO C 3  ? 0.2440 0.2711 0.2762 -0.0190 -0.0031 -0.0071 26 PRO C N   
331 C CA  . PRO C 3  ? 0.2291 0.2567 0.2793 -0.0168 -0.0158 -0.0168 26 PRO C CA  
332 C C   . PRO C 3  ? 0.2055 0.2551 0.2601 -0.0206 -0.0216 -0.0084 26 PRO C C   
333 O O   . PRO C 3  ? 0.1925 0.2757 0.2516 -0.0144 -0.0369 0.0005  26 PRO C O   
334 C CB  . PRO C 3  ? 0.2246 0.2493 0.2790 -0.0122 -0.0044 -0.0127 26 PRO C CB  
335 C CG  . PRO C 3  ? 0.2315 0.2408 0.2860 -0.0134 -0.0005 -0.0210 26 PRO C CG  
336 C CD  . PRO C 3  ? 0.2447 0.2413 0.2826 -0.0175 -0.0012 -0.0264 26 PRO C CD  
337 N N   . HYP C 4  ? 0.2044 0.2248 0.2535 -0.0243 -0.0148 -0.0089 27 HYP C N   
338 C CA  . HYP C 4  ? 0.1967 0.2040 0.2535 -0.0247 -0.0236 -0.0165 27 HYP C CA  
339 C C   . HYP C 4  ? 0.1908 0.1916 0.2304 -0.0177 -0.0110 -0.0080 27 HYP C C   
340 O O   . HYP C 4  ? 0.1950 0.1887 0.2402 -0.0163 -0.0107 -0.0137 27 HYP C O   
341 C CB  . HYP C 4  ? 0.2022 0.1998 0.2501 -0.0261 -0.0166 -0.0139 27 HYP C CB  
342 C CG  . HYP C 4  ? 0.2134 0.2021 0.2631 -0.0151 -0.0118 -0.0085 27 HYP C CG  
343 C CD  . HYP C 4  ? 0.2188 0.2159 0.2626 -0.0161 -0.0118 -0.0082 27 HYP C CD  
344 O OD1 . HYP C 4  ? 0.2200 0.2097 0.2715 -0.0072 -0.0100 0.0028  27 HYP C OD1 
345 N N   . GLY C 5  ? 0.1799 0.1907 0.2200 -0.0155 -0.0135 -0.0145 28 GLY C N   
346 C CA  . GLY C 5  ? 0.1730 0.1926 0.2010 -0.0155 -0.0134 -0.0149 28 GLY C CA  
347 C C   . GLY C 5  ? 0.1846 0.1777 0.1874 -0.0132 -0.0051 -0.0290 28 GLY C C   
348 O O   . GLY C 5  ? 0.1985 0.1824 0.1914 -0.0210 0.0066  -0.0337 28 GLY C O   
349 N N   . PRO C 6  ? 0.1869 0.1669 0.1767 -0.0005 -0.0043 -0.0291 29 PRO C N   
350 C CA  . PRO C 6  ? 0.1851 0.1578 0.1690 -0.0009 -0.0035 -0.0278 29 PRO C CA  
351 C C   . PRO C 6  ? 0.1871 0.1621 0.1668 -0.0037 -0.0095 -0.0261 29 PRO C C   
352 O O   . PRO C 6  ? 0.1873 0.1552 0.1665 -0.0169 -0.0062 -0.0379 29 PRO C O   
353 C CB  . PRO C 6  ? 0.2001 0.1633 0.1752 -0.0001 0.0004  -0.0306 29 PRO C CB  
354 C CG  . PRO C 6  ? 0.2002 0.1755 0.1774 -0.0035 -0.0014 -0.0236 29 PRO C CG  
355 C CD  . PRO C 6  ? 0.1886 0.1725 0.1796 -0.0005 -0.0015 -0.0241 29 PRO C CD  
356 N N   . HYP C 7  ? 0.1780 0.1580 0.1558 -0.0018 -0.0163 -0.0156 30 HYP C N   
357 C CA  . HYP C 7  ? 0.1702 0.1583 0.1491 -0.0009 -0.0266 -0.0170 30 HYP C CA  
358 C C   . HYP C 7  ? 0.1664 0.1448 0.1380 0.0056  -0.0196 -0.0215 30 HYP C C   
359 O O   . HYP C 7  ? 0.1789 0.1510 0.1456 0.0023  -0.0150 -0.0213 30 HYP C O   
360 C CB  . HYP C 7  ? 0.1713 0.1701 0.1539 -0.0036 -0.0274 -0.0029 30 HYP C CB  
361 C CG  . HYP C 7  ? 0.1771 0.1709 0.1700 -0.0025 -0.0184 -0.0003 30 HYP C CG  
362 C CD  . HYP C 7  ? 0.1762 0.1619 0.1683 -0.0003 -0.0179 -0.0051 30 HYP C CD  
363 O OD1 . HYP C 7  ? 0.1858 0.1866 0.1851 0.0041  -0.0130 0.0100  30 HYP C OD1 
364 N N   . GLY C 8  ? 0.1562 0.1492 0.1324 0.0099  -0.0217 -0.0268 31 GLY C N   
365 C CA  . GLY C 8  ? 0.1313 0.1502 0.1276 0.0175  -0.0154 -0.0270 31 GLY C CA  
366 C C   . GLY C 8  ? 0.1363 0.1562 0.1281 0.0304  -0.0009 -0.0269 31 GLY C C   
367 O O   . GLY C 8  ? 0.1304 0.1502 0.1267 0.0329  0.0040  -0.0216 31 GLY C O   
368 N N   . PRO C 9  ? 0.1221 0.1828 0.1234 0.0232  -0.0029 -0.0182 32 PRO C N   
369 C CA  . PRO C 9  ? 0.1190 0.1609 0.1257 0.0203  -0.0089 -0.0223 32 PRO C CA  
370 C C   . PRO C 9  ? 0.0964 0.1376 0.1314 0.0298  -0.0158 -0.0052 32 PRO C C   
371 O O   . PRO C 9  ? 0.0954 0.1319 0.1338 0.0216  -0.0135 -0.0091 32 PRO C O   
372 C CB  . PRO C 9  ? 0.1177 0.1902 0.1232 0.0114  -0.0081 -0.0198 32 PRO C CB  
373 C CG  . PRO C 9  ? 0.1413 0.1997 0.1318 0.0085  0.0019  -0.0202 32 PRO C CG  
374 C CD  . PRO C 9  ? 0.1341 0.1897 0.1327 0.0144  -0.0009 -0.0151 32 PRO C CD  
375 N N   . HYP C 10 ? 0.1042 0.1085 0.1337 0.0343  -0.0149 -0.0082 33 HYP C N   
376 C CA  . HYP C 10 ? 0.1141 0.1133 0.1390 0.0321  -0.0104 -0.0072 33 HYP C CA  
377 C C   . HYP C 10 ? 0.0936 0.1185 0.1397 0.0295  -0.0131 -0.0118 33 HYP C C   
378 O O   . HYP C 10 ? 0.1183 0.1180 0.1386 0.0198  -0.0037 -0.0151 33 HYP C O   
379 C CB  . HYP C 10 ? 0.1119 0.1126 0.1379 0.0363  -0.0152 -0.0043 33 HYP C CB  
380 C CG  . HYP C 10 ? 0.1092 0.1134 0.1445 0.0236  -0.0167 -0.0012 33 HYP C CG  
381 C CD  . HYP C 10 ? 0.0922 0.1147 0.1467 0.0345  -0.0167 0.0042  33 HYP C CD  
382 O OD1 . HYP C 10 ? 0.1101 0.1143 0.1547 0.0005  -0.0190 0.0012  33 HYP C OD1 
383 N N   . GLY C 11 ? 0.0815 0.1239 0.1406 0.0186  -0.0180 -0.0208 34 GLY C N   
384 C CA  . GLY C 11 ? 0.1057 0.1271 0.1365 0.0191  -0.0125 -0.0226 34 GLY C CA  
385 C C   . GLY C 11 ? 0.1074 0.1275 0.1421 0.0229  -0.0171 -0.0129 34 GLY C C   
386 O O   . GLY C 11 ? 0.1110 0.1315 0.1414 0.0205  -0.0140 -0.0149 34 GLY C O   
387 N N   . PRO C 12 ? 0.1253 0.1231 0.1524 0.0045  -0.0181 -0.0137 35 PRO C N   
388 C CA  . PRO C 12 ? 0.1396 0.1229 0.1424 0.0009  -0.0185 -0.0139 35 PRO C CA  
389 C C   . PRO C 12 ? 0.1389 0.1376 0.1365 -0.0068 -0.0314 -0.0121 35 PRO C C   
390 O O   . PRO C 12 ? 0.1574 0.1401 0.1323 -0.0150 -0.0294 -0.0089 35 PRO C O   
391 C CB  . PRO C 12 ? 0.1639 0.1266 0.1572 -0.0059 -0.0139 -0.0073 35 PRO C CB  
392 C CG  . PRO C 12 ? 0.1607 0.1228 0.1664 0.0020  -0.0101 -0.0037 35 PRO C CG  
393 C CD  . PRO C 12 ? 0.1389 0.1091 0.1604 0.0089  -0.0115 -0.0058 35 PRO C CD  
394 N N   . GLN C 13 ? 0.1257 0.1469 0.1352 -0.0025 -0.0342 -0.0077 36 GLN C N   
395 C CA  . GLN C 13 ? 0.1241 0.1522 0.1358 -0.0001 -0.0309 -0.0095 36 GLN C CA  
396 C C   . GLN C 13 ? 0.1309 0.1423 0.1283 0.0018  -0.0290 -0.0115 36 GLN C C   
397 O O   . GLN C 13 ? 0.1567 0.1331 0.1265 0.0060  -0.0260 -0.0146 36 GLN C O   
398 C CB  . GLN C 13 ? 0.1187 0.1921 0.1473 0.0111  -0.0252 0.0094  36 GLN C CB  
399 C CG  . GLN C 13 ? 0.1096 0.2290 0.1610 0.0272  -0.0250 0.0371  36 GLN C CG  
400 C CD  . GLN C 13 ? 0.1314 0.2789 0.2002 0.0393  0.0039  0.0650  36 GLN C CD  
401 O OE1 . GLN C 13 ? 0.1405 0.3115 0.2298 0.0381  0.0159  0.0792  36 GLN C OE1 
402 N NE2 . GLN C 13 ? 0.1575 0.2823 0.1969 0.0432  0.0135  0.0612  36 GLN C NE2 
403 N N   . GLY C 14 ? 0.1301 0.1263 0.1420 -0.0022 -0.0217 -0.0212 37 GLY C N   
404 C CA  . GLY C 14 ? 0.1460 0.1100 0.1237 -0.0052 -0.0277 -0.0311 37 GLY C CA  
405 C C   . GLY C 14 ? 0.1444 0.1240 0.1309 -0.0011 -0.0283 -0.0224 37 GLY C C   
406 O O   . GLY C 14 ? 0.1265 0.1508 0.1353 0.0011  -0.0352 -0.0130 37 GLY C O   
407 N N   . PHE C 15 ? 0.1575 0.0959 0.1370 -0.0075 -0.0246 -0.0281 38 PHE C N   
408 C CA  . PHE C 15 ? 0.1421 0.1067 0.1365 -0.0027 -0.0320 -0.0231 38 PHE C CA  
409 C C   . PHE C 15 ? 0.1410 0.1249 0.1461 -0.0045 -0.0246 -0.0204 38 PHE C C   
410 O O   . PHE C 15 ? 0.1446 0.1316 0.1467 -0.0117 -0.0232 -0.0208 38 PHE C O   
411 C CB  . PHE C 15 ? 0.1749 0.1208 0.1369 0.0027  -0.0300 -0.0192 38 PHE C CB  
412 C CG  . PHE C 15 ? 0.1840 0.1216 0.1392 -0.0035 -0.0345 -0.0156 38 PHE C CG  
413 C CD1 . PHE C 15 ? 0.2111 0.1177 0.1457 -0.0153 -0.0282 -0.0178 38 PHE C CD1 
414 C CD2 . PHE C 15 ? 0.1741 0.1288 0.1443 -0.0044 -0.0390 -0.0078 38 PHE C CD2 
415 C CE1 . PHE C 15 ? 0.2084 0.1267 0.1563 -0.0146 -0.0255 -0.0097 38 PHE C CE1 
416 C CE2 . PHE C 15 ? 0.1927 0.1289 0.1535 -0.0080 -0.0334 -0.0025 38 PHE C CE2 
417 C CZ  . PHE C 15 ? 0.2015 0.1262 0.1548 -0.0143 -0.0283 -0.0087 38 PHE C CZ  
418 N N   . HYP C 16 ? 0.1192 0.1417 0.1423 -0.0028 -0.0338 -0.0173 39 HYP C N   
419 C CA  . HYP C 16 ? 0.1437 0.1531 0.1458 0.0016  -0.0187 -0.0222 39 HYP C CA  
420 C C   . HYP C 16 ? 0.1632 0.1462 0.1445 0.0045  -0.0115 -0.0359 39 HYP C C   
421 O O   . HYP C 16 ? 0.1829 0.1622 0.1471 0.0037  -0.0054 -0.0332 39 HYP C O   
422 C CB  . HYP C 16 ? 0.1500 0.1598 0.1541 0.0051  -0.0135 -0.0134 39 HYP C CB  
423 C CG  . HYP C 16 ? 0.1475 0.1535 0.1584 0.0114  -0.0089 -0.0071 39 HYP C CG  
424 C CD  . HYP C 16 ? 0.1362 0.1446 0.1530 0.0008  -0.0173 -0.0146 39 HYP C CD  
425 O OD1 . HYP C 16 ? 0.1760 0.1682 0.1717 0.0031  0.0021  0.0000  39 HYP C OD1 
426 N N   . GLY C 17 ? 0.1685 0.1332 0.1569 0.0077  -0.0047 -0.0368 40 GLY C N   
427 C CA  . GLY C 17 ? 0.1796 0.1534 0.1699 0.0073  0.0010  -0.0310 40 GLY C CA  
428 C C   . GLY C 17 ? 0.1840 0.1764 0.1852 0.0063  0.0070  -0.0250 40 GLY C C   
429 O O   . GLY C 17 ? 0.1696 0.1669 0.1897 0.0101  0.0064  -0.0264 40 GLY C O   
430 N N   . PRO C 18 ? 0.2091 0.1949 0.1947 0.0015  0.0168  -0.0325 41 PRO C N   
431 C CA  . PRO C 18 ? 0.2155 0.2109 0.1939 0.0016  0.0154  -0.0298 41 PRO C CA  
432 C C   . PRO C 18 ? 0.2223 0.1899 0.1943 -0.0059 0.0131  -0.0354 41 PRO C C   
433 O O   . PRO C 18 ? 0.2226 0.1924 0.1973 -0.0047 0.0148  -0.0342 41 PRO C O   
434 C CB  . PRO C 18 ? 0.2171 0.2323 0.2003 0.0035  0.0190  -0.0243 41 PRO C CB  
435 C CG  . PRO C 18 ? 0.2256 0.2296 0.2046 -0.0010 0.0270  -0.0286 41 PRO C CG  
436 C CD  . PRO C 18 ? 0.2224 0.2136 0.1990 0.0004  0.0255  -0.0312 41 PRO C CD  
437 N N   . HYP C 19 ? 0.2362 0.1941 0.1977 -0.0062 0.0069  -0.0292 42 HYP C N   
438 C CA  . HYP C 19 ? 0.2485 0.1989 0.1902 0.0019  0.0054  -0.0230 42 HYP C CA  
439 C C   . HYP C 19 ? 0.2433 0.2369 0.1709 0.0105  -0.0083 -0.0257 42 HYP C C   
440 O O   . HYP C 19 ? 0.2449 0.2771 0.1653 0.0027  -0.0109 -0.0223 42 HYP C O   
441 C CB  . HYP C 19 ? 0.2815 0.2026 0.2166 -0.0081 0.0205  -0.0142 42 HYP C CB  
442 C CG  . HYP C 19 ? 0.2866 0.2098 0.2329 -0.0100 0.0289  -0.0019 42 HYP C CG  
443 C CD  . HYP C 19 ? 0.2609 0.1961 0.2128 -0.0117 0.0158  -0.0151 42 HYP C CD  
444 O OD1 . HYP C 19 ? 0.3058 0.2317 0.2680 -0.0099 0.0427  0.0243  42 HYP C OD1 
445 N N   . GLY C 20 ? 0.2515 0.2360 0.1679 0.0166  -0.0072 -0.0271 43 GLY C N   
446 C CA  . GLY C 20 ? 0.2380 0.2565 0.1700 0.0150  -0.0139 -0.0233 43 GLY C CA  
447 C C   . GLY C 20 ? 0.2252 0.2619 0.1790 0.0146  -0.0177 -0.0270 43 GLY C C   
448 O O   . GLY C 20 ? 0.2248 0.2510 0.1694 0.0213  -0.0127 -0.0415 43 GLY C O   
449 N N   . PRO C 21 ? 0.2371 0.2791 0.1969 0.0034  -0.0117 -0.0167 44 PRO C N   
450 C CA  . PRO C 21 ? 0.2446 0.2915 0.2173 -0.0009 -0.0097 -0.0107 44 PRO C CA  
451 C C   . PRO C 21 ? 0.2445 0.2724 0.2233 -0.0056 -0.0098 -0.0106 44 PRO C C   
452 O O   . PRO C 21 ? 0.2475 0.2729 0.2206 -0.0133 -0.0114 -0.0150 44 PRO C O   
453 C CB  . PRO C 21 ? 0.2710 0.3001 0.2256 -0.0093 0.0074  -0.0075 44 PRO C CB  
454 C CG  . PRO C 21 ? 0.2825 0.3001 0.2260 -0.0096 0.0120  -0.0124 44 PRO C CG  
455 C CD  . PRO C 21 ? 0.2682 0.2862 0.2088 -0.0078 0.0001  -0.0196 44 PRO C CD  
456 N N   . HYP C 22 ? 0.2365 0.2668 0.2282 0.0006  -0.0117 -0.0102 45 HYP C N   
457 C CA  . HYP C 22 ? 0.2473 0.2697 0.2462 -0.0040 -0.0091 -0.0099 45 HYP C CA  
458 C C   . HYP C 22 ? 0.2527 0.2813 0.2492 -0.0201 -0.0128 -0.0080 45 HYP C C   
459 O O   . HYP C 22 ? 0.2556 0.2945 0.2481 -0.0334 -0.0154 -0.0127 45 HYP C O   
460 C CB  . HYP C 22 ? 0.2549 0.2729 0.2465 0.0019  0.0017  -0.0077 45 HYP C CB  
461 C CG  . HYP C 22 ? 0.2656 0.2745 0.2518 0.0027  0.0080  -0.0090 45 HYP C CG  
462 C CD  . HYP C 22 ? 0.2511 0.2750 0.2424 0.0031  -0.0007 -0.0076 45 HYP C CD  
463 O OD1 . HYP C 22 ? 0.2861 0.2782 0.2614 0.0076  0.0261  -0.0122 45 HYP C OD1 
464 N N   . GLY C 23 ? 0.2504 0.2816 0.2608 -0.0170 -0.0165 -0.0062 46 GLY C N   
465 C CA  . GLY C 23 ? 0.2454 0.2918 0.2713 -0.0184 -0.0174 0.0012  46 GLY C CA  
466 C C   . GLY C 23 ? 0.2462 0.3163 0.2880 -0.0206 -0.0278 0.0068  46 GLY C C   
467 O O   . GLY C 23 ? 0.2252 0.3335 0.2817 -0.0372 -0.0350 0.0159  46 GLY C O   
468 N N   . PRO C 24 ? 0.2859 0.3270 0.2880 -0.0138 -0.0109 0.0154  47 PRO C N   
469 C CA  . PRO C 24 ? 0.3256 0.3348 0.3071 -0.0097 -0.0041 0.0093  47 PRO C CA  
470 C C   . PRO C 24 ? 0.3482 0.3466 0.3124 -0.0135 0.0006  0.0104  47 PRO C C   
471 O O   . PRO C 24 ? 0.3654 0.3515 0.3089 -0.0162 0.0065  0.0081  47 PRO C O   
472 C CB  . PRO C 24 ? 0.3329 0.3295 0.3054 -0.0066 0.0044  0.0103  47 PRO C CB  
473 C CG  . PRO C 24 ? 0.3242 0.3321 0.3037 -0.0057 -0.0002 0.0152  47 PRO C CG  
474 C CD  . PRO C 24 ? 0.3084 0.3336 0.3011 -0.0067 -0.0092 0.0156  47 PRO C CD  
475 N N   . HYP C 25 ? 0.3547 0.3527 0.3183 -0.0157 0.0021  0.0181  50 HYP C N   
476 C CA  . HYP C 25 ? 0.3612 0.3573 0.3347 -0.0105 -0.0073 0.0187  50 HYP C CA  
477 C C   . HYP C 25 ? 0.3590 0.3620 0.3237 -0.0112 -0.0113 0.0316  50 HYP C C   
478 O O   . HYP C 25 ? 0.3475 0.3800 0.3270 -0.0059 -0.0237 0.0368  50 HYP C O   
479 C CB  . HYP C 25 ? 0.3662 0.3564 0.3301 -0.0141 0.0026  0.0220  50 HYP C CB  
480 C CG  . HYP C 25 ? 0.3674 0.3521 0.3317 -0.0137 0.0015  0.0171  50 HYP C CG  
481 C CD  . HYP C 25 ? 0.3587 0.3551 0.3280 -0.0141 -0.0010 0.0162  50 HYP C CD  
482 O OD1 . HYP C 25 ? 0.3742 0.3527 0.3331 -0.0130 0.0030  0.0194  50 HYP C OD1 
483 N N   . NH2 C 26 ? 0.3794 0.3529 0.3289 -0.0114 -0.0119 0.0255  51 NH2 C N   
# 
